data_3N2L
#
_entry.id   3N2L
#
_cell.length_a   96.587
_cell.length_b   76.712
_cell.length_c   133.944
_cell.angle_alpha   90.00
_cell.angle_beta   92.63
_cell.angle_gamma   90.00
#
_symmetry.space_group_name_H-M   'P 1 21 1'
#
loop_
_entity.id
_entity.type
_entity.pdbx_description
1 polymer 'Orotate phosphoribosyltransferase'
2 non-polymer 'CHLORIDE ION'
3 water water
#
_entity_poly.entity_id   1
_entity_poly.type   'polypeptide(L)'
_entity_poly.pdbx_seq_one_letter_code
;MHHHHHHSSGVDLGTENLYFQSNAMMKAYQREFIEFALEKQVLKFGEFTLKSGRKSPYFFNAGLFNTGRDLARLGRFYAA
ALVDSGIEFDVLFGPAYKGIPIATTTAVALADHHDVDTPYCFNRKEAKNHGEGGNLVGSKLEGRVMLVDDVITAGTAIRE
SMELIQANKADLAGVLVAIDRQEKGKGELSAIQEVERDFGCAVISIVSLTDLITYLEQQGNNTEHLEAVKAYRAQYGI
;
_entity_poly.pdbx_strand_id   A,B,C,D,E,F,G,H
#
loop_
_chem_comp.id
_chem_comp.type
_chem_comp.name
_chem_comp.formula
CL non-polymer 'CHLORIDE ION' 'Cl -1'
#
# COMPACT_ATOMS: atom_id res chain seq x y z
N MET A 26 -1.01 -0.05 -25.29
CA MET A 26 -0.06 -1.12 -24.91
C MET A 26 1.14 -0.48 -24.19
N LYS A 27 1.87 -1.25 -23.40
N LYS A 27 1.89 -1.29 -23.46
CA LYS A 27 3.01 -0.68 -22.68
CA LYS A 27 3.07 -0.82 -22.73
C LYS A 27 4.21 -0.54 -23.63
C LYS A 27 4.22 -0.53 -23.67
N ALA A 28 5.21 0.22 -23.18
CA ALA A 28 6.43 0.50 -23.96
C ALA A 28 7.14 -0.76 -24.50
N TYR A 29 7.39 -1.72 -23.63
CA TYR A 29 8.08 -2.90 -24.09
C TYR A 29 7.34 -3.64 -25.23
N GLN A 30 6.01 -3.58 -25.27
CA GLN A 30 5.23 -4.23 -26.32
C GLN A 30 5.38 -3.50 -27.64
N ARG A 31 5.39 -2.17 -27.58
CA ARG A 31 5.63 -1.37 -28.73
C ARG A 31 7.06 -1.61 -29.21
N GLU A 32 8.02 -1.69 -28.30
CA GLU A 32 9.40 -1.83 -28.73
C GLU A 32 9.65 -3.26 -29.27
N PHE A 33 8.89 -4.21 -28.78
CA PHE A 33 9.01 -5.59 -29.28
C PHE A 33 8.59 -5.66 -30.73
N ILE A 34 7.40 -5.14 -31.00
CA ILE A 34 6.87 -5.14 -32.37
C ILE A 34 7.84 -4.51 -33.38
N GLU A 35 8.31 -3.31 -33.05
CA GLU A 35 9.26 -2.52 -33.86
C GLU A 35 10.54 -3.35 -34.10
N PHE A 36 11.03 -3.96 -33.02
CA PHE A 36 12.21 -4.81 -33.12
C PHE A 36 11.96 -6.04 -34.02
N ALA A 37 10.78 -6.64 -33.90
CA ALA A 37 10.47 -7.80 -34.68
C ALA A 37 10.37 -7.38 -36.15
N LEU A 38 9.82 -6.20 -36.38
CA LEU A 38 9.68 -5.68 -37.73
C LEU A 38 11.06 -5.38 -38.30
N GLU A 39 11.89 -4.73 -37.50
CA GLU A 39 13.23 -4.37 -37.93
C GLU A 39 13.99 -5.63 -38.36
N LYS A 40 13.86 -6.73 -37.59
CA LYS A 40 14.61 -7.94 -37.89
C LYS A 40 13.89 -8.88 -38.87
N GLN A 41 12.79 -8.43 -39.47
CA GLN A 41 12.02 -9.26 -40.41
C GLN A 41 11.35 -10.47 -39.75
N VAL A 42 11.36 -10.52 -38.42
CA VAL A 42 10.72 -11.62 -37.69
C VAL A 42 9.23 -11.50 -37.88
N LEU A 43 8.75 -10.26 -37.91
CA LEU A 43 7.34 -9.99 -38.14
C LEU A 43 7.35 -9.33 -39.47
N LYS A 44 6.39 -9.69 -40.31
CA LYS A 44 6.25 -9.11 -41.61
C LYS A 44 4.73 -9.02 -41.91
N PHE A 45 4.36 -7.98 -42.64
CA PHE A 45 2.97 -7.79 -43.10
C PHE A 45 2.92 -7.96 -44.61
N GLY A 46 1.75 -8.35 -45.10
CA GLY A 46 1.57 -8.58 -46.52
C GLY A 46 0.80 -9.87 -46.68
N GLU A 47 0.85 -10.46 -47.86
CA GLU A 47 0.11 -11.69 -48.08
C GLU A 47 1.01 -12.88 -47.74
N PHE A 48 0.47 -13.85 -46.99
CA PHE A 48 1.23 -15.04 -46.60
C PHE A 48 0.38 -16.31 -46.53
N THR A 49 0.90 -17.37 -47.14
CA THR A 49 0.24 -18.65 -47.09
C THR A 49 0.85 -19.41 -45.92
N LEU A 50 0.01 -19.76 -44.94
CA LEU A 50 0.49 -20.51 -43.77
C LEU A 50 0.56 -22.00 -44.05
N LYS A 51 1.69 -22.61 -43.69
CA LYS A 51 1.82 -24.07 -43.76
C LYS A 51 1.07 -24.57 -42.52
N SER A 52 -0.24 -24.68 -42.71
CA SER A 52 -1.25 -25.08 -41.72
C SER A 52 -2.55 -24.43 -42.19
N GLY A 53 -2.86 -24.69 -43.46
CA GLY A 53 -4.08 -24.21 -44.10
C GLY A 53 -4.19 -22.78 -44.61
N ARG A 54 -4.56 -21.88 -43.69
CA ARG A 54 -4.99 -20.52 -44.02
C ARG A 54 -4.02 -19.53 -44.70
N LYS A 55 -4.61 -18.55 -45.38
CA LYS A 55 -3.85 -17.46 -45.95
C LYS A 55 -3.86 -16.38 -44.86
N SER A 56 -2.69 -15.88 -44.49
CA SER A 56 -2.60 -14.89 -43.41
C SER A 56 -2.10 -13.51 -43.89
N PRO A 57 -2.53 -12.44 -43.22
CA PRO A 57 -2.02 -11.09 -43.54
C PRO A 57 -0.70 -10.75 -42.82
N TYR A 58 -0.21 -11.65 -41.98
CA TYR A 58 1.07 -11.38 -41.34
C TYR A 58 1.85 -12.69 -41.21
N PHE A 59 3.17 -12.55 -41.08
CA PHE A 59 4.06 -13.69 -40.94
C PHE A 59 4.86 -13.40 -39.68
N PHE A 60 5.06 -14.41 -38.85
CA PHE A 60 5.83 -14.23 -37.62
C PHE A 60 6.66 -15.47 -37.43
N ASN A 61 7.97 -15.29 -37.30
CA ASN A 61 8.89 -16.38 -37.13
C ASN A 61 10.05 -15.94 -36.24
N ALA A 62 9.93 -16.21 -34.94
CA ALA A 62 10.93 -15.85 -33.96
C ALA A 62 12.30 -16.48 -34.21
N GLY A 63 12.34 -17.49 -35.06
CA GLY A 63 13.59 -18.16 -35.40
C GLY A 63 14.56 -17.19 -36.06
N LEU A 64 14.04 -16.16 -36.70
CA LEU A 64 14.90 -15.15 -37.30
C LEU A 64 15.63 -14.29 -36.23
N PHE A 65 15.28 -14.39 -34.96
CA PHE A 65 16.09 -13.67 -33.94
C PHE A 65 17.35 -14.51 -33.69
N ASN A 66 18.29 -14.44 -34.61
CA ASN A 66 19.40 -15.38 -34.63
C ASN A 66 20.82 -14.84 -34.46
N THR A 67 20.97 -13.61 -33.95
CA THR A 67 22.27 -13.06 -33.63
C THR A 67 22.34 -12.74 -32.12
N GLY A 68 23.50 -12.36 -31.65
CA GLY A 68 23.70 -12.10 -30.21
C GLY A 68 22.94 -10.90 -29.70
N ARG A 69 22.77 -9.88 -30.53
N ARG A 69 22.80 -9.87 -30.53
CA ARG A 69 22.03 -8.69 -30.11
CA ARG A 69 22.04 -8.72 -30.15
C ARG A 69 20.53 -8.90 -30.21
C ARG A 69 20.58 -9.11 -30.08
N ASP A 70 20.10 -9.73 -31.16
CA ASP A 70 18.68 -10.15 -31.26
C ASP A 70 18.29 -10.94 -29.96
N LEU A 71 19.17 -11.84 -29.51
CA LEU A 71 18.95 -12.62 -28.27
C LEU A 71 18.94 -11.79 -26.96
N ALA A 72 19.88 -10.87 -26.84
CA ALA A 72 19.97 -9.95 -25.71
C ALA A 72 18.65 -9.23 -25.57
N ARG A 73 18.26 -8.58 -26.64
CA ARG A 73 17.00 -7.87 -26.65
C ARG A 73 15.83 -8.77 -26.37
N LEU A 74 15.79 -9.96 -26.97
CA LEU A 74 14.71 -10.89 -26.75
C LEU A 74 14.70 -11.29 -25.28
N GLY A 75 15.83 -11.63 -24.67
CA GLY A 75 15.76 -11.93 -23.20
C GLY A 75 15.09 -10.79 -22.45
N ARG A 76 15.50 -9.57 -22.76
CA ARG A 76 14.93 -8.41 -22.12
C ARG A 76 13.42 -8.23 -22.40
N PHE A 77 12.96 -8.53 -23.59
CA PHE A 77 11.48 -8.38 -23.84
C PHE A 77 10.64 -9.52 -23.11
N TYR A 78 11.17 -10.77 -23.04
CA TYR A 78 10.50 -11.84 -22.30
C TYR A 78 10.47 -11.51 -20.80
N ALA A 79 11.58 -10.98 -20.31
CA ALA A 79 11.71 -10.62 -18.92
C ALA A 79 10.74 -9.51 -18.56
N ALA A 80 10.62 -8.53 -19.42
CA ALA A 80 9.67 -7.44 -19.19
C ALA A 80 8.25 -7.97 -19.13
N ALA A 81 7.94 -8.90 -20.02
CA ALA A 81 6.59 -9.47 -20.12
C ALA A 81 6.34 -10.28 -18.84
N LEU A 82 7.38 -10.93 -18.36
CA LEU A 82 7.25 -11.78 -17.17
C LEU A 82 6.99 -10.99 -15.88
N VAL A 83 7.74 -9.91 -15.71
CA VAL A 83 7.60 -9.07 -14.54
C VAL A 83 6.26 -8.36 -14.62
N ASP A 84 5.82 -7.99 -15.82
CA ASP A 84 4.52 -7.35 -16.00
C ASP A 84 3.36 -8.25 -15.56
N SER A 85 3.49 -9.55 -15.77
CA SER A 85 2.40 -10.45 -15.42
C SER A 85 2.26 -10.59 -13.91
N GLY A 86 3.35 -10.43 -13.17
CA GLY A 86 3.30 -10.60 -11.71
C GLY A 86 3.16 -12.05 -11.26
N ILE A 87 3.30 -13.02 -12.16
CA ILE A 87 3.17 -14.43 -11.74
C ILE A 87 4.45 -14.85 -11.00
N GLU A 88 4.33 -15.38 -9.79
N GLU A 88 4.31 -15.40 -9.83
CA GLU A 88 5.51 -15.82 -9.06
CA GLU A 88 5.47 -15.83 -9.10
C GLU A 88 5.91 -17.20 -9.54
C GLU A 88 5.90 -17.19 -9.68
N PHE A 89 7.21 -17.41 -9.71
CA PHE A 89 7.74 -18.70 -10.14
C PHE A 89 9.05 -18.89 -9.41
N ASP A 90 9.42 -20.14 -9.18
CA ASP A 90 10.65 -20.49 -8.48
C ASP A 90 11.79 -20.95 -9.42
N VAL A 91 11.45 -21.34 -10.64
CA VAL A 91 12.45 -21.79 -11.61
C VAL A 91 11.94 -21.51 -13.00
N LEU A 92 12.85 -21.11 -13.88
CA LEU A 92 12.52 -20.82 -15.28
C LEU A 92 13.03 -22.00 -16.08
N PHE A 93 12.13 -22.63 -16.82
CA PHE A 93 12.46 -23.86 -17.53
C PHE A 93 12.33 -23.64 -19.02
N GLY A 94 13.35 -24.06 -19.75
CA GLY A 94 13.29 -23.95 -21.21
C GLY A 94 13.37 -25.37 -21.77
N PRO A 95 12.33 -25.82 -22.47
CA PRO A 95 12.38 -27.17 -23.05
C PRO A 95 13.33 -27.30 -24.24
N ALA A 96 14.00 -28.46 -24.31
CA ALA A 96 14.94 -28.73 -25.42
C ALA A 96 14.12 -28.80 -26.70
N TYR A 97 14.54 -28.18 -27.79
CA TYR A 97 15.74 -27.39 -27.93
C TYR A 97 15.53 -25.87 -27.95
N LYS A 98 14.44 -25.41 -28.57
CA LYS A 98 14.23 -23.99 -28.75
C LYS A 98 14.05 -23.20 -27.45
N GLY A 99 13.54 -23.86 -26.42
CA GLY A 99 13.34 -23.18 -25.20
C GLY A 99 14.67 -22.90 -24.48
N ILE A 100 15.73 -23.60 -24.83
CA ILE A 100 16.99 -23.46 -24.10
C ILE A 100 17.63 -22.04 -24.24
N PRO A 101 17.86 -21.59 -25.47
CA PRO A 101 18.38 -20.24 -25.59
C PRO A 101 17.40 -19.19 -25.02
N ILE A 102 16.11 -19.37 -25.25
CA ILE A 102 15.14 -18.37 -24.79
C ILE A 102 15.14 -18.33 -23.28
N ALA A 103 15.09 -19.47 -22.60
CA ALA A 103 15.20 -19.42 -21.16
C ALA A 103 16.53 -18.78 -20.73
N THR A 104 17.59 -19.09 -21.46
CA THR A 104 18.90 -18.56 -21.08
C THR A 104 18.97 -17.04 -21.13
N THR A 105 18.55 -16.43 -22.25
CA THR A 105 18.63 -15.02 -22.39
C THR A 105 17.62 -14.30 -21.47
N THR A 106 16.48 -14.92 -21.21
CA THR A 106 15.48 -14.35 -20.26
C THR A 106 16.08 -14.35 -18.86
N ALA A 107 16.60 -15.52 -18.46
CA ALA A 107 17.25 -15.58 -17.14
C ALA A 107 18.31 -14.48 -17.01
N VAL A 108 19.15 -14.31 -18.01
CA VAL A 108 20.13 -13.25 -18.02
C VAL A 108 19.52 -11.85 -17.89
N ALA A 109 18.47 -11.57 -18.68
CA ALA A 109 17.85 -10.30 -18.64
C ALA A 109 17.29 -10.01 -17.25
N LEU A 110 16.83 -11.05 -16.53
CA LEU A 110 16.30 -10.89 -15.15
C LEU A 110 17.38 -10.55 -14.11
N ALA A 111 18.53 -11.25 -14.17
CA ALA A 111 19.67 -10.95 -13.33
C ALA A 111 20.21 -9.53 -13.56
N ASP A 112 20.41 -9.13 -14.81
CA ASP A 112 21.09 -7.89 -15.09
C ASP A 112 20.19 -6.64 -15.16
N HIS A 113 18.94 -6.78 -15.60
CA HIS A 113 18.04 -5.67 -15.73
C HIS A 113 16.87 -5.57 -14.76
N HIS A 114 16.60 -6.63 -14.05
CA HIS A 114 15.54 -6.60 -13.02
C HIS A 114 16.10 -6.95 -11.63
N ASP A 115 17.36 -7.25 -11.52
CA ASP A 115 17.89 -7.61 -10.22
C ASP A 115 17.09 -8.78 -9.63
N VAL A 116 16.73 -9.76 -10.47
CA VAL A 116 16.01 -11.00 -10.08
C VAL A 116 16.93 -12.17 -10.49
N ASP A 117 17.38 -12.93 -9.51
CA ASP A 117 18.29 -14.01 -9.77
C ASP A 117 17.49 -15.30 -9.73
N THR A 118 17.01 -15.75 -10.86
CA THR A 118 16.19 -16.92 -10.83
C THR A 118 16.90 -18.23 -11.13
N PRO A 119 16.55 -19.28 -10.39
CA PRO A 119 17.05 -20.56 -10.80
C PRO A 119 16.53 -20.88 -12.22
N TYR A 120 17.27 -21.68 -12.94
CA TYR A 120 16.88 -22.01 -14.29
C TYR A 120 17.23 -23.45 -14.50
N CYS A 121 16.54 -24.05 -15.46
CA CYS A 121 16.66 -25.46 -15.74
C CYS A 121 16.32 -25.78 -17.21
N PHE A 122 16.95 -26.77 -17.81
CA PHE A 122 16.42 -27.28 -19.08
C PHE A 122 16.71 -28.78 -19.18
N ASN A 123 16.00 -29.45 -20.07
CA ASN A 123 16.15 -30.88 -20.23
C ASN A 123 16.99 -31.33 -21.45
N ARG A 124 17.55 -32.52 -21.35
CA ARG A 124 18.17 -33.21 -22.47
C ARG A 124 17.07 -34.14 -23.01
N LYS A 125 16.95 -34.30 -24.32
CA LYS A 125 16.02 -35.28 -24.87
C LYS A 125 16.62 -36.66 -24.58
N GLU A 126 15.86 -37.57 -23.99
CA GLU A 126 16.42 -38.91 -23.75
C GLU A 126 15.32 -39.95 -23.60
N ASN A 135 19.28 -36.29 -16.78
CA ASN A 135 18.50 -35.67 -17.87
C ASN A 135 18.05 -34.20 -17.66
N LEU A 136 18.58 -33.53 -16.66
CA LEU A 136 18.26 -32.11 -16.38
C LEU A 136 19.55 -31.31 -16.22
N VAL A 137 19.62 -30.14 -16.86
CA VAL A 137 20.79 -29.24 -16.72
C VAL A 137 20.38 -28.02 -15.94
N GLY A 138 21.23 -27.62 -14.97
CA GLY A 138 20.97 -26.44 -14.16
C GLY A 138 20.36 -26.80 -12.81
N SER A 139 19.35 -26.03 -12.40
CA SER A 139 18.67 -26.19 -11.11
C SER A 139 17.69 -27.39 -11.08
N LYS A 140 17.21 -27.75 -9.90
CA LYS A 140 16.21 -28.81 -9.77
C LYS A 140 14.86 -28.29 -10.21
N LEU A 141 14.03 -29.17 -10.77
CA LEU A 141 12.65 -28.81 -11.15
C LEU A 141 11.84 -28.97 -9.90
N GLU A 142 11.74 -27.90 -9.14
CA GLU A 142 10.94 -27.96 -7.95
C GLU A 142 10.16 -26.66 -7.76
N GLY A 143 9.05 -26.75 -7.04
CA GLY A 143 8.20 -25.59 -6.80
C GLY A 143 7.46 -25.17 -8.06
N ARG A 144 7.20 -23.87 -8.16
CA ARG A 144 6.45 -23.29 -9.26
C ARG A 144 7.39 -23.02 -10.45
N VAL A 145 7.07 -23.64 -11.57
CA VAL A 145 7.87 -23.62 -12.76
C VAL A 145 7.24 -22.75 -13.81
N MET A 146 8.04 -21.87 -14.37
CA MET A 146 7.60 -21.03 -15.46
C MET A 146 8.31 -21.59 -16.70
N LEU A 147 7.53 -22.07 -17.66
CA LEU A 147 8.08 -22.59 -18.90
C LEU A 147 8.11 -21.43 -19.92
N VAL A 148 9.23 -21.26 -20.61
CA VAL A 148 9.37 -20.23 -21.63
C VAL A 148 9.70 -20.93 -22.95
N ASP A 149 9.03 -20.48 -24.01
CA ASP A 149 9.26 -21.04 -25.29
C ASP A 149 8.96 -19.99 -26.34
N ASP A 150 9.10 -20.36 -27.60
CA ASP A 150 8.89 -19.40 -28.67
C ASP A 150 7.42 -19.25 -29.00
N VAL A 151 6.75 -20.36 -29.28
CA VAL A 151 5.36 -20.32 -29.71
C VAL A 151 4.62 -21.52 -29.15
N ILE A 152 3.30 -21.45 -29.13
CA ILE A 152 2.54 -22.63 -28.80
C ILE A 152 1.86 -23.01 -30.09
N THR A 153 2.37 -24.07 -30.72
CA THR A 153 1.79 -24.54 -31.98
C THR A 153 0.65 -25.50 -31.68
N ALA A 154 0.97 -26.73 -31.26
CA ALA A 154 -0.05 -27.73 -30.93
C ALA A 154 0.04 -28.19 -29.46
N GLY A 155 0.92 -27.55 -28.69
CA GLY A 155 1.10 -27.87 -27.25
C GLY A 155 2.03 -29.04 -26.94
N THR A 156 2.75 -29.50 -27.97
CA THR A 156 3.63 -30.68 -27.89
C THR A 156 4.80 -30.57 -26.90
N ALA A 157 5.57 -29.50 -27.05
CA ALA A 157 6.71 -29.27 -26.18
C ALA A 157 6.25 -29.13 -24.72
N ILE A 158 5.04 -28.61 -24.53
CA ILE A 158 4.51 -28.42 -23.18
C ILE A 158 4.14 -29.78 -22.61
N ARG A 159 3.65 -30.68 -23.45
CA ARG A 159 3.21 -31.96 -22.93
C ARG A 159 4.39 -32.78 -22.42
N GLU A 160 5.50 -32.81 -23.17
CA GLU A 160 6.67 -33.56 -22.70
C GLU A 160 7.26 -32.95 -21.42
N SER A 161 7.40 -31.62 -21.41
CA SER A 161 7.88 -30.87 -20.24
C SER A 161 7.01 -31.13 -19.01
N MET A 162 5.68 -31.11 -19.22
CA MET A 162 4.73 -31.32 -18.13
C MET A 162 4.95 -32.68 -17.49
N GLU A 163 5.27 -33.67 -18.31
CA GLU A 163 5.54 -34.98 -17.77
C GLU A 163 6.80 -34.95 -16.89
N LEU A 164 7.79 -34.11 -17.23
CA LEU A 164 8.96 -33.93 -16.36
C LEU A 164 8.60 -33.21 -15.05
N ILE A 165 7.76 -32.20 -15.13
CA ILE A 165 7.36 -31.44 -13.94
C ILE A 165 6.58 -32.36 -13.02
N GLN A 166 5.53 -32.92 -13.60
CA GLN A 166 4.70 -33.92 -12.98
C GLN A 166 5.63 -34.91 -12.26
N ALA A 167 6.50 -35.60 -13.01
CA ALA A 167 7.44 -36.58 -12.44
C ALA A 167 8.18 -36.01 -11.25
N ASN A 168 8.65 -34.77 -11.35
CA ASN A 168 9.40 -34.13 -10.27
C ASN A 168 8.50 -33.54 -9.16
N LYS A 169 7.19 -33.76 -9.27
CA LYS A 169 6.12 -33.20 -8.39
C LYS A 169 6.25 -31.70 -8.13
N ALA A 170 6.50 -30.94 -9.19
CA ALA A 170 6.56 -29.47 -9.12
C ALA A 170 5.31 -29.11 -9.88
N ASP A 171 4.89 -27.86 -9.92
CA ASP A 171 3.74 -27.59 -10.76
C ASP A 171 4.02 -26.51 -11.78
N LEU A 172 3.28 -26.57 -12.87
CA LEU A 172 3.41 -25.63 -13.95
C LEU A 172 2.63 -24.37 -13.63
N ALA A 173 3.34 -23.32 -13.23
CA ALA A 173 2.71 -22.03 -12.92
C ALA A 173 2.39 -21.17 -14.14
N GLY A 174 3.06 -21.38 -15.26
CA GLY A 174 2.79 -20.58 -16.43
C GLY A 174 3.67 -20.95 -17.60
N VAL A 175 3.27 -20.55 -18.80
CA VAL A 175 4.04 -20.72 -20.00
C VAL A 175 4.14 -19.29 -20.62
N LEU A 176 5.34 -18.88 -21.06
CA LEU A 176 5.51 -17.56 -21.69
C LEU A 176 6.04 -17.77 -23.09
N VAL A 177 5.30 -17.22 -24.05
CA VAL A 177 5.62 -17.30 -25.46
C VAL A 177 5.77 -15.88 -25.98
N ALA A 178 6.24 -15.74 -27.22
CA ALA A 178 6.51 -14.43 -27.75
C ALA A 178 5.22 -13.77 -28.21
N ILE A 179 4.39 -14.53 -28.92
CA ILE A 179 3.15 -13.96 -29.43
C ILE A 179 1.95 -14.85 -29.22
N ASP A 180 0.84 -14.25 -28.86
CA ASP A 180 -0.40 -14.98 -28.78
C ASP A 180 -1.27 -14.58 -30.00
N ARG A 181 -1.37 -15.49 -30.95
CA ARG A 181 -2.11 -15.21 -32.20
C ARG A 181 -3.61 -15.00 -32.02
N GLN A 182 -4.19 -15.46 -30.91
CA GLN A 182 -5.59 -15.26 -30.57
C GLN A 182 -6.60 -15.79 -31.65
N GLU A 183 -6.31 -16.91 -32.28
CA GLU A 183 -7.22 -17.44 -33.27
C GLU A 183 -7.71 -18.87 -32.97
N LYS A 184 -8.95 -19.16 -33.36
CA LYS A 184 -9.53 -20.48 -33.13
C LYS A 184 -8.63 -21.52 -33.77
N GLY A 185 -8.63 -22.73 -33.23
CA GLY A 185 -7.82 -23.79 -33.80
C GLY A 185 -8.73 -24.78 -34.49
N LYS A 186 -8.35 -26.05 -34.40
CA LYS A 186 -9.18 -27.13 -34.93
C LYS A 186 -10.65 -26.89 -34.55
N GLY A 187 -10.89 -26.67 -33.25
CA GLY A 187 -12.24 -26.42 -32.73
C GLY A 187 -12.51 -24.94 -32.48
N GLU A 188 -13.01 -24.60 -31.30
CA GLU A 188 -13.30 -23.20 -30.99
C GLU A 188 -12.24 -22.52 -30.11
N LEU A 189 -11.58 -23.27 -29.25
CA LEU A 189 -10.56 -22.70 -28.35
C LEU A 189 -9.26 -22.47 -29.13
N SER A 190 -8.50 -21.44 -28.78
CA SER A 190 -7.18 -21.20 -29.40
C SER A 190 -6.17 -22.23 -28.89
N ALA A 191 -5.00 -22.27 -29.52
CA ALA A 191 -3.92 -23.19 -29.10
C ALA A 191 -3.51 -22.89 -27.66
N ILE A 192 -3.50 -21.62 -27.32
CA ILE A 192 -3.16 -21.15 -25.98
C ILE A 192 -4.23 -21.59 -25.00
N GLN A 193 -5.48 -21.39 -25.37
CA GLN A 193 -6.61 -21.81 -24.55
C GLN A 193 -6.60 -23.31 -24.32
N GLU A 194 -6.11 -24.09 -25.28
CA GLU A 194 -6.04 -25.53 -25.07
C GLU A 194 -4.96 -25.90 -24.06
N VAL A 195 -3.86 -25.17 -24.10
CA VAL A 195 -2.74 -25.40 -23.17
C VAL A 195 -3.22 -25.08 -21.76
N GLU A 196 -3.94 -23.97 -21.63
CA GLU A 196 -4.48 -23.54 -20.35
C GLU A 196 -5.47 -24.57 -19.80
N ARG A 197 -6.33 -25.09 -20.65
CA ARG A 197 -7.25 -26.12 -20.20
C ARG A 197 -6.55 -27.44 -19.80
N ASP A 198 -5.60 -27.89 -20.62
CA ASP A 198 -4.98 -29.20 -20.47
C ASP A 198 -3.99 -29.24 -19.31
N PHE A 199 -3.29 -28.15 -19.11
CA PHE A 199 -2.26 -28.12 -18.09
C PHE A 199 -2.57 -27.24 -16.88
N GLY A 200 -3.64 -26.45 -16.94
CA GLY A 200 -4.08 -25.64 -15.79
C GLY A 200 -3.26 -24.40 -15.49
N CYS A 201 -2.37 -24.02 -16.40
CA CYS A 201 -1.51 -22.85 -16.13
C CYS A 201 -1.96 -21.67 -16.94
N ALA A 202 -1.48 -20.49 -16.58
CA ALA A 202 -1.76 -19.30 -17.38
C ALA A 202 -0.73 -19.28 -18.52
N VAL A 203 -1.11 -18.81 -19.70
CA VAL A 203 -0.12 -18.59 -20.75
C VAL A 203 0.18 -17.08 -20.84
N ILE A 204 1.46 -16.72 -20.76
CA ILE A 204 1.87 -15.31 -20.84
C ILE A 204 2.53 -15.08 -22.24
N SER A 205 2.12 -14.00 -22.94
CA SER A 205 2.77 -13.60 -24.20
C SER A 205 3.37 -12.17 -24.15
N ILE A 206 4.43 -11.93 -24.92
CA ILE A 206 4.95 -10.57 -24.97
C ILE A 206 3.86 -9.72 -25.66
N VAL A 207 3.38 -10.24 -26.74
CA VAL A 207 2.41 -9.45 -27.49
C VAL A 207 1.36 -10.33 -28.12
N SER A 208 0.28 -9.72 -28.68
CA SER A 208 -0.82 -10.46 -29.24
C SER A 208 -1.31 -9.82 -30.55
N LEU A 209 -2.09 -10.59 -31.28
CA LEU A 209 -2.69 -10.10 -32.52
C LEU A 209 -3.23 -8.72 -32.24
N THR A 210 -4.01 -8.59 -31.17
CA THR A 210 -4.61 -7.31 -30.80
C THR A 210 -3.62 -6.16 -30.65
N ASP A 211 -2.44 -6.45 -30.09
CA ASP A 211 -1.39 -5.45 -29.99
C ASP A 211 -0.92 -5.09 -31.39
N LEU A 212 -0.89 -6.06 -32.30
CA LEU A 212 -0.44 -5.73 -33.64
C LEU A 212 -1.48 -4.77 -34.32
N ILE A 213 -2.76 -4.88 -33.98
CA ILE A 213 -3.81 -4.00 -34.56
C ILE A 213 -3.70 -2.58 -33.96
N THR A 214 -3.43 -2.51 -32.67
CA THR A 214 -3.32 -1.26 -31.95
C THR A 214 -2.14 -0.55 -32.52
N TYR A 215 -1.04 -1.27 -32.60
CA TYR A 215 0.19 -0.73 -33.13
C TYR A 215 -0.05 -0.13 -34.49
N LEU A 216 -0.66 -0.90 -35.38
CA LEU A 216 -0.98 -0.39 -36.73
C LEU A 216 -1.97 0.78 -36.70
N GLU A 217 -3.02 0.67 -35.89
CA GLU A 217 -4.04 1.74 -35.76
C GLU A 217 -3.47 2.99 -35.12
N GLN A 218 -2.47 2.81 -34.27
CA GLN A 218 -1.82 3.93 -33.62
C GLN A 218 -0.55 4.23 -34.39
N GLN A 219 -0.69 4.84 -35.55
CA GLN A 219 0.41 5.27 -36.37
C GLN A 219 0.02 6.65 -36.88
N GLY A 220 0.95 7.60 -36.84
CA GLY A 220 0.66 8.97 -37.23
C GLY A 220 0.57 9.16 -38.73
N ASN A 221 -0.65 9.12 -39.27
CA ASN A 221 -0.89 9.33 -40.72
C ASN A 221 0.39 9.72 -41.42
N ASN A 222 1.10 8.70 -41.86
CA ASN A 222 2.44 8.87 -42.40
C ASN A 222 2.59 9.75 -43.63
N THR A 223 1.93 9.39 -44.72
CA THR A 223 2.03 10.17 -45.97
C THR A 223 1.58 11.64 -45.78
N GLU A 224 0.63 11.87 -44.88
CA GLU A 224 0.18 13.24 -44.55
C GLU A 224 1.33 14.08 -43.97
N HIS A 225 1.99 13.54 -42.95
CA HIS A 225 3.11 14.22 -42.33
C HIS A 225 4.34 14.23 -43.27
N LEU A 226 4.53 13.15 -44.03
CA LEU A 226 5.68 13.06 -44.94
C LEU A 226 5.69 14.23 -45.93
N GLU A 227 4.53 14.49 -46.53
CA GLU A 227 4.42 15.55 -47.51
C GLU A 227 4.65 16.91 -46.87
N ALA A 228 4.02 17.15 -45.72
CA ALA A 228 4.18 18.43 -45.01
C ALA A 228 5.63 18.64 -44.57
N VAL A 229 6.31 17.56 -44.22
CA VAL A 229 7.70 17.65 -43.82
C VAL A 229 8.54 17.97 -45.07
N LYS A 230 8.21 17.33 -46.20
CA LYS A 230 8.87 17.65 -47.48
C LYS A 230 8.61 19.10 -47.92
N ALA A 231 7.38 19.56 -47.73
CA ALA A 231 6.98 20.92 -48.10
C ALA A 231 7.73 21.91 -47.22
N TYR A 232 7.79 21.61 -45.93
CA TYR A 232 8.51 22.48 -45.01
C TYR A 232 9.99 22.50 -45.37
N ARG A 233 10.51 21.36 -45.79
CA ARG A 233 11.91 21.27 -46.19
C ARG A 233 12.14 22.14 -47.42
N ALA A 234 11.36 21.89 -48.46
CA ALA A 234 11.48 22.65 -49.73
C ALA A 234 11.68 24.16 -49.51
N GLN A 235 10.99 24.72 -48.52
CA GLN A 235 11.08 26.15 -48.25
C GLN A 235 12.18 26.57 -47.28
N TYR A 236 12.72 25.64 -46.49
CA TYR A 236 13.76 26.02 -45.53
C TYR A 236 15.03 25.17 -45.63
N GLY A 237 14.98 24.17 -46.50
CA GLY A 237 16.02 23.15 -46.61
C GLY A 237 17.45 23.47 -47.00
N ILE A 238 18.31 22.49 -46.70
CA ILE A 238 19.73 22.49 -47.03
C ILE A 238 20.45 23.75 -46.58
N MET B 25 51.30 -11.66 -15.06
CA MET B 25 50.14 -12.05 -14.22
C MET B 25 48.89 -12.28 -15.07
N MET B 26 47.95 -13.04 -14.53
CA MET B 26 46.70 -13.30 -15.23
C MET B 26 45.89 -12.01 -15.27
N LYS B 27 45.08 -11.87 -16.31
CA LYS B 27 44.26 -10.67 -16.47
C LYS B 27 43.13 -10.61 -15.40
N ALA B 28 42.55 -9.45 -15.20
CA ALA B 28 41.44 -9.29 -14.24
C ALA B 28 40.34 -10.31 -14.49
N TYR B 29 39.92 -10.44 -15.74
CA TYR B 29 38.84 -11.34 -16.03
C TYR B 29 39.19 -12.77 -15.66
N GLN B 30 40.45 -13.14 -15.75
CA GLN B 30 40.85 -14.51 -15.45
C GLN B 30 40.77 -14.76 -13.96
N ARG B 31 41.16 -13.79 -13.17
CA ARG B 31 41.12 -13.89 -11.73
C ARG B 31 39.66 -13.92 -11.28
N GLU B 32 38.90 -12.98 -11.79
CA GLU B 32 37.46 -12.93 -11.49
C GLU B 32 36.74 -14.22 -11.91
N PHE B 33 37.10 -14.82 -13.04
CA PHE B 33 36.41 -16.05 -13.43
C PHE B 33 36.69 -17.21 -12.44
N ILE B 34 37.94 -17.35 -12.02
CA ILE B 34 38.32 -18.42 -11.09
C ILE B 34 37.59 -18.22 -9.78
N GLU B 35 37.58 -17.00 -9.31
CA GLU B 35 36.87 -16.66 -8.08
C GLU B 35 35.40 -17.06 -8.22
N PHE B 36 34.77 -16.59 -9.30
CA PHE B 36 33.41 -16.94 -9.59
C PHE B 36 33.21 -18.45 -9.64
N ALA B 37 33.95 -19.13 -10.49
CA ALA B 37 33.70 -20.54 -10.67
C ALA B 37 33.96 -21.35 -9.39
N LEU B 38 34.87 -20.91 -8.53
CA LEU B 38 35.13 -21.62 -7.28
C LEU B 38 34.06 -21.46 -6.21
N GLU B 39 33.44 -20.29 -6.18
N GLU B 39 33.45 -20.29 -6.12
CA GLU B 39 32.40 -19.97 -5.21
CA GLU B 39 32.42 -20.06 -5.10
C GLU B 39 31.19 -20.87 -5.41
C GLU B 39 31.17 -20.88 -5.39
N LYS B 40 30.83 -21.03 -6.65
CA LYS B 40 29.70 -21.82 -7.04
C LYS B 40 30.08 -23.32 -6.97
N GLN B 41 31.34 -23.59 -6.69
CA GLN B 41 31.95 -24.93 -6.70
C GLN B 41 31.75 -25.71 -7.98
N VAL B 42 31.58 -24.98 -9.05
CA VAL B 42 31.44 -25.53 -10.35
C VAL B 42 32.83 -25.95 -10.86
N LEU B 43 33.83 -25.18 -10.43
CA LEU B 43 35.23 -25.48 -10.74
C LEU B 43 35.86 -26.05 -9.49
N LYS B 44 36.65 -27.10 -9.64
CA LYS B 44 37.35 -27.73 -8.52
C LYS B 44 38.73 -28.17 -8.95
N PHE B 45 39.68 -28.11 -8.00
CA PHE B 45 41.06 -28.57 -8.20
C PHE B 45 41.31 -29.70 -7.24
N GLY B 46 41.94 -30.75 -7.73
CA GLY B 46 42.27 -31.91 -6.91
C GLY B 46 42.61 -33.07 -7.82
N GLU B 47 42.07 -34.23 -7.50
CA GLU B 47 42.31 -35.42 -8.30
C GLU B 47 40.95 -36.00 -8.66
N PHE B 48 40.67 -36.07 -9.95
CA PHE B 48 39.37 -36.52 -10.40
C PHE B 48 39.55 -37.59 -11.44
N THR B 49 38.50 -38.38 -11.61
CA THR B 49 38.50 -39.44 -12.59
C THR B 49 37.42 -39.12 -13.61
N LEU B 50 37.79 -39.17 -14.88
CA LEU B 50 36.84 -38.99 -15.97
C LEU B 50 36.60 -40.40 -16.54
N LYS B 51 35.58 -40.55 -17.39
CA LYS B 51 35.26 -41.87 -17.90
C LYS B 51 36.02 -42.12 -19.20
N ARG B 54 40.23 -42.42 -16.92
CA ARG B 54 41.30 -41.42 -17.05
C ARG B 54 41.22 -40.34 -15.97
N LYS B 55 42.36 -39.80 -15.58
CA LYS B 55 42.42 -38.82 -14.49
C LYS B 55 42.62 -37.37 -14.94
N SER B 56 42.20 -36.46 -14.08
CA SER B 56 42.31 -35.05 -14.33
C SER B 56 42.56 -34.30 -13.04
N PRO B 57 43.41 -33.28 -13.09
CA PRO B 57 43.69 -32.47 -11.92
C PRO B 57 42.61 -31.41 -11.62
N TYR B 58 41.71 -31.17 -12.57
CA TYR B 58 40.64 -30.21 -12.36
C TYR B 58 39.31 -30.78 -12.83
N PHE B 59 38.24 -30.10 -12.41
CA PHE B 59 36.90 -30.48 -12.76
C PHE B 59 36.10 -29.19 -13.01
N PHE B 60 35.32 -29.21 -14.07
CA PHE B 60 34.47 -28.09 -14.40
C PHE B 60 33.28 -28.64 -15.14
N ASN B 61 32.07 -28.36 -14.66
CA ASN B 61 30.80 -28.77 -15.31
C ASN B 61 29.87 -27.57 -15.22
N ALA B 62 29.77 -26.85 -16.32
CA ALA B 62 28.95 -25.67 -16.43
C ALA B 62 27.48 -26.01 -16.12
N GLY B 63 27.14 -27.30 -16.13
CA GLY B 63 25.78 -27.75 -15.83
C GLY B 63 25.44 -27.54 -14.37
N LEU B 64 26.44 -27.33 -13.56
CA LEU B 64 26.19 -27.06 -12.17
C LEU B 64 25.77 -25.61 -11.94
N PHE B 65 25.98 -24.71 -12.88
CA PHE B 65 25.53 -23.33 -12.64
C PHE B 65 24.02 -23.40 -12.66
N ASN B 66 23.36 -22.77 -11.71
CA ASN B 66 21.92 -22.96 -11.67
C ASN B 66 21.00 -21.74 -11.64
N THR B 67 21.57 -20.54 -11.76
CA THR B 67 20.79 -19.31 -11.69
C THR B 67 21.18 -18.41 -12.84
N GLY B 68 20.25 -17.51 -13.19
CA GLY B 68 20.48 -16.58 -14.21
C GLY B 68 21.63 -15.64 -13.98
N ARG B 69 21.90 -15.28 -12.76
CA ARG B 69 23.04 -14.44 -12.52
C ARG B 69 24.37 -15.19 -12.83
N ASP B 70 24.42 -16.45 -12.47
CA ASP B 70 25.54 -17.31 -12.84
C ASP B 70 25.75 -17.24 -14.34
N LEU B 71 24.68 -17.47 -15.09
CA LEU B 71 24.78 -17.47 -16.55
C LEU B 71 25.21 -16.12 -17.08
N ALA B 72 24.76 -15.05 -16.40
CA ALA B 72 25.08 -13.72 -16.85
C ALA B 72 26.58 -13.53 -16.75
N ARG B 73 27.11 -13.84 -15.55
CA ARG B 73 28.50 -13.69 -15.32
C ARG B 73 29.26 -14.59 -16.28
N LEU B 74 28.72 -15.78 -16.54
CA LEU B 74 29.42 -16.69 -17.43
C LEU B 74 29.63 -16.15 -18.84
N GLY B 75 28.58 -15.65 -19.49
CA GLY B 75 28.78 -15.12 -20.81
C GLY B 75 29.79 -14.03 -20.85
N ARG B 76 29.82 -13.19 -19.82
CA ARG B 76 30.80 -12.10 -19.79
C ARG B 76 32.24 -12.57 -19.74
N PHE B 77 32.52 -13.62 -18.97
CA PHE B 77 33.86 -14.16 -18.95
C PHE B 77 34.25 -14.78 -20.32
N TYR B 78 33.34 -15.54 -20.93
CA TYR B 78 33.62 -16.14 -22.25
C TYR B 78 33.83 -15.02 -23.26
N ALA B 79 33.00 -14.00 -23.20
CA ALA B 79 33.11 -12.89 -24.15
C ALA B 79 34.43 -12.16 -23.99
N ALA B 80 34.84 -11.94 -22.75
CA ALA B 80 36.10 -11.29 -22.53
C ALA B 80 37.25 -12.15 -23.11
N ALA B 81 37.20 -13.44 -22.88
CA ALA B 81 38.23 -14.34 -23.41
C ALA B 81 38.29 -14.31 -24.95
N LEU B 82 37.11 -14.29 -25.56
CA LEU B 82 37.00 -14.31 -26.99
C LEU B 82 37.50 -13.01 -27.58
N VAL B 83 37.12 -11.90 -26.99
CA VAL B 83 37.63 -10.62 -27.47
C VAL B 83 39.15 -10.60 -27.29
N ASP B 84 39.64 -11.00 -26.13
CA ASP B 84 41.07 -10.96 -25.86
C ASP B 84 41.88 -11.85 -26.83
N SER B 85 41.30 -12.96 -27.27
CA SER B 85 42.04 -13.88 -28.13
C SER B 85 42.32 -13.25 -29.49
N GLY B 86 41.44 -12.35 -29.93
CA GLY B 86 41.62 -11.75 -31.23
C GLY B 86 41.35 -12.71 -32.38
N ILE B 87 40.65 -13.82 -32.14
CA ILE B 87 40.34 -14.76 -33.21
C ILE B 87 39.10 -14.25 -33.94
N GLU B 88 39.16 -14.19 -35.27
CA GLU B 88 38.01 -13.73 -36.04
C GLU B 88 37.11 -14.91 -36.36
N PHE B 89 35.80 -14.65 -36.33
CA PHE B 89 34.82 -15.68 -36.60
C PHE B 89 33.54 -15.04 -37.05
N ASP B 90 32.76 -15.76 -37.84
CA ASP B 90 31.52 -15.24 -38.41
C ASP B 90 30.26 -15.75 -37.67
N VAL B 91 30.39 -16.88 -36.98
CA VAL B 91 29.28 -17.49 -36.29
C VAL B 91 29.80 -18.07 -34.97
N LEU B 92 29.03 -17.88 -33.90
CA LEU B 92 29.37 -18.46 -32.59
C LEU B 92 28.52 -19.71 -32.48
N PHE B 93 29.14 -20.85 -32.21
CA PHE B 93 28.41 -22.13 -32.18
C PHE B 93 28.44 -22.81 -30.84
N GLY B 94 27.32 -23.37 -30.41
CA GLY B 94 27.33 -24.08 -29.14
C GLY B 94 26.93 -25.54 -29.29
N PRO B 95 27.83 -26.49 -28.93
CA PRO B 95 27.44 -27.90 -29.03
C PRO B 95 26.38 -28.32 -28.04
N ALA B 96 25.46 -29.17 -28.46
CA ALA B 96 24.44 -29.71 -27.55
C ALA B 96 25.14 -30.58 -26.49
N TYR B 97 24.74 -30.50 -25.21
CA TYR B 97 23.71 -29.58 -24.72
C TYR B 97 24.29 -28.38 -24.01
N LYS B 98 25.40 -28.57 -23.28
CA LYS B 98 25.95 -27.48 -22.47
C LYS B 98 26.48 -26.28 -23.25
N GLY B 99 26.93 -26.53 -24.48
CA GLY B 99 27.38 -25.43 -25.34
C GLY B 99 26.22 -24.48 -25.66
N ILE B 100 24.99 -24.96 -25.57
CA ILE B 100 23.84 -24.11 -26.04
C ILE B 100 23.61 -22.86 -25.11
N PRO B 101 23.39 -23.08 -23.83
CA PRO B 101 23.29 -21.89 -22.99
C PRO B 101 24.61 -21.08 -22.97
N ILE B 102 25.77 -21.73 -23.14
CA ILE B 102 27.06 -21.02 -23.10
C ILE B 102 27.17 -20.08 -24.29
N ALA B 103 26.84 -20.60 -25.46
CA ALA B 103 26.90 -19.82 -26.66
C ALA B 103 25.91 -18.70 -26.58
N THR B 104 24.75 -18.96 -26.02
CA THR B 104 23.68 -17.96 -25.99
C THR B 104 24.03 -16.73 -25.15
N THR B 105 24.50 -16.98 -23.94
CA THR B 105 24.84 -15.92 -23.08
C THR B 105 26.15 -15.22 -23.49
N THR B 106 27.07 -15.97 -24.12
CA THR B 106 28.31 -15.40 -24.59
C THR B 106 27.98 -14.45 -25.72
N ALA B 107 27.03 -14.78 -26.59
CA ALA B 107 26.57 -13.90 -27.69
C ALA B 107 25.85 -12.63 -27.17
N VAL B 108 25.09 -12.81 -26.09
CA VAL B 108 24.40 -11.71 -25.45
C VAL B 108 25.44 -10.70 -24.90
N ALA B 109 26.48 -11.22 -24.22
CA ALA B 109 27.53 -10.38 -23.65
C ALA B 109 28.33 -9.67 -24.75
N LEU B 110 28.67 -10.41 -25.79
CA LEU B 110 29.36 -9.81 -26.94
C LEU B 110 28.56 -8.64 -27.42
N ALA B 111 27.25 -8.81 -27.59
CA ALA B 111 26.44 -7.74 -28.12
C ALA B 111 26.33 -6.61 -27.12
N ASP B 112 26.11 -6.96 -25.85
CA ASP B 112 25.84 -5.92 -24.87
C ASP B 112 27.01 -5.16 -24.38
N HIS B 113 28.12 -5.86 -24.16
CA HIS B 113 29.26 -5.23 -23.57
C HIS B 113 30.42 -4.94 -24.51
N HIS B 114 30.42 -5.55 -25.67
CA HIS B 114 31.52 -5.33 -26.60
C HIS B 114 31.05 -4.81 -27.94
N ASP B 115 29.75 -4.58 -28.09
CA ASP B 115 29.19 -4.11 -29.36
C ASP B 115 29.62 -5.04 -30.50
N VAL B 116 29.54 -6.37 -30.29
CA VAL B 116 29.85 -7.38 -31.34
C VAL B 116 28.56 -8.15 -31.47
N ASP B 117 27.89 -8.03 -32.61
CA ASP B 117 26.59 -8.67 -32.84
C ASP B 117 26.84 -9.93 -33.67
N THR B 118 27.06 -11.07 -33.03
CA THR B 118 27.40 -12.26 -33.77
C THR B 118 26.28 -13.23 -34.04
N PRO B 119 26.23 -13.68 -35.29
CA PRO B 119 25.32 -14.78 -35.60
C PRO B 119 25.65 -15.95 -34.67
N TYR B 120 24.64 -16.69 -34.22
CA TYR B 120 24.90 -17.85 -33.39
C TYR B 120 24.21 -19.05 -33.99
N CYS B 121 24.60 -20.25 -33.56
CA CYS B 121 24.00 -21.49 -34.03
C CYS B 121 24.26 -22.58 -33.01
N PHE B 122 23.43 -23.59 -32.94
CA PHE B 122 23.71 -24.79 -32.13
C PHE B 122 23.14 -26.04 -32.83
N ASN B 123 23.51 -27.23 -32.34
CA ASN B 123 23.01 -28.44 -32.96
C ASN B 123 22.06 -29.15 -32.04
N ARG B 124 21.18 -29.93 -32.64
CA ARG B 124 20.36 -30.90 -31.91
C ARG B 124 21.18 -32.18 -31.90
N LYS B 125 21.36 -32.82 -30.75
CA LYS B 125 22.06 -34.10 -30.76
C LYS B 125 21.28 -35.01 -31.70
N GLU B 126 19.96 -34.88 -31.65
CA GLU B 126 19.09 -35.60 -32.54
C GLU B 126 19.90 -36.34 -33.60
N ASN B 135 21.46 -31.79 -37.31
CA ASN B 135 20.44 -30.77 -37.50
C ASN B 135 20.83 -29.49 -36.75
N LEU B 136 20.42 -28.35 -37.32
CA LEU B 136 20.90 -27.04 -36.89
C LEU B 136 19.81 -26.06 -36.51
N VAL B 137 20.09 -25.25 -35.49
CA VAL B 137 19.20 -24.20 -35.06
C VAL B 137 19.95 -22.84 -34.94
N GLY B 138 19.42 -21.81 -35.59
CA GLY B 138 19.99 -20.46 -35.52
C GLY B 138 20.33 -19.89 -36.89
N SER B 139 21.43 -19.13 -36.96
CA SER B 139 21.87 -18.59 -38.20
C SER B 139 22.49 -19.71 -39.03
N LYS B 140 22.50 -19.45 -40.33
CA LYS B 140 23.09 -20.32 -41.31
C LYS B 140 24.57 -20.47 -40.96
N LEU B 141 25.04 -21.68 -41.09
CA LEU B 141 26.38 -22.00 -40.76
C LEU B 141 27.22 -21.68 -41.97
N GLU B 142 28.00 -20.60 -41.92
CA GLU B 142 28.87 -20.23 -43.03
C GLU B 142 30.07 -19.42 -42.58
N GLY B 143 31.16 -19.51 -43.32
CA GLY B 143 32.38 -18.80 -42.97
C GLY B 143 33.14 -19.49 -41.85
N ARG B 144 33.68 -18.71 -40.92
CA ARG B 144 34.43 -19.28 -39.82
C ARG B 144 33.57 -19.38 -38.56
N VAL B 145 33.61 -20.56 -37.93
CA VAL B 145 32.81 -20.88 -36.80
C VAL B 145 33.64 -21.11 -35.55
N MET B 146 33.35 -20.31 -34.52
CA MET B 146 33.99 -20.44 -33.24
C MET B 146 33.02 -21.19 -32.34
N LEU B 147 33.47 -22.30 -31.77
CA LEU B 147 32.68 -23.06 -30.84
C LEU B 147 33.04 -22.65 -29.40
N VAL B 148 32.03 -22.71 -28.52
CA VAL B 148 32.24 -22.51 -27.09
C VAL B 148 31.63 -23.67 -26.30
N ASP B 149 32.34 -24.10 -25.25
CA ASP B 149 31.83 -25.16 -24.41
C ASP B 149 32.53 -25.09 -23.05
N ASP B 150 32.15 -25.95 -22.11
CA ASP B 150 32.73 -25.90 -20.79
C ASP B 150 34.16 -26.47 -20.65
N VAL B 151 34.34 -27.75 -20.97
CA VAL B 151 35.65 -28.40 -20.93
C VAL B 151 35.85 -29.17 -22.23
N ILE B 152 37.11 -29.38 -22.58
CA ILE B 152 37.44 -30.07 -23.82
C ILE B 152 37.33 -31.58 -23.66
N THR B 153 37.30 -32.10 -22.43
CA THR B 153 37.05 -33.54 -22.26
C THR B 153 35.58 -33.78 -22.63
N ALA B 154 34.95 -32.71 -23.11
CA ALA B 154 33.64 -32.77 -23.75
C ALA B 154 33.94 -33.16 -25.20
N GLY B 155 34.92 -34.07 -25.36
CA GLY B 155 35.38 -34.52 -26.66
C GLY B 155 34.27 -34.86 -27.61
N THR B 156 33.67 -36.04 -27.40
CA THR B 156 32.62 -36.54 -28.28
C THR B 156 31.61 -35.47 -28.74
N ALA B 157 31.12 -34.63 -27.83
CA ALA B 157 30.16 -33.59 -28.21
C ALA B 157 30.79 -32.54 -29.15
N ILE B 158 32.02 -32.14 -28.83
CA ILE B 158 32.73 -31.12 -29.61
C ILE B 158 33.15 -31.69 -30.97
N ARG B 159 33.80 -32.85 -30.98
CA ARG B 159 34.22 -33.45 -32.25
C ARG B 159 33.04 -33.56 -33.22
N GLU B 160 31.91 -34.08 -32.74
CA GLU B 160 30.72 -34.26 -33.56
C GLU B 160 30.28 -32.90 -34.09
N SER B 161 30.16 -31.92 -33.18
CA SER B 161 29.81 -30.57 -33.60
C SER B 161 30.81 -30.12 -34.66
N MET B 162 32.08 -30.39 -34.42
CA MET B 162 33.10 -29.97 -35.38
C MET B 162 32.97 -30.66 -36.75
N GLU B 163 32.64 -31.94 -36.73
CA GLU B 163 32.46 -32.72 -37.98
C GLU B 163 31.26 -32.19 -38.72
N LEU B 164 30.22 -31.89 -37.95
CA LEU B 164 28.96 -31.35 -38.47
C LEU B 164 29.16 -29.96 -39.12
N ILE B 165 29.94 -29.10 -38.50
CA ILE B 165 30.27 -27.81 -39.09
C ILE B 165 30.98 -28.03 -40.43
N GLN B 166 32.02 -28.84 -40.41
CA GLN B 166 32.77 -29.13 -41.63
C GLN B 166 31.92 -29.78 -42.70
N ALA B 167 31.06 -30.73 -42.30
CA ALA B 167 30.20 -31.41 -43.25
C ALA B 167 29.30 -30.41 -43.94
N ASN B 168 29.07 -29.26 -43.29
CA ASN B 168 28.26 -28.17 -43.84
C ASN B 168 29.10 -27.12 -44.58
N LYS B 169 30.35 -27.46 -44.87
CA LYS B 169 31.21 -26.61 -45.68
C LYS B 169 31.70 -25.32 -45.04
N ALA B 170 31.47 -25.16 -43.73
CA ALA B 170 31.95 -24.00 -43.02
C ALA B 170 33.30 -24.38 -42.45
N ASP B 171 34.06 -23.38 -42.02
CA ASP B 171 35.39 -23.60 -41.46
C ASP B 171 35.36 -23.48 -39.95
N LEU B 172 36.38 -24.02 -39.32
CA LEU B 172 36.52 -23.95 -37.89
C LEU B 172 37.52 -22.88 -37.46
N ALA B 173 37.06 -21.87 -36.73
CA ALA B 173 37.98 -20.85 -36.22
C ALA B 173 38.69 -21.37 -34.97
N GLY B 174 37.99 -22.16 -34.15
CA GLY B 174 38.57 -22.64 -32.90
C GLY B 174 37.52 -23.07 -31.89
N VAL B 175 37.98 -23.46 -30.72
CA VAL B 175 37.10 -23.87 -29.62
C VAL B 175 37.59 -23.15 -28.37
N LEU B 176 36.66 -22.53 -27.63
CA LEU B 176 36.99 -21.85 -26.39
C LEU B 176 36.40 -22.64 -25.21
N VAL B 177 37.23 -23.06 -24.27
CA VAL B 177 36.72 -23.73 -23.09
C VAL B 177 37.01 -22.83 -21.90
N ALA B 178 36.42 -23.16 -20.78
CA ALA B 178 36.61 -22.39 -19.57
C ALA B 178 38.06 -22.59 -19.05
N ILE B 179 38.54 -23.82 -19.09
CA ILE B 179 39.85 -24.15 -18.54
C ILE B 179 40.47 -25.38 -19.21
N ASP B 180 41.80 -25.39 -19.32
CA ASP B 180 42.54 -26.55 -19.78
C ASP B 180 44.04 -26.42 -19.40
N ARG B 181 44.85 -27.30 -19.98
CA ARG B 181 46.31 -27.27 -19.85
C ARG B 181 46.97 -26.75 -21.13
N ALA B 191 44.30 -34.44 -25.64
CA ALA B 191 42.90 -34.02 -25.63
C ALA B 191 42.74 -32.82 -26.54
N ILE B 192 43.35 -31.72 -26.12
CA ILE B 192 43.40 -30.50 -26.89
C ILE B 192 44.25 -30.83 -28.11
N GLN B 193 45.36 -31.52 -27.84
CA GLN B 193 46.29 -31.94 -28.84
C GLN B 193 45.58 -32.58 -30.04
N GLU B 194 44.69 -33.53 -29.75
CA GLU B 194 43.94 -34.30 -30.76
C GLU B 194 43.05 -33.42 -31.66
N VAL B 195 42.14 -32.70 -31.01
CA VAL B 195 41.23 -31.79 -31.69
C VAL B 195 42.06 -30.84 -32.57
N GLU B 196 43.17 -30.37 -32.01
CA GLU B 196 44.04 -29.43 -32.70
C GLU B 196 44.79 -30.06 -33.87
N ARG B 197 45.09 -31.35 -33.76
CA ARG B 197 45.75 -32.03 -34.84
C ARG B 197 44.79 -32.30 -36.00
N ASP B 198 43.65 -32.94 -35.73
CA ASP B 198 42.77 -33.36 -36.82
C ASP B 198 41.69 -32.43 -37.31
N PHE B 199 41.51 -31.28 -36.64
CA PHE B 199 40.55 -30.30 -37.11
C PHE B 199 41.23 -29.02 -37.57
N GLY B 200 42.53 -28.91 -37.33
CA GLY B 200 43.31 -27.76 -37.78
C GLY B 200 43.00 -26.42 -37.13
N CYS B 201 42.38 -26.42 -35.96
CA CYS B 201 42.09 -25.14 -35.32
C CYS B 201 42.57 -25.10 -33.87
N ALA B 202 42.61 -23.90 -33.33
CA ALA B 202 43.12 -23.70 -32.00
C ALA B 202 42.04 -23.98 -30.94
N VAL B 203 42.48 -24.45 -29.79
CA VAL B 203 41.61 -24.61 -28.64
C VAL B 203 42.13 -23.59 -27.64
N ILE B 204 41.27 -22.65 -27.23
CA ILE B 204 41.64 -21.63 -26.27
C ILE B 204 40.80 -21.79 -25.01
N SER B 205 41.22 -21.18 -23.93
CA SER B 205 40.41 -21.23 -22.72
C SER B 205 40.45 -19.92 -21.98
N ILE B 206 39.45 -19.71 -21.13
CA ILE B 206 39.36 -18.48 -20.35
C ILE B 206 40.59 -18.41 -19.45
N VAL B 207 40.86 -19.51 -18.74
CA VAL B 207 41.99 -19.62 -17.87
C VAL B 207 42.70 -20.95 -18.07
N SER B 208 43.85 -21.08 -17.39
CA SER B 208 44.69 -22.26 -17.43
C SER B 208 44.78 -22.95 -16.09
N LEU B 209 45.31 -24.17 -16.12
CA LEU B 209 45.51 -24.91 -14.92
C LEU B 209 46.47 -24.11 -14.07
N THR B 210 47.54 -23.58 -14.67
CA THR B 210 48.49 -22.74 -13.92
C THR B 210 47.80 -21.60 -13.17
N ASP B 211 46.93 -20.88 -13.84
CA ASP B 211 46.21 -19.76 -13.23
C ASP B 211 45.36 -20.21 -12.04
N LEU B 212 44.78 -21.40 -12.16
CA LEU B 212 43.96 -21.93 -11.09
C LEU B 212 44.80 -22.24 -9.88
N ILE B 213 45.95 -22.88 -10.10
CA ILE B 213 46.80 -23.28 -8.99
C ILE B 213 47.44 -22.04 -8.35
N THR B 214 47.83 -21.08 -9.19
CA THR B 214 48.41 -19.82 -8.73
C THR B 214 47.40 -19.07 -7.86
N TYR B 215 46.17 -19.01 -8.35
CA TYR B 215 45.08 -18.36 -7.63
C TYR B 215 44.93 -18.92 -6.21
N LEU B 216 44.90 -20.26 -6.11
CA LEU B 216 44.78 -20.95 -4.84
C LEU B 216 46.04 -20.84 -3.95
N GLU B 217 47.14 -20.33 -4.49
CA GLU B 217 48.30 -20.05 -3.66
C GLU B 217 48.22 -18.68 -3.01
N GLN B 218 47.65 -17.71 -3.74
CA GLN B 218 47.56 -16.33 -3.27
C GLN B 218 46.46 -16.07 -2.25
N MET C 26 18.92 4.12 -43.52
CA MET C 26 19.54 4.53 -42.21
C MET C 26 19.86 3.32 -41.34
N LYS C 27 20.83 3.51 -40.46
CA LYS C 27 21.29 2.46 -39.55
C LYS C 27 20.27 2.19 -38.45
N ALA C 28 20.44 1.03 -37.81
CA ALA C 28 19.55 0.58 -36.74
C ALA C 28 19.37 1.63 -35.63
N TYR C 29 20.47 2.12 -35.07
CA TYR C 29 20.36 3.09 -33.97
C TYR C 29 19.59 4.35 -34.38
N GLN C 30 19.73 4.76 -35.63
CA GLN C 30 19.00 5.93 -36.12
C GLN C 30 17.49 5.73 -36.18
N ARG C 31 17.10 4.58 -36.72
CA ARG C 31 15.69 4.23 -36.77
C ARG C 31 15.17 4.07 -35.33
N GLU C 32 15.97 3.43 -34.49
CA GLU C 32 15.56 3.21 -33.12
C GLU C 32 15.49 4.52 -32.37
N PHE C 33 16.40 5.46 -32.66
CA PHE C 33 16.35 6.75 -32.01
C PHE C 33 15.07 7.49 -32.32
N ILE C 34 14.69 7.48 -33.58
CA ILE C 34 13.45 8.14 -34.01
C ILE C 34 12.22 7.55 -33.30
N GLU C 35 12.15 6.22 -33.28
CA GLU C 35 11.04 5.49 -32.59
C GLU C 35 11.00 5.88 -31.10
N PHE C 36 12.17 5.98 -30.51
CA PHE C 36 12.32 6.34 -29.13
C PHE C 36 11.83 7.76 -28.91
N ALA C 37 12.23 8.67 -29.77
CA ALA C 37 11.80 10.05 -29.66
C ALA C 37 10.27 10.21 -29.77
N LEU C 38 9.63 9.46 -30.69
CA LEU C 38 8.16 9.50 -30.86
C LEU C 38 7.51 8.86 -29.66
N GLU C 39 8.04 7.71 -29.30
CA GLU C 39 7.56 6.99 -28.14
C GLU C 39 7.46 7.97 -26.97
N LYS C 40 8.41 8.90 -26.87
CA LYS C 40 8.38 9.78 -25.71
C LYS C 40 7.86 11.16 -26.00
N GLN C 41 7.29 11.35 -27.16
CA GLN C 41 6.72 12.66 -27.51
C GLN C 41 7.83 13.72 -27.52
N VAL C 42 9.08 13.27 -27.55
CA VAL C 42 10.19 14.19 -27.80
C VAL C 42 10.07 14.69 -29.24
N LEU C 43 9.72 13.78 -30.14
CA LEU C 43 9.49 14.15 -31.54
C LEU C 43 8.00 14.02 -31.81
N LYS C 44 7.36 15.07 -32.34
CA LYS C 44 5.93 15.03 -32.69
C LYS C 44 5.70 15.54 -34.13
N PHE C 45 4.71 15.00 -34.83
CA PHE C 45 4.33 15.56 -36.17
C PHE C 45 2.92 16.07 -36.06
N GLY C 46 2.70 17.26 -36.59
CA GLY C 46 1.38 17.89 -36.60
C GLY C 46 1.63 19.28 -37.13
N GLU C 47 0.98 20.28 -36.56
CA GLU C 47 1.25 21.68 -36.93
C GLU C 47 1.65 22.40 -35.66
N PHE C 48 2.81 23.02 -35.67
CA PHE C 48 3.32 23.68 -34.50
C PHE C 48 4.05 24.96 -34.81
N THR C 49 3.94 25.94 -33.93
CA THR C 49 4.57 27.22 -34.17
C THR C 49 5.80 27.30 -33.25
N LEU C 50 6.90 27.79 -33.80
CA LEU C 50 8.19 27.91 -33.08
C LEU C 50 8.20 29.10 -32.11
N ARG C 54 8.61 30.82 -38.20
CA ARG C 54 8.15 29.72 -39.03
C ARG C 54 7.42 28.68 -38.20
N LYS C 55 6.31 28.19 -38.75
CA LYS C 55 5.60 27.12 -38.07
C LYS C 55 5.93 25.80 -38.76
N SER C 56 6.21 24.78 -37.95
CA SER C 56 6.64 23.50 -38.46
C SER C 56 5.60 22.39 -38.56
N PRO C 57 5.90 21.41 -39.42
CA PRO C 57 5.11 20.19 -39.46
C PRO C 57 5.62 19.23 -38.36
N TYR C 58 6.84 19.44 -37.86
CA TYR C 58 7.39 18.56 -36.81
C TYR C 58 8.00 19.38 -35.69
N PHE C 59 8.06 18.79 -34.51
CA PHE C 59 8.56 19.45 -33.31
C PHE C 59 9.51 18.46 -32.66
N PHE C 60 10.62 18.96 -32.14
CA PHE C 60 11.58 18.13 -31.48
C PHE C 60 12.11 18.83 -30.24
N ASN C 61 11.92 18.22 -29.08
CA ASN C 61 12.44 18.77 -27.82
C ASN C 61 13.09 17.70 -26.95
N ALA C 62 14.42 17.57 -27.06
CA ALA C 62 15.16 16.59 -26.28
C ALA C 62 14.89 16.74 -24.79
N GLY C 63 14.52 17.95 -24.38
CA GLY C 63 14.14 18.19 -22.99
C GLY C 63 13.22 17.14 -22.40
N LEU C 64 12.27 16.65 -23.19
CA LEU C 64 11.34 15.62 -22.69
C LEU C 64 11.99 14.26 -22.37
N PHE C 65 13.27 14.07 -22.65
CA PHE C 65 13.95 12.85 -22.23
C PHE C 65 14.31 13.10 -20.79
N ASN C 66 13.37 12.97 -19.88
CA ASN C 66 13.60 13.45 -18.52
C ASN C 66 13.47 12.44 -17.40
N THR C 67 13.51 11.15 -17.76
CA THR C 67 13.47 10.07 -16.79
C THR C 67 14.79 9.28 -16.93
N GLY C 68 15.03 8.40 -16.03
CA GLY C 68 16.27 7.65 -16.04
C GLY C 68 16.35 6.68 -17.19
N ARG C 69 15.27 5.97 -17.49
CA ARG C 69 15.33 5.10 -18.63
C ARG C 69 15.61 5.91 -19.90
N ASP C 70 15.06 7.12 -19.96
CA ASP C 70 15.28 8.01 -21.10
C ASP C 70 16.74 8.39 -21.22
N LEU C 71 17.36 8.77 -20.12
CA LEU C 71 18.78 9.10 -20.17
C LEU C 71 19.67 7.93 -20.57
N ALA C 72 19.29 6.74 -20.15
CA ALA C 72 20.04 5.54 -20.43
C ALA C 72 20.02 5.26 -21.91
N ARG C 73 18.82 5.25 -22.46
CA ARG C 73 18.70 5.00 -23.86
C ARG C 73 19.41 6.10 -24.64
N LEU C 74 19.28 7.33 -24.19
CA LEU C 74 19.84 8.47 -24.97
C LEU C 74 21.34 8.39 -25.04
N GLY C 75 21.97 8.04 -23.94
CA GLY C 75 23.38 7.83 -23.92
C GLY C 75 23.81 6.77 -24.91
N ARG C 76 23.09 5.65 -24.93
CA ARG C 76 23.44 4.60 -25.84
C ARG C 76 23.34 5.10 -27.28
N PHE C 77 22.35 5.93 -27.57
CA PHE C 77 22.21 6.46 -28.92
C PHE C 77 23.36 7.41 -29.26
N TYR C 78 23.71 8.34 -28.37
CA TYR C 78 24.84 9.25 -28.65
C TYR C 78 26.10 8.41 -28.86
N ALA C 79 26.27 7.37 -28.03
CA ALA C 79 27.42 6.47 -28.15
C ALA C 79 27.42 5.78 -29.50
N ALA C 80 26.26 5.34 -29.98
CA ALA C 80 26.22 4.68 -31.31
C ALA C 80 26.60 5.64 -32.44
N ALA C 81 26.23 6.91 -32.30
CA ALA C 81 26.51 7.90 -33.31
C ALA C 81 28.02 8.20 -33.28
N LEU C 82 28.58 8.29 -32.07
CA LEU C 82 30.01 8.56 -31.93
C LEU C 82 30.88 7.48 -32.56
N VAL C 83 30.58 6.23 -32.24
CA VAL C 83 31.36 5.14 -32.78
C VAL C 83 31.15 5.09 -34.30
N ASP C 84 29.93 5.35 -34.76
CA ASP C 84 29.64 5.35 -36.20
C ASP C 84 30.48 6.47 -36.91
N SER C 85 30.56 7.65 -36.32
CA SER C 85 31.37 8.73 -36.91
C SER C 85 32.85 8.32 -37.10
N GLY C 86 33.39 7.47 -36.25
CA GLY C 86 34.79 7.10 -36.38
C GLY C 86 35.73 8.24 -35.97
N ILE C 87 35.19 9.31 -35.37
CA ILE C 87 36.02 10.44 -34.99
C ILE C 87 36.76 10.04 -33.75
N GLU C 88 38.07 10.27 -33.76
N GLU C 88 38.08 10.18 -33.76
CA GLU C 88 38.94 9.91 -32.67
CA GLU C 88 38.87 9.87 -32.59
C GLU C 88 38.98 11.08 -31.67
C GLU C 88 38.86 11.07 -31.67
N PHE C 89 38.82 10.80 -30.38
CA PHE C 89 38.88 11.86 -29.39
C PHE C 89 39.52 11.32 -28.15
N ASP C 90 40.06 12.22 -27.34
CA ASP C 90 40.71 11.88 -26.07
C ASP C 90 39.87 12.22 -24.85
N VAL C 91 38.95 13.16 -25.00
CA VAL C 91 38.09 13.56 -23.90
C VAL C 91 36.71 13.86 -24.41
N LEU C 92 35.70 13.40 -23.67
CA LEU C 92 34.30 13.73 -23.98
C LEU C 92 33.87 14.91 -23.06
N PHE C 93 33.47 16.00 -23.67
CA PHE C 93 33.17 17.19 -22.92
C PHE C 93 31.75 17.64 -23.11
N GLY C 94 31.10 18.01 -22.00
CA GLY C 94 29.68 18.42 -21.99
C GLY C 94 29.54 19.84 -21.46
N PRO C 95 29.10 20.79 -22.30
CA PRO C 95 29.03 22.15 -21.80
C PRO C 95 27.93 22.34 -20.77
N ALA C 96 28.19 23.12 -19.74
CA ALA C 96 27.19 23.44 -18.73
C ALA C 96 26.08 24.22 -19.41
N TYR C 97 24.80 23.91 -19.18
CA TYR C 97 24.31 22.87 -18.30
C TYR C 97 23.79 21.63 -18.98
N LYS C 98 23.09 21.82 -20.09
N LYS C 98 23.10 21.83 -20.10
CA LYS C 98 22.44 20.73 -20.79
CA LYS C 98 22.44 20.74 -20.80
C LYS C 98 23.43 19.68 -21.27
C LYS C 98 23.40 19.72 -21.38
N GLY C 99 24.66 20.07 -21.51
CA GLY C 99 25.67 19.13 -21.98
C GLY C 99 26.14 18.16 -20.89
N ILE C 100 25.95 18.50 -19.62
CA ILE C 100 26.48 17.68 -18.50
C ILE C 100 25.82 16.30 -18.34
N PRO C 101 24.48 16.24 -18.35
CA PRO C 101 23.87 14.88 -18.30
C PRO C 101 24.12 14.07 -19.58
N ILE C 102 24.17 14.76 -20.73
CA ILE C 102 24.42 14.13 -22.00
C ILE C 102 25.82 13.50 -22.05
N ALA C 103 26.84 14.26 -21.69
CA ALA C 103 28.20 13.73 -21.67
C ALA C 103 28.29 12.59 -20.66
N THR C 104 27.63 12.73 -19.54
CA THR C 104 27.65 11.71 -18.49
C THR C 104 27.05 10.40 -19.02
N THR C 105 25.83 10.43 -19.53
CA THR C 105 25.21 9.20 -19.98
C THR C 105 25.91 8.61 -21.23
N THR C 106 26.35 9.48 -22.14
CA THR C 106 27.05 8.99 -23.30
C THR C 106 28.33 8.33 -22.85
N ALA C 107 29.04 8.92 -21.89
CA ALA C 107 30.29 8.33 -21.44
C ALA C 107 30.02 6.97 -20.76
N VAL C 108 28.94 6.90 -19.99
CA VAL C 108 28.51 5.65 -19.36
C VAL C 108 28.21 4.58 -20.44
N ALA C 109 27.55 4.97 -21.53
CA ALA C 109 27.22 4.03 -22.57
C ALA C 109 28.47 3.51 -23.31
N LEU C 110 29.45 4.38 -23.47
CA LEU C 110 30.73 3.97 -24.08
C LEU C 110 31.43 2.92 -23.21
N ALA C 111 31.48 3.14 -21.91
CA ALA C 111 32.13 2.16 -21.03
C ALA C 111 31.38 0.82 -20.95
N ASP C 112 30.08 0.88 -20.75
CA ASP C 112 29.33 -0.35 -20.57
C ASP C 112 28.95 -1.14 -21.85
N HIS C 113 28.76 -0.46 -22.96
CA HIS C 113 28.31 -1.13 -24.16
C HIS C 113 29.31 -1.19 -25.31
N HIS C 114 30.38 -0.39 -25.23
CA HIS C 114 31.39 -0.38 -26.28
C HIS C 114 32.76 -0.68 -25.72
N ASP C 115 32.82 -1.00 -24.44
CA ASP C 115 34.10 -1.26 -23.80
C ASP C 115 35.10 -0.16 -24.18
N VAL C 116 34.67 1.12 -24.18
CA VAL C 116 35.51 2.32 -24.43
C VAL C 116 35.44 3.16 -23.17
N ASP C 117 36.60 3.35 -22.56
CA ASP C 117 36.65 4.06 -21.28
C ASP C 117 37.20 5.47 -21.48
N THR C 118 36.33 6.45 -21.77
CA THR C 118 36.80 7.79 -22.07
C THR C 118 36.84 8.76 -20.90
N PRO C 119 37.91 9.57 -20.85
CA PRO C 119 37.87 10.63 -19.85
C PRO C 119 36.75 11.55 -20.24
N TYR C 120 36.16 12.21 -19.26
CA TYR C 120 35.07 13.13 -19.53
C TYR C 120 35.30 14.35 -18.68
N CYS C 121 34.68 15.46 -19.08
N CYS C 121 34.71 15.47 -19.07
CA CYS C 121 34.87 16.70 -18.39
CA CYS C 121 34.76 16.64 -18.23
C CYS C 121 33.72 17.65 -18.72
C CYS C 121 33.66 17.58 -18.66
N PHE C 122 33.43 18.56 -17.80
CA PHE C 122 32.46 19.58 -18.04
C PHE C 122 32.92 20.82 -17.25
N ASN C 123 32.35 21.96 -17.60
CA ASN C 123 32.71 23.24 -16.99
C ASN C 123 31.67 23.74 -15.98
N ARG C 124 32.10 24.68 -15.16
CA ARG C 124 31.22 25.41 -14.23
C ARG C 124 30.97 26.76 -14.91
N LYS C 125 29.89 27.46 -14.55
CA LYS C 125 29.65 28.83 -15.09
C LYS C 125 30.33 29.83 -14.17
N ASN C 135 36.54 27.17 -15.55
CA ASN C 135 36.77 26.14 -14.53
C ASN C 135 36.14 24.80 -14.94
N LEU C 136 36.75 23.70 -14.47
CA LEU C 136 36.43 22.37 -14.96
C LEU C 136 36.31 21.28 -13.89
N VAL C 137 35.40 20.35 -14.16
CA VAL C 137 35.17 19.24 -13.29
C VAL C 137 35.44 17.94 -14.04
N GLY C 138 36.13 17.04 -13.35
CA GLY C 138 36.48 15.74 -13.86
C GLY C 138 37.90 15.68 -14.40
N SER C 139 37.97 15.38 -15.70
CA SER C 139 39.22 15.13 -16.36
C SER C 139 39.83 16.40 -17.00
N LYS C 140 41.14 16.43 -17.15
CA LYS C 140 41.81 17.58 -17.77
C LYS C 140 41.38 17.75 -19.22
N LEU C 141 41.23 19.00 -19.66
CA LEU C 141 40.99 19.30 -21.08
C LEU C 141 42.29 19.23 -21.85
N GLU C 142 42.69 18.04 -22.25
CA GLU C 142 43.95 17.84 -22.92
C GLU C 142 43.65 17.03 -24.20
N GLY C 143 44.34 17.34 -25.29
CA GLY C 143 44.22 16.62 -26.56
C GLY C 143 43.01 16.93 -27.42
N ARG C 144 42.51 15.92 -28.13
CA ARG C 144 41.33 16.06 -28.99
C ARG C 144 40.04 15.98 -28.13
N VAL C 145 39.21 17.02 -28.20
CA VAL C 145 38.01 17.13 -27.40
C VAL C 145 36.74 16.91 -28.22
N MET C 146 35.93 15.94 -27.81
CA MET C 146 34.64 15.71 -28.43
C MET C 146 33.60 16.37 -27.53
N LEU C 147 32.91 17.35 -28.08
CA LEU C 147 31.89 18.11 -27.36
C LEU C 147 30.55 17.47 -27.70
N VAL C 148 29.77 17.11 -26.68
CA VAL C 148 28.43 16.54 -26.90
C VAL C 148 27.41 17.48 -26.30
N ASP C 149 26.33 17.71 -27.03
CA ASP C 149 25.28 18.57 -26.51
C ASP C 149 23.91 18.12 -27.04
N ASP C 150 22.86 18.80 -26.60
CA ASP C 150 21.53 18.45 -27.03
C ASP C 150 21.29 18.95 -28.44
N VAL C 151 21.57 20.23 -28.66
CA VAL C 151 21.28 20.86 -29.94
C VAL C 151 22.13 22.12 -30.08
N ILE C 152 22.43 22.51 -31.32
CA ILE C 152 23.16 23.74 -31.55
C ILE C 152 22.09 24.80 -31.65
N THR C 153 22.07 25.67 -30.66
CA THR C 153 21.04 26.67 -30.53
C THR C 153 21.47 28.01 -31.12
N ILE C 158 27.91 27.23 -26.05
CA ILE C 158 29.06 26.58 -26.68
C ILE C 158 30.35 27.42 -26.67
N ARG C 159 30.26 28.71 -27.01
CA ARG C 159 31.47 29.54 -27.10
C ARG C 159 32.30 29.54 -25.80
N GLU C 160 31.62 29.60 -24.64
CA GLU C 160 32.30 29.51 -23.35
C GLU C 160 33.15 28.24 -23.32
N SER C 161 32.54 27.11 -23.70
CA SER C 161 33.24 25.84 -23.71
C SER C 161 34.37 25.82 -24.75
N MET C 162 34.16 26.39 -25.93
CA MET C 162 35.26 26.46 -26.90
C MET C 162 36.44 27.20 -26.32
N GLU C 163 36.18 28.31 -25.64
CA GLU C 163 37.27 29.11 -25.09
C GLU C 163 38.07 28.38 -24.00
N LEU C 164 37.40 27.53 -23.22
CA LEU C 164 38.14 26.75 -22.22
C LEU C 164 39.07 25.78 -22.95
N ILE C 165 38.62 25.25 -24.10
CA ILE C 165 39.45 24.33 -24.89
C ILE C 165 40.69 25.04 -25.40
N GLN C 166 40.41 26.16 -26.04
CA GLN C 166 41.43 26.91 -26.69
C GLN C 166 42.34 27.46 -25.59
N ALA C 167 41.77 27.93 -24.48
CA ALA C 167 42.59 28.40 -23.35
C ALA C 167 43.54 27.29 -22.87
N ASN C 168 43.07 26.04 -22.83
CA ASN C 168 43.90 24.91 -22.42
C ASN C 168 44.81 24.34 -23.53
N LYS C 169 44.78 24.99 -24.70
CA LYS C 169 45.57 24.61 -25.87
C LYS C 169 45.16 23.26 -26.43
N ALA C 170 43.93 22.83 -26.16
CA ALA C 170 43.47 21.55 -26.68
C ALA C 170 42.93 21.77 -28.11
N ASP C 171 42.49 20.69 -28.74
CA ASP C 171 41.96 20.72 -30.09
C ASP C 171 40.49 20.32 -30.08
N LEU C 172 39.65 21.10 -30.75
CA LEU C 172 38.25 20.76 -30.89
C LEU C 172 38.20 19.66 -31.94
N ALA C 173 37.73 18.48 -31.57
CA ALA C 173 37.72 17.35 -32.50
C ALA C 173 36.37 17.14 -33.20
N GLY C 174 35.30 17.68 -32.64
CA GLY C 174 33.96 17.51 -33.19
C GLY C 174 32.88 17.88 -32.18
N VAL C 175 31.66 18.07 -32.67
CA VAL C 175 30.50 18.42 -31.85
C VAL C 175 29.38 17.50 -32.28
N LEU C 176 28.80 16.78 -31.32
CA LEU C 176 27.69 15.85 -31.58
C LEU C 176 26.46 16.33 -30.85
N VAL C 177 25.38 16.44 -31.62
CA VAL C 177 24.09 16.88 -31.14
C VAL C 177 23.03 15.84 -31.55
N ALA C 178 21.87 15.83 -30.90
CA ALA C 178 20.85 14.83 -31.17
C ALA C 178 20.21 14.93 -32.59
N ILE C 179 19.95 16.14 -33.05
CA ILE C 179 19.31 16.33 -34.37
C ILE C 179 19.85 17.57 -35.09
N ASP C 180 19.99 17.45 -36.41
CA ASP C 180 20.45 18.52 -37.30
C ASP C 180 19.23 18.85 -38.14
N ARG C 181 18.66 20.02 -37.89
CA ARG C 181 17.44 20.41 -38.58
C ARG C 181 17.69 20.67 -40.06
N GLN C 182 18.93 20.92 -40.44
CA GLN C 182 19.25 21.19 -41.86
C GLN C 182 18.44 22.35 -42.47
N GLU C 183 18.40 23.47 -41.74
CA GLU C 183 17.75 24.70 -42.21
C GLU C 183 18.75 25.87 -42.26
N LYS C 184 18.59 26.76 -43.23
CA LYS C 184 19.47 27.93 -43.35
C LYS C 184 18.98 29.11 -42.53
N LEU C 189 23.68 32.82 -41.89
CA LEU C 189 23.69 31.36 -41.99
C LEU C 189 23.34 30.69 -40.65
N SER C 190 22.87 29.44 -40.69
CA SER C 190 22.42 28.70 -39.47
C SER C 190 23.39 28.74 -38.30
N ALA C 191 22.90 28.28 -37.15
CA ALA C 191 23.73 28.16 -35.95
C ALA C 191 24.79 27.07 -36.14
N ILE C 192 24.46 26.05 -36.94
CA ILE C 192 25.39 24.93 -37.14
C ILE C 192 26.57 25.32 -38.01
N GLN C 193 26.28 26.09 -39.06
CA GLN C 193 27.33 26.55 -39.95
C GLN C 193 28.19 27.61 -39.22
N GLU C 194 27.62 28.32 -38.24
CA GLU C 194 28.36 29.32 -37.46
C GLU C 194 29.37 28.62 -36.54
N VAL C 195 28.97 27.51 -35.91
CA VAL C 195 29.90 26.74 -35.08
C VAL C 195 31.03 26.17 -35.91
N GLU C 196 30.70 25.60 -37.07
CA GLU C 196 31.70 24.99 -37.95
C GLU C 196 32.68 26.05 -38.45
N ARG C 197 32.16 27.23 -38.78
CA ARG C 197 32.98 28.32 -39.29
C ARG C 197 33.81 29.00 -38.23
N ASP C 198 33.26 29.18 -37.03
CA ASP C 198 33.97 29.90 -35.96
C ASP C 198 34.97 28.99 -35.22
N PHE C 199 34.66 27.69 -35.14
CA PHE C 199 35.50 26.76 -34.40
C PHE C 199 36.25 25.74 -35.25
N GLY C 200 35.84 25.59 -36.50
CA GLY C 200 36.52 24.73 -37.47
C GLY C 200 36.25 23.24 -37.37
N CYS C 201 35.21 22.83 -36.63
CA CYS C 201 34.93 21.38 -36.47
C CYS C 201 33.69 20.93 -37.20
N ALA C 202 33.62 19.62 -37.48
CA ALA C 202 32.42 19.06 -38.08
C ALA C 202 31.39 18.88 -36.96
N VAL C 203 30.16 19.34 -37.17
CA VAL C 203 29.09 19.09 -36.21
C VAL C 203 28.33 17.86 -36.73
N ILE C 204 28.36 16.76 -36.00
CA ILE C 204 27.66 15.56 -36.45
C ILE C 204 26.41 15.45 -35.62
N SER C 205 25.51 14.56 -36.02
CA SER C 205 24.27 14.38 -35.27
C SER C 205 23.83 12.92 -35.24
N ILE C 206 22.93 12.59 -34.30
CA ILE C 206 22.36 11.22 -34.23
C ILE C 206 21.45 11.03 -35.46
N VAL C 207 20.49 11.93 -35.64
CA VAL C 207 19.66 11.88 -36.83
C VAL C 207 19.49 13.30 -37.36
N SER C 208 19.18 13.41 -38.64
CA SER C 208 18.93 14.73 -39.28
C SER C 208 17.53 14.76 -39.89
N LEU C 209 17.10 15.92 -40.38
CA LEU C 209 15.77 16.04 -41.02
C LEU C 209 15.53 15.04 -42.20
N THR C 210 16.59 14.73 -42.94
CA THR C 210 16.48 13.77 -44.03
C THR C 210 16.13 12.40 -43.47
N ASP C 211 16.79 12.01 -42.37
CA ASP C 211 16.52 10.72 -41.74
C ASP C 211 15.06 10.69 -41.35
N LEU C 212 14.51 11.82 -40.90
CA LEU C 212 13.11 11.82 -40.55
C LEU C 212 12.24 11.48 -41.77
N ILE C 213 12.52 12.09 -42.93
CA ILE C 213 11.70 11.83 -44.11
C ILE C 213 11.91 10.38 -44.54
N THR C 214 13.17 9.95 -44.57
CA THR C 214 13.46 8.57 -44.91
C THR C 214 12.68 7.59 -44.03
N TYR C 215 12.59 7.90 -42.73
CA TYR C 215 11.83 7.03 -41.82
C TYR C 215 10.36 6.98 -42.19
N LEU C 216 9.78 8.13 -42.53
CA LEU C 216 8.37 8.19 -42.93
C LEU C 216 8.17 7.44 -44.24
N GLU C 217 9.09 7.62 -45.19
CA GLU C 217 9.02 6.92 -46.48
C GLU C 217 8.93 5.40 -46.30
N GLN C 218 9.69 4.87 -45.35
CA GLN C 218 9.72 3.42 -45.11
C GLN C 218 8.52 2.94 -44.29
N GLN C 219 7.83 3.86 -43.61
CA GLN C 219 6.64 3.50 -42.84
C GLN C 219 5.52 3.04 -43.76
N GLY C 220 5.53 1.74 -44.04
CA GLY C 220 4.58 1.05 -44.93
C GLY C 220 3.23 1.66 -45.28
N ASN C 221 2.30 0.77 -45.62
CA ASN C 221 0.92 1.14 -45.96
C ASN C 221 0.02 0.49 -44.91
N ASN C 222 0.28 0.87 -43.67
CA ASN C 222 -0.44 0.34 -42.53
C ASN C 222 -1.94 0.27 -42.79
N THR C 223 -2.48 1.29 -43.45
CA THR C 223 -3.90 1.34 -43.78
C THR C 223 -4.34 -0.01 -44.36
N GLU C 224 -3.66 -0.43 -45.41
CA GLU C 224 -3.94 -1.67 -46.13
C GLU C 224 -3.75 -2.90 -45.25
N HIS C 225 -2.62 -2.94 -44.55
CA HIS C 225 -2.30 -4.07 -43.67
C HIS C 225 -3.28 -4.10 -42.51
N LEU C 226 -3.49 -2.95 -41.89
CA LEU C 226 -4.40 -2.80 -40.77
C LEU C 226 -5.71 -3.49 -41.08
N GLU C 227 -6.27 -3.15 -42.24
CA GLU C 227 -7.57 -3.70 -42.61
C GLU C 227 -7.54 -5.22 -42.92
N ALA C 228 -6.47 -5.72 -43.54
CA ALA C 228 -6.35 -7.17 -43.76
C ALA C 228 -6.19 -7.91 -42.40
N VAL C 229 -5.49 -7.31 -41.44
CA VAL C 229 -5.34 -7.99 -40.17
C VAL C 229 -6.69 -8.02 -39.44
N LYS C 230 -7.43 -6.89 -39.50
CA LYS C 230 -8.71 -6.79 -38.82
C LYS C 230 -9.68 -7.83 -39.33
N ALA C 231 -9.74 -7.95 -40.65
CA ALA C 231 -10.60 -8.94 -41.32
C ALA C 231 -10.17 -10.36 -40.96
N TYR C 232 -8.86 -10.59 -40.85
CA TYR C 232 -8.37 -11.92 -40.49
C TYR C 232 -8.86 -12.26 -39.10
N ARG C 233 -8.91 -11.23 -38.27
CA ARG C 233 -9.34 -11.37 -36.89
C ARG C 233 -10.80 -11.72 -36.78
N ALA C 234 -11.67 -11.01 -37.50
CA ALA C 234 -13.09 -11.28 -37.42
C ALA C 234 -13.41 -12.70 -37.90
N GLN C 235 -12.73 -13.10 -38.96
CA GLN C 235 -12.94 -14.41 -39.53
C GLN C 235 -12.39 -15.53 -38.66
N TYR C 236 -11.17 -15.36 -38.12
CA TYR C 236 -10.53 -16.42 -37.34
C TYR C 236 -10.25 -16.10 -35.88
N GLY C 237 -10.57 -14.89 -35.44
CA GLY C 237 -10.29 -14.43 -34.07
C GLY C 237 -11.14 -15.04 -32.96
N ILE C 238 -11.21 -14.31 -31.85
CA ILE C 238 -11.85 -14.76 -30.60
C ILE C 238 -11.00 -15.92 -30.06
N MET D 26 29.03 -5.69 6.54
CA MET D 26 29.12 -4.77 5.37
C MET D 26 28.66 -5.48 4.12
N LYS D 27 27.72 -4.86 3.40
CA LYS D 27 27.24 -5.42 2.16
C LYS D 27 28.35 -5.41 1.12
N ALA D 28 28.30 -6.36 0.19
CA ALA D 28 29.34 -6.47 -0.82
C ALA D 28 29.55 -5.17 -1.61
N TYR D 29 28.47 -4.48 -1.99
CA TYR D 29 28.61 -3.26 -2.79
C TYR D 29 29.26 -2.13 -1.97
N GLN D 30 29.19 -2.22 -0.65
CA GLN D 30 29.82 -1.22 0.20
C GLN D 30 31.34 -1.43 0.19
N ARG D 31 31.79 -2.67 0.37
CA ARG D 31 33.19 -3.00 0.28
C ARG D 31 33.75 -2.66 -1.10
N GLU D 32 33.00 -2.94 -2.16
CA GLU D 32 33.48 -2.69 -3.52
C GLU D 32 33.63 -1.20 -3.78
N PHE D 33 32.61 -0.45 -3.35
CA PHE D 33 32.70 0.99 -3.46
C PHE D 33 33.96 1.55 -2.74
N ILE D 34 34.19 1.11 -1.53
CA ILE D 34 35.38 1.59 -0.84
C ILE D 34 36.65 1.29 -1.63
N GLU D 35 36.77 0.05 -2.07
CA GLU D 35 37.91 -0.39 -2.87
C GLU D 35 38.06 0.49 -4.11
N PHE D 36 36.95 0.71 -4.82
CA PHE D 36 36.93 1.50 -6.03
C PHE D 36 37.32 2.96 -5.76
N ALA D 37 36.80 3.54 -4.69
CA ALA D 37 37.07 4.95 -4.43
C ALA D 37 38.55 5.13 -4.07
N LEU D 38 39.15 4.10 -3.47
CA LEU D 38 40.59 4.15 -3.15
C LEU D 38 41.43 3.98 -4.40
N GLU D 39 41.10 2.96 -5.23
CA GLU D 39 41.81 2.67 -6.51
C GLU D 39 42.01 3.99 -7.21
N LYS D 40 40.91 4.72 -7.32
CA LYS D 40 40.88 5.90 -8.17
C LYS D 40 41.42 7.17 -7.55
N GLN D 41 41.76 7.13 -6.26
CA GLN D 41 42.35 8.28 -5.56
C GLN D 41 41.31 9.31 -5.21
N VAL D 42 40.04 8.94 -5.31
CA VAL D 42 38.94 9.85 -5.04
C VAL D 42 38.75 9.97 -3.54
N LEU D 43 38.93 8.85 -2.85
CA LEU D 43 38.87 8.75 -1.38
C LEU D 43 40.30 8.63 -0.88
N LYS D 44 40.63 9.49 0.06
CA LYS D 44 41.94 9.55 0.66
C LYS D 44 41.80 9.58 2.18
N PHE D 45 42.71 8.86 2.84
CA PHE D 45 42.84 8.88 4.30
C PHE D 45 44.02 9.73 4.69
N GLY D 46 43.93 10.34 5.86
CA GLY D 46 44.99 11.20 6.35
C GLY D 46 44.45 12.11 7.42
N GLU D 47 45.22 13.15 7.74
CA GLU D 47 44.87 14.11 8.78
C GLU D 47 44.50 15.39 8.07
N PHE D 48 43.28 15.44 7.58
CA PHE D 48 42.82 16.54 6.75
C PHE D 48 42.22 17.71 7.49
N THR D 49 42.41 18.87 6.87
CA THR D 49 41.91 20.13 7.38
C THR D 49 40.75 20.62 6.49
N GLY D 53 37.05 25.00 7.44
CA GLY D 53 37.88 24.62 8.58
C GLY D 53 37.65 23.19 9.04
N ARG D 54 37.31 22.32 8.08
CA ARG D 54 36.97 20.93 8.33
C ARG D 54 38.13 20.01 8.75
N LYS D 55 38.04 19.41 9.93
CA LYS D 55 39.07 18.48 10.45
C LYS D 55 38.58 17.02 10.29
N SER D 56 39.14 16.30 9.31
CA SER D 56 38.65 14.94 9.00
C SER D 56 39.74 13.88 8.74
N PRO D 57 39.47 12.61 9.10
CA PRO D 57 40.44 11.55 8.80
C PRO D 57 40.31 11.03 7.35
N TYR D 58 39.34 11.56 6.60
CA TYR D 58 39.22 11.22 5.19
C TYR D 58 38.84 12.44 4.33
N PHE D 59 39.23 12.37 3.07
CA PHE D 59 38.84 13.38 2.09
C PHE D 59 38.24 12.64 0.91
N PHE D 60 37.09 13.14 0.43
CA PHE D 60 36.36 12.54 -0.72
C PHE D 60 35.82 13.62 -1.68
N ASN D 61 36.20 13.50 -2.95
CA ASN D 61 35.72 14.44 -3.99
C ASN D 61 35.37 13.69 -5.25
N ALA D 62 34.06 13.57 -5.53
CA ALA D 62 33.57 12.83 -6.66
C ALA D 62 34.03 13.46 -7.97
N GLY D 63 34.46 14.71 -7.89
CA GLY D 63 34.97 15.42 -9.04
C GLY D 63 36.23 14.78 -9.59
N LEU D 64 36.90 14.00 -8.74
CA LEU D 64 38.12 13.30 -9.11
C LEU D 64 37.85 12.03 -9.90
N PHE D 65 36.61 11.57 -9.95
CA PHE D 65 36.33 10.54 -10.90
C PHE D 65 36.54 11.28 -12.23
N ASN D 66 37.05 10.61 -13.23
CA ASN D 66 37.29 11.31 -14.47
C ASN D 66 37.03 10.52 -15.74
N THR D 67 36.53 9.31 -15.63
CA THR D 67 36.23 8.51 -16.84
C THR D 67 34.81 7.96 -16.84
N GLY D 68 34.34 7.58 -18.03
CA GLY D 68 33.04 6.97 -18.21
C GLY D 68 32.87 5.69 -17.43
N ARG D 69 33.92 4.91 -17.31
CA ARG D 69 33.84 3.70 -16.51
C ARG D 69 33.65 4.02 -15.04
N ASP D 70 34.45 4.98 -14.53
CA ASP D 70 34.27 5.45 -13.16
C ASP D 70 32.81 5.85 -12.93
N LEU D 71 32.29 6.67 -13.81
CA LEU D 71 30.88 7.12 -13.72
C LEU D 71 29.85 5.97 -13.80
N ALA D 72 30.15 4.97 -14.63
CA ALA D 72 29.26 3.87 -14.78
C ALA D 72 29.19 3.17 -13.46
N ARG D 73 30.36 2.84 -12.90
CA ARG D 73 30.40 2.12 -11.65
C ARG D 73 29.80 2.93 -10.52
N LEU D 74 30.09 4.23 -10.50
CA LEU D 74 29.59 5.11 -9.44
C LEU D 74 28.07 5.13 -9.37
N GLY D 75 27.44 5.20 -10.51
CA GLY D 75 26.01 5.22 -10.52
C GLY D 75 25.44 3.91 -10.01
N ARG D 76 26.08 2.80 -10.34
CA ARG D 76 25.60 1.52 -9.82
C ARG D 76 25.73 1.44 -8.32
N PHE D 77 26.80 2.01 -7.76
CA PHE D 77 26.92 2.03 -6.29
C PHE D 77 25.83 2.90 -5.63
N TYR D 78 25.62 4.09 -6.18
CA TYR D 78 24.55 4.91 -5.71
C TYR D 78 23.19 4.22 -5.87
N ALA D 79 22.94 3.60 -7.01
CA ALA D 79 21.69 2.91 -7.19
C ALA D 79 21.50 1.74 -6.19
N ALA D 80 22.57 1.02 -5.87
CA ALA D 80 22.44 -0.07 -4.91
C ALA D 80 22.09 0.46 -3.52
N ALA D 81 22.76 1.52 -3.12
CA ALA D 81 22.48 2.17 -1.82
C ALA D 81 21.06 2.69 -1.76
N LEU D 82 20.59 3.26 -2.84
CA LEU D 82 19.24 3.83 -2.84
C LEU D 82 18.16 2.76 -2.71
N VAL D 83 18.30 1.67 -3.46
CA VAL D 83 17.34 0.58 -3.41
C VAL D 83 17.41 -0.12 -2.07
N ASP D 84 18.63 -0.28 -1.53
CA ASP D 84 18.83 -0.88 -0.23
C ASP D 84 18.11 -0.07 0.85
N SER D 85 18.07 1.27 0.72
CA SER D 85 17.51 2.14 1.79
C SER D 85 16.04 1.95 1.99
N GLY D 86 15.35 1.68 0.88
CA GLY D 86 13.92 1.55 0.90
C GLY D 86 13.21 2.90 0.93
N ILE D 87 13.93 3.99 0.79
CA ILE D 87 13.27 5.30 0.80
C ILE D 87 12.50 5.46 -0.51
N GLU D 88 11.22 5.74 -0.41
CA GLU D 88 10.38 5.97 -1.59
C GLU D 88 10.54 7.41 -2.06
N PHE D 89 10.62 7.61 -3.36
CA PHE D 89 10.74 8.96 -3.91
C PHE D 89 10.14 9.01 -5.32
N ASP D 90 9.73 10.20 -5.73
CA ASP D 90 9.11 10.42 -7.02
C ASP D 90 10.05 11.09 -8.05
N VAL D 91 11.07 11.80 -7.59
CA VAL D 91 12.00 12.49 -8.49
C VAL D 91 13.39 12.45 -7.86
N LEU D 92 14.42 12.15 -8.67
CA LEU D 92 15.79 12.16 -8.24
C LEU D 92 16.41 13.49 -8.67
N PHE D 93 17.00 14.18 -7.70
CA PHE D 93 17.53 15.51 -7.91
C PHE D 93 19.03 15.57 -7.68
N GLY D 94 19.71 16.27 -8.60
CA GLY D 94 21.15 16.47 -8.50
C GLY D 94 21.47 17.95 -8.39
N PRO D 95 22.04 18.39 -7.26
CA PRO D 95 22.41 19.80 -7.07
C PRO D 95 23.59 20.19 -7.93
N ALA D 96 23.57 21.36 -8.56
CA ALA D 96 24.71 21.81 -9.34
C ALA D 96 25.92 21.96 -8.42
N TYR D 97 27.13 21.56 -8.83
CA TYR D 97 27.41 20.91 -10.10
C TYR D 97 27.69 19.43 -9.95
N LYS D 98 28.39 19.07 -8.88
CA LYS D 98 28.78 17.67 -8.64
C LYS D 98 27.57 16.75 -8.69
N GLY D 99 26.45 17.22 -8.20
CA GLY D 99 25.20 16.45 -8.16
C GLY D 99 24.63 16.06 -9.53
N ILE D 100 24.98 16.80 -10.57
CA ILE D 100 24.35 16.59 -11.87
C ILE D 100 24.83 15.28 -12.50
N PRO D 101 26.16 15.10 -12.58
CA PRO D 101 26.54 13.80 -13.17
C PRO D 101 26.17 12.62 -12.27
N ILE D 102 26.12 12.86 -10.97
CA ILE D 102 25.84 11.81 -10.01
C ILE D 102 24.38 11.39 -10.18
N ALA D 103 23.47 12.34 -10.17
CA ALA D 103 22.06 12.05 -10.45
C ALA D 103 21.85 11.34 -11.78
N THR D 104 22.58 11.78 -12.81
CA THR D 104 22.46 11.24 -14.14
C THR D 104 22.84 9.77 -14.18
N THR D 105 24.02 9.43 -13.66
CA THR D 105 24.46 8.07 -13.72
C THR D 105 23.66 7.20 -12.79
N THR D 106 23.24 7.78 -11.66
CA THR D 106 22.45 7.03 -10.71
C THR D 106 21.11 6.68 -11.38
N ALA D 107 20.51 7.64 -12.06
CA ALA D 107 19.24 7.41 -12.70
C ALA D 107 19.37 6.33 -13.81
N VAL D 108 20.45 6.39 -14.58
CA VAL D 108 20.71 5.40 -15.58
C VAL D 108 20.82 4.03 -14.96
N ALA D 109 21.57 3.94 -13.86
CA ALA D 109 21.75 2.63 -13.27
C ALA D 109 20.44 2.09 -12.70
N LEU D 110 19.66 2.95 -12.05
CA LEU D 110 18.38 2.52 -11.53
C LEU D 110 17.53 1.91 -12.65
N ALA D 111 17.63 2.51 -13.82
CA ALA D 111 16.79 2.09 -14.93
C ALA D 111 17.31 0.82 -15.60
N ASP D 112 18.61 0.74 -15.80
CA ASP D 112 19.21 -0.37 -16.48
C ASP D 112 19.36 -1.61 -15.58
N HIS D 113 19.67 -1.40 -14.30
CA HIS D 113 19.95 -2.55 -13.42
C HIS D 113 18.93 -2.92 -12.39
N HIS D 114 17.93 -2.06 -12.23
CA HIS D 114 16.87 -2.28 -11.22
C HIS D 114 15.47 -2.07 -11.79
N ASP D 115 15.33 -1.84 -13.07
CA ASP D 115 14.00 -1.56 -13.69
C ASP D 115 13.24 -0.52 -12.88
N VAL D 116 13.91 0.54 -12.43
CA VAL D 116 13.29 1.68 -11.69
C VAL D 116 13.54 2.87 -12.61
N ASP D 117 12.49 3.37 -13.24
CA ASP D 117 12.56 4.46 -14.19
C ASP D 117 12.12 5.77 -13.53
N THR D 118 13.04 6.51 -12.94
CA THR D 118 12.68 7.68 -12.22
C THR D 118 12.85 8.98 -12.96
N PRO D 119 11.87 9.89 -12.76
CA PRO D 119 12.05 11.25 -13.21
C PRO D 119 13.29 11.79 -12.51
N TYR D 120 14.02 12.67 -13.20
CA TYR D 120 15.20 13.29 -12.66
C TYR D 120 15.10 14.78 -12.90
N CYS D 121 15.82 15.54 -12.10
CA CYS D 121 15.78 16.99 -12.23
C CYS D 121 17.09 17.52 -11.72
N PHE D 122 17.52 18.65 -12.24
CA PHE D 122 18.65 19.36 -11.62
C PHE D 122 18.48 20.89 -11.75
N ASN D 123 19.27 21.65 -10.97
CA ASN D 123 19.19 23.13 -10.96
C ASN D 123 20.40 23.80 -11.61
N ARG D 124 20.18 25.03 -12.08
CA ARG D 124 21.28 25.86 -12.58
C ARG D 124 21.58 26.80 -11.45
N LYS D 125 22.57 27.67 -11.62
CA LYS D 125 22.85 28.68 -10.59
C LYS D 125 22.88 30.07 -11.19
N LEU D 136 15.67 25.09 -13.01
CA LEU D 136 15.37 23.66 -13.07
C LEU D 136 15.35 23.09 -14.48
N VAL D 137 16.07 21.98 -14.64
CA VAL D 137 16.07 21.22 -15.89
C VAL D 137 15.67 19.77 -15.57
N GLY D 138 14.91 19.16 -16.49
CA GLY D 138 14.47 17.78 -16.33
C GLY D 138 12.98 17.72 -16.10
N SER D 139 12.54 16.75 -15.31
CA SER D 139 11.13 16.61 -14.97
C SER D 139 10.68 17.65 -13.95
N LYS D 140 9.39 17.90 -13.93
CA LYS D 140 8.76 18.84 -13.00
C LYS D 140 9.04 18.41 -11.57
N LEU D 141 9.37 19.36 -10.71
CA LEU D 141 9.69 19.06 -9.32
C LEU D 141 8.39 18.88 -8.51
N GLU D 142 7.81 17.68 -8.57
CA GLU D 142 6.54 17.34 -7.91
C GLU D 142 6.73 16.16 -6.92
N GLY D 143 6.11 16.24 -5.75
CA GLY D 143 6.11 15.10 -4.81
C GLY D 143 7.38 14.92 -3.99
N ARG D 144 7.74 13.69 -3.69
CA ARG D 144 8.90 13.42 -2.85
C ARG D 144 10.23 13.39 -3.64
N VAL D 145 11.12 14.31 -3.29
CA VAL D 145 12.38 14.49 -3.99
C VAL D 145 13.59 13.91 -3.23
N MET D 146 14.29 12.98 -3.87
CA MET D 146 15.51 12.41 -3.28
C MET D 146 16.69 13.15 -3.90
N LEU D 147 17.52 13.78 -3.09
CA LEU D 147 18.70 14.51 -3.59
C LEU D 147 19.86 13.55 -3.56
N VAL D 148 20.79 13.70 -4.52
CA VAL D 148 22.00 12.88 -4.53
C VAL D 148 23.18 13.78 -4.81
N ASP D 149 24.22 13.60 -3.99
CA ASP D 149 25.46 14.36 -4.13
C ASP D 149 26.59 13.51 -3.53
N ASP D 150 27.82 14.03 -3.55
CA ASP D 150 28.96 13.26 -3.08
C ASP D 150 29.17 13.33 -1.59
N VAL D 151 29.08 14.53 -1.03
CA VAL D 151 29.22 14.72 0.41
C VAL D 151 28.32 15.84 0.94
N ILE D 152 28.11 15.83 2.25
CA ILE D 152 27.45 16.92 2.92
C ILE D 152 28.56 17.61 3.68
N THR D 153 28.98 18.77 3.20
CA THR D 153 30.06 19.52 3.88
C THR D 153 30.17 20.95 3.37
N THR D 156 26.84 24.44 0.82
CA THR D 156 25.53 25.04 0.70
C THR D 156 24.76 24.64 -0.57
N ALA D 157 25.41 23.97 -1.53
CA ALA D 157 24.71 23.55 -2.74
C ALA D 157 23.52 22.68 -2.36
N ILE D 158 23.73 21.77 -1.41
CA ILE D 158 22.64 20.93 -0.92
C ILE D 158 21.56 21.87 -0.37
N ARG D 159 21.96 22.77 0.53
CA ARG D 159 21.00 23.62 1.24
C ARG D 159 20.17 24.48 0.24
N GLU D 160 20.84 25.08 -0.74
CA GLU D 160 20.15 25.86 -1.76
C GLU D 160 19.14 24.99 -2.48
N SER D 161 19.55 23.77 -2.77
CA SER D 161 18.69 22.82 -3.48
C SER D 161 17.48 22.46 -2.66
N MET D 162 17.70 22.19 -1.38
CA MET D 162 16.60 21.80 -0.51
C MET D 162 15.63 22.94 -0.35
N GLU D 163 16.16 24.16 -0.38
CA GLU D 163 15.38 25.37 -0.31
C GLU D 163 14.56 25.52 -1.58
N LEU D 164 15.18 25.27 -2.73
CA LEU D 164 14.50 25.38 -4.02
C LEU D 164 13.37 24.34 -4.08
N ILE D 165 13.63 23.17 -3.52
CA ILE D 165 12.65 22.10 -3.47
C ILE D 165 11.42 22.56 -2.66
N GLN D 166 11.65 23.16 -1.50
CA GLN D 166 10.54 23.68 -0.69
C GLN D 166 9.81 24.87 -1.33
N ALA D 167 10.52 25.85 -1.84
CA ALA D 167 9.84 26.97 -2.51
C ALA D 167 8.88 26.40 -3.58
N ASN D 168 9.29 25.32 -4.24
CA ASN D 168 8.45 24.70 -5.27
C ASN D 168 7.38 23.76 -4.73
N LYS D 169 7.16 23.78 -3.42
CA LYS D 169 6.10 22.99 -2.82
C LYS D 169 6.18 21.47 -3.03
N ALA D 170 7.39 20.93 -3.14
CA ALA D 170 7.58 19.48 -3.20
C ALA D 170 8.17 19.08 -1.87
N ASP D 171 8.22 17.78 -1.60
CA ASP D 171 8.67 17.27 -0.31
C ASP D 171 10.04 16.63 -0.44
N LEU D 172 10.90 16.80 0.57
CA LEU D 172 12.24 16.20 0.50
C LEU D 172 12.15 14.82 1.10
N ALA D 173 12.49 13.83 0.32
CA ALA D 173 12.47 12.48 0.80
C ALA D 173 13.78 12.19 1.51
N GLY D 174 14.86 12.82 1.09
CA GLY D 174 16.13 12.45 1.68
C GLY D 174 17.27 12.92 0.82
N VAL D 175 18.47 12.70 1.33
CA VAL D 175 19.69 13.08 0.65
C VAL D 175 20.58 11.87 0.67
N LEU D 176 21.11 11.46 -0.47
CA LEU D 176 22.05 10.34 -0.47
C LEU D 176 23.43 10.83 -0.89
N VAL D 177 24.41 10.53 -0.06
CA VAL D 177 25.79 10.85 -0.34
C VAL D 177 26.67 9.60 -0.39
N ALA D 178 27.91 9.76 -0.86
CA ALA D 178 28.83 8.64 -1.00
C ALA D 178 29.22 8.15 0.37
N ILE D 179 29.65 9.06 1.24
CA ILE D 179 30.09 8.70 2.59
C ILE D 179 29.69 9.76 3.58
N ASP D 180 29.50 9.35 4.83
CA ASP D 180 29.26 10.33 5.90
C ASP D 180 29.50 9.70 7.27
N ARG D 181 29.51 10.54 8.29
CA ARG D 181 29.75 10.09 9.66
C ARG D 181 28.40 9.83 10.32
N GLN D 182 28.21 8.61 10.82
CA GLN D 182 26.96 8.22 11.46
C GLN D 182 27.19 7.86 12.93
N ALA D 191 26.65 17.96 10.89
CA ALA D 191 26.28 18.20 9.50
C ALA D 191 25.00 17.46 9.15
N ILE D 192 25.01 16.17 9.46
CA ILE D 192 23.93 15.28 9.08
C ILE D 192 22.66 15.62 9.85
N GLN D 193 22.78 15.77 11.16
CA GLN D 193 21.61 16.03 12.00
C GLN D 193 20.93 17.38 11.72
N GLU D 194 21.67 18.39 11.28
CA GLU D 194 21.05 19.67 11.04
C GLU D 194 20.23 19.69 9.75
N VAL D 195 20.72 19.02 8.72
CA VAL D 195 19.96 18.90 7.49
C VAL D 195 18.71 18.09 7.82
N GLU D 196 18.89 17.13 8.70
CA GLU D 196 17.81 16.23 9.11
C GLU D 196 16.67 17.00 9.80
N ARG D 197 17.00 17.73 10.86
CA ARG D 197 16.01 18.48 11.64
C ARG D 197 15.38 19.61 10.82
N ASP D 198 16.24 20.37 10.15
CA ASP D 198 15.79 21.52 9.35
C ASP D 198 14.78 21.21 8.27
N PHE D 199 15.06 20.19 7.46
CA PHE D 199 14.25 19.91 6.28
C PHE D 199 13.31 18.72 6.40
N GLY D 200 13.41 18.02 7.52
CA GLY D 200 12.51 16.90 7.81
C GLY D 200 12.74 15.63 6.99
N CYS D 201 13.99 15.29 6.72
CA CYS D 201 14.24 14.12 5.91
C CYS D 201 15.53 13.42 6.28
N ALA D 202 15.69 12.19 5.85
CA ALA D 202 16.86 11.39 6.15
C ALA D 202 18.04 11.69 5.24
N VAL D 203 19.23 11.52 5.79
CA VAL D 203 20.42 11.61 5.02
C VAL D 203 21.04 10.22 5.07
N ILE D 204 21.11 9.54 3.92
CA ILE D 204 21.76 8.24 3.81
C ILE D 204 23.06 8.31 2.96
N SER D 205 23.82 7.23 3.00
CA SER D 205 25.08 7.20 2.29
C SER D 205 25.38 5.81 1.81
N ILE D 206 26.27 5.68 0.85
CA ILE D 206 26.69 4.38 0.35
C ILE D 206 27.46 3.67 1.47
N VAL D 207 28.33 4.41 2.14
CA VAL D 207 29.09 3.85 3.29
C VAL D 207 29.27 4.90 4.36
N SER D 208 29.56 4.45 5.56
CA SER D 208 29.79 5.32 6.68
C SER D 208 31.27 5.30 7.03
N LEU D 209 31.68 6.23 7.89
CA LEU D 209 33.05 6.23 8.38
C LEU D 209 33.34 4.90 9.06
N THR D 210 32.34 4.36 9.76
CA THR D 210 32.47 3.07 10.40
C THR D 210 32.83 1.97 9.44
N ASP D 211 32.24 2.00 8.25
CA ASP D 211 32.55 1.03 7.21
C ASP D 211 34.00 1.23 6.74
N LEU D 212 34.40 2.48 6.57
CA LEU D 212 35.75 2.76 6.16
C LEU D 212 36.71 2.19 7.17
N ILE D 213 36.41 2.34 8.46
CA ILE D 213 37.29 1.80 9.52
C ILE D 213 37.33 0.27 9.48
N THR D 214 36.17 -0.35 9.42
CA THR D 214 36.11 -1.82 9.32
C THR D 214 37.01 -2.28 8.16
N TYR D 215 36.80 -1.70 6.99
CA TYR D 215 37.60 -2.03 5.83
C TYR D 215 39.10 -1.93 6.07
N LEU D 216 39.54 -0.75 6.50
CA LEU D 216 40.96 -0.53 6.77
C LEU D 216 41.51 -1.61 7.69
N GLU D 217 40.74 -2.07 8.66
CA GLU D 217 41.20 -3.14 9.55
C GLU D 217 41.68 -4.41 8.82
N GLN D 218 41.04 -4.77 7.69
CA GLN D 218 41.48 -5.92 6.88
C GLN D 218 42.02 -5.49 5.53
N MET E 26 -1.15 8.60 31.03
CA MET E 26 -1.80 8.18 29.77
C MET E 26 -3.28 8.60 29.83
N LYS E 27 -3.89 8.79 28.66
N LYS E 27 -3.89 8.79 28.68
CA LYS E 27 -5.30 9.16 28.58
CA LYS E 27 -5.29 9.17 28.65
C LYS E 27 -6.24 7.98 28.80
C LYS E 27 -6.25 7.99 28.78
N ALA E 28 -7.49 8.31 29.11
CA ALA E 28 -8.54 7.32 29.31
C ALA E 28 -8.65 6.29 28.19
N TYR E 29 -8.55 6.70 26.93
CA TYR E 29 -8.76 5.73 25.86
C TYR E 29 -7.57 4.76 25.78
N GLN E 30 -6.38 5.19 26.20
CA GLN E 30 -5.20 4.32 26.18
C GLN E 30 -5.26 3.24 27.22
N ARG E 31 -5.63 3.62 28.44
CA ARG E 31 -5.80 2.67 29.54
C ARG E 31 -6.90 1.68 29.26
N GLU E 32 -8.02 2.20 28.77
CA GLU E 32 -9.17 1.36 28.44
C GLU E 32 -8.76 0.38 27.36
N PHE E 33 -7.92 0.84 26.42
CA PHE E 33 -7.56 -0.02 25.32
C PHE E 33 -6.74 -1.18 25.83
N ILE E 34 -5.86 -0.89 26.76
CA ILE E 34 -5.05 -1.90 27.40
C ILE E 34 -5.90 -2.89 28.23
N GLU E 35 -6.97 -2.39 28.85
CA GLU E 35 -7.93 -3.24 29.60
C GLU E 35 -8.74 -4.14 28.63
N PHE E 36 -9.21 -3.55 27.53
CA PHE E 36 -9.97 -4.30 26.47
C PHE E 36 -9.09 -5.44 25.89
N ALA E 37 -7.86 -5.10 25.54
CA ALA E 37 -6.92 -6.05 24.98
C ALA E 37 -6.68 -7.22 25.95
N LEU E 38 -6.51 -6.90 27.22
CA LEU E 38 -6.37 -7.90 28.26
C LEU E 38 -7.59 -8.79 28.37
N GLU E 39 -8.75 -8.16 28.43
CA GLU E 39 -9.98 -8.87 28.55
C GLU E 39 -10.15 -9.86 27.39
N LYS E 40 -9.76 -9.49 26.18
CA LYS E 40 -9.98 -10.38 25.06
C LYS E 40 -8.80 -11.29 24.73
N GLN E 41 -7.79 -11.31 25.59
CA GLN E 41 -6.60 -12.14 25.36
C GLN E 41 -5.74 -11.65 24.20
N VAL E 42 -6.00 -10.44 23.73
CA VAL E 42 -5.17 -9.85 22.70
C VAL E 42 -3.79 -9.53 23.28
N LEU E 43 -3.79 -8.98 24.48
CA LEU E 43 -2.56 -8.63 25.15
C LEU E 43 -2.42 -9.62 26.28
N LYS E 44 -1.26 -10.27 26.38
CA LYS E 44 -0.98 -11.17 27.49
C LYS E 44 0.44 -10.91 27.98
N PHE E 45 0.64 -10.99 29.29
CA PHE E 45 1.96 -10.87 29.86
C PHE E 45 2.44 -12.26 30.24
N GLY E 46 3.75 -12.47 30.22
CA GLY E 46 4.30 -13.77 30.54
C GLY E 46 5.64 -13.98 29.88
N GLU E 47 5.84 -15.19 29.36
CA GLU E 47 7.10 -15.54 28.73
C GLU E 47 6.73 -16.12 27.40
N PHE E 48 6.79 -15.28 26.37
CA PHE E 48 6.39 -15.67 25.03
C PHE E 48 7.58 -15.81 24.12
N THR E 49 7.38 -16.57 23.06
CA THR E 49 8.42 -16.83 22.09
C THR E 49 8.03 -16.10 20.81
N LEU E 50 8.83 -15.10 20.42
CA LEU E 50 8.57 -14.43 19.17
C LEU E 50 9.24 -15.22 18.08
N LYS E 51 8.46 -15.58 17.08
CA LYS E 51 8.98 -16.40 16.00
C LYS E 51 10.20 -15.69 15.39
N SER E 52 10.20 -14.35 15.46
CA SER E 52 11.32 -13.53 14.99
C SER E 52 12.61 -13.89 15.73
N GLY E 53 12.47 -14.53 16.88
CA GLY E 53 13.62 -14.94 17.65
C GLY E 53 13.47 -14.58 19.11
N ARG E 54 13.40 -13.27 19.39
CA ARG E 54 13.36 -12.80 20.79
C ARG E 54 12.35 -13.49 21.71
N LYS E 55 12.72 -13.59 22.98
CA LYS E 55 11.88 -14.15 24.02
C LYS E 55 11.20 -12.91 24.56
N SER E 56 9.88 -12.88 24.60
CA SER E 56 9.19 -11.67 25.02
C SER E 56 8.36 -11.82 26.29
N PRO E 57 8.37 -10.77 27.13
CA PRO E 57 7.56 -10.78 28.33
C PRO E 57 6.08 -10.50 28.04
N TYR E 58 5.75 -10.10 26.82
CA TYR E 58 4.35 -9.92 26.49
C TYR E 58 4.04 -10.39 25.08
N PHE E 59 2.75 -10.62 24.85
N PHE E 59 2.78 -10.71 24.82
CA PHE E 59 2.18 -11.14 23.62
CA PHE E 59 2.36 -11.03 23.46
C PHE E 59 1.08 -10.17 23.16
C PHE E 59 1.14 -10.18 23.14
N PHE E 60 1.09 -9.76 21.89
CA PHE E 60 0.01 -8.89 21.39
C PHE E 60 -0.38 -9.33 20.02
N ASN E 61 -1.61 -9.80 19.88
CA ASN E 61 -2.15 -10.22 18.59
C ASN E 61 -3.57 -9.65 18.36
N ALA E 62 -3.66 -8.59 17.59
CA ALA E 62 -4.93 -7.89 17.34
C ALA E 62 -5.94 -8.68 16.53
N GLY E 63 -5.49 -9.72 15.85
CA GLY E 63 -6.37 -10.60 15.08
C GLY E 63 -7.44 -11.24 15.96
N LEU E 64 -7.11 -11.45 17.24
CA LEU E 64 -8.03 -11.97 18.25
C LEU E 64 -9.23 -11.04 18.52
N PHE E 65 -9.22 -9.79 18.03
CA PHE E 65 -10.41 -8.92 18.13
C PHE E 65 -11.31 -9.36 16.97
N ASN E 66 -12.01 -10.46 17.14
CA ASN E 66 -12.66 -11.12 16.01
C ASN E 66 -14.17 -11.29 16.10
N THR E 67 -14.79 -10.51 16.98
CA THR E 67 -16.22 -10.49 17.11
C THR E 67 -16.69 -9.07 16.88
N GLY E 68 -17.99 -8.91 16.70
CA GLY E 68 -18.55 -7.64 16.52
C GLY E 68 -18.31 -6.66 17.64
N ARG E 69 -18.51 -7.04 18.88
CA ARG E 69 -18.25 -6.09 19.93
C ARG E 69 -16.75 -5.71 19.96
N ASP E 70 -15.86 -6.65 19.62
CA ASP E 70 -14.45 -6.28 19.57
C ASP E 70 -14.25 -5.25 18.50
N LEU E 71 -14.84 -5.49 17.34
CA LEU E 71 -14.65 -4.56 16.23
C LEU E 71 -15.25 -3.21 16.53
N ALA E 72 -16.33 -3.19 17.28
CA ALA E 72 -16.93 -1.95 17.70
C ALA E 72 -16.02 -1.21 18.67
N ARG E 73 -15.56 -1.85 19.77
CA ARG E 73 -14.68 -1.17 20.72
C ARG E 73 -13.34 -0.76 20.03
N LEU E 74 -12.76 -1.69 19.30
CA LEU E 74 -11.50 -1.44 18.61
C LEU E 74 -11.49 -0.17 17.75
N GLY E 75 -12.56 0.02 16.96
CA GLY E 75 -12.59 1.13 16.14
C GLY E 75 -12.76 2.47 16.84
N ARG E 76 -13.41 2.45 17.99
CA ARG E 76 -13.52 3.64 18.80
C ARG E 76 -12.16 4.02 19.40
N PHE E 77 -11.37 3.04 19.80
CA PHE E 77 -10.02 3.34 20.21
C PHE E 77 -9.20 3.91 19.02
N TYR E 78 -9.26 3.31 17.84
CA TYR E 78 -8.57 3.90 16.72
C TYR E 78 -9.04 5.34 16.47
N ALA E 79 -10.34 5.62 16.51
CA ALA E 79 -10.85 6.94 16.20
C ALA E 79 -10.38 7.92 17.26
N ALA E 80 -10.34 7.44 18.48
CA ALA E 80 -9.92 8.25 19.62
C ALA E 80 -8.46 8.66 19.43
N ALA E 81 -7.61 7.71 18.99
CA ALA E 81 -6.18 7.99 18.71
C ALA E 81 -6.02 8.95 17.53
N LEU E 82 -6.81 8.78 16.49
CA LEU E 82 -6.73 9.72 15.37
C LEU E 82 -7.04 11.13 15.76
N VAL E 83 -8.18 11.31 16.43
CA VAL E 83 -8.60 12.61 16.90
C VAL E 83 -7.58 13.23 17.85
N ASP E 84 -7.07 12.45 18.78
CA ASP E 84 -6.03 12.90 19.69
C ASP E 84 -4.75 13.35 18.98
N SER E 85 -4.37 12.68 17.89
CA SER E 85 -3.13 13.06 17.20
C SER E 85 -3.26 14.44 16.60
N GLY E 86 -4.45 14.78 16.16
CA GLY E 86 -4.67 16.06 15.52
C GLY E 86 -4.28 16.09 14.05
N ILE E 87 -3.72 15.01 13.52
CA ILE E 87 -3.27 15.01 12.12
C ILE E 87 -4.46 15.15 11.17
N GLU E 88 -4.40 16.12 10.26
N GLU E 88 -4.42 16.12 10.26
CA GLU E 88 -5.47 16.29 9.30
CA GLU E 88 -5.51 16.32 9.32
C GLU E 88 -5.33 15.23 8.19
C GLU E 88 -5.37 15.41 8.08
N PHE E 89 -6.46 14.71 7.73
CA PHE E 89 -6.46 13.77 6.59
C PHE E 89 -7.78 13.91 5.81
N ASP E 90 -7.74 13.66 4.51
CA ASP E 90 -8.91 13.75 3.64
C ASP E 90 -9.58 12.41 3.35
N VAL E 91 -8.87 11.32 3.53
CA VAL E 91 -9.44 10.00 3.24
C VAL E 91 -8.72 9.01 4.14
N LEU E 92 -9.49 8.05 4.65
CA LEU E 92 -9.00 7.00 5.51
C LEU E 92 -8.88 5.76 4.63
N PHE E 93 -7.66 5.24 4.51
CA PHE E 93 -7.39 4.11 3.61
C PHE E 93 -7.01 2.85 4.39
N GLY E 94 -7.63 1.75 4.02
CA GLY E 94 -7.35 0.49 4.67
C GLY E 94 -6.79 -0.47 3.64
N PRO E 95 -5.56 -0.94 3.81
CA PRO E 95 -5.04 -1.86 2.79
C PRO E 95 -5.55 -3.30 2.91
N ALA E 96 -5.79 -3.90 1.75
CA ALA E 96 -6.27 -5.27 1.68
C ALA E 96 -5.16 -6.15 2.27
N TYR E 97 -5.47 -7.10 3.16
CA TYR E 97 -6.80 -7.36 3.65
C TYR E 97 -7.05 -6.87 5.08
N LYS E 98 -6.04 -6.92 5.94
CA LYS E 98 -6.22 -6.60 7.36
C LYS E 98 -6.69 -5.18 7.60
N GLY E 99 -6.34 -4.28 6.69
CA GLY E 99 -6.67 -2.90 6.84
C GLY E 99 -8.11 -2.61 6.56
N ILE E 100 -8.82 -3.51 5.87
CA ILE E 100 -10.22 -3.27 5.46
C ILE E 100 -11.25 -3.18 6.60
N PRO E 101 -11.28 -4.18 7.50
CA PRO E 101 -12.18 -4.08 8.62
C PRO E 101 -11.79 -2.95 9.58
N ILE E 102 -10.50 -2.73 9.76
CA ILE E 102 -10.07 -1.68 10.68
C ILE E 102 -10.41 -0.31 10.15
N ALA E 103 -10.21 -0.06 8.85
CA ALA E 103 -10.58 1.21 8.27
C ALA E 103 -12.08 1.38 8.31
N THR E 104 -12.82 0.31 8.06
CA THR E 104 -14.28 0.34 8.14
C THR E 104 -14.83 0.74 9.53
N THR E 105 -14.44 0.03 10.55
CA THR E 105 -14.90 0.27 11.89
C THR E 105 -14.42 1.60 12.42
N THR E 106 -13.20 2.01 12.06
CA THR E 106 -12.70 3.30 12.48
C THR E 106 -13.50 4.43 11.89
N ALA E 107 -13.96 4.26 10.63
CA ALA E 107 -14.72 5.28 9.90
C ALA E 107 -16.17 5.36 10.38
N VAL E 108 -16.67 4.23 10.84
CA VAL E 108 -17.96 4.21 11.44
C VAL E 108 -17.92 4.98 12.79
N ALA E 109 -16.89 4.75 13.58
CA ALA E 109 -16.82 5.36 14.83
C ALA E 109 -16.61 6.86 14.73
N LEU E 110 -15.70 7.26 13.84
CA LEU E 110 -15.48 8.64 13.63
C LEU E 110 -16.85 9.28 13.37
N ALA E 111 -17.66 8.63 12.54
CA ALA E 111 -18.97 9.18 12.13
C ALA E 111 -20.01 9.14 13.23
N ASP E 112 -20.05 8.05 13.97
CA ASP E 112 -21.09 7.94 15.02
C ASP E 112 -20.76 8.59 16.39
N HIS E 113 -19.48 8.61 16.76
CA HIS E 113 -19.02 9.11 18.03
C HIS E 113 -18.31 10.41 17.98
N HIS E 114 -17.90 10.85 16.80
CA HIS E 114 -17.15 12.10 16.69
C HIS E 114 -17.74 13.10 15.72
N ASP E 115 -18.89 12.78 15.14
CA ASP E 115 -19.50 13.68 14.16
C ASP E 115 -18.46 14.04 13.10
N VAL E 116 -17.65 13.07 12.68
CA VAL E 116 -16.67 13.25 11.57
C VAL E 116 -17.05 12.22 10.48
N ASP E 117 -17.43 12.72 9.32
CA ASP E 117 -17.82 11.86 8.22
C ASP E 117 -16.67 11.78 7.22
N THR E 118 -15.73 10.86 7.40
CA THR E 118 -14.58 10.80 6.49
C THR E 118 -14.80 9.88 5.29
N PRO E 119 -14.32 10.29 4.13
CA PRO E 119 -14.25 9.39 3.01
C PRO E 119 -13.34 8.23 3.45
N TYR E 120 -13.57 7.06 2.88
CA TYR E 120 -12.75 5.93 3.19
C TYR E 120 -12.59 5.25 1.88
N CYS E 121 -11.54 4.44 1.81
CA CYS E 121 -11.19 3.79 0.59
C CYS E 121 -10.40 2.52 0.90
N PHE E 122 -10.51 1.49 0.08
CA PHE E 122 -9.58 0.37 0.24
C PHE E 122 -9.29 -0.29 -1.12
N ASN E 123 -8.22 -1.06 -1.20
CA ASN E 123 -7.86 -1.66 -2.48
C ASN E 123 -8.17 -3.16 -2.62
N ARG E 124 -8.23 -3.61 -3.87
CA ARG E 124 -8.28 -5.03 -4.18
C ARG E 124 -6.83 -5.41 -4.50
N LYS E 125 -6.47 -6.67 -4.25
CA LYS E 125 -5.12 -7.14 -4.51
C LYS E 125 -4.91 -6.97 -6.01
N GLU E 126 -5.81 -7.53 -6.79
CA GLU E 126 -5.66 -7.61 -8.24
C GLU E 126 -4.22 -7.30 -8.65
N ASN E 135 -6.94 -0.92 -8.19
CA ASN E 135 -8.39 -0.89 -8.22
C ASN E 135 -8.91 -0.65 -6.80
N LEU E 136 -9.74 0.38 -6.67
CA LEU E 136 -10.21 0.88 -5.39
C LEU E 136 -11.70 0.71 -5.13
N VAL E 137 -12.02 0.52 -3.87
CA VAL E 137 -13.39 0.45 -3.44
C VAL E 137 -13.59 1.64 -2.51
N GLY E 138 -14.72 2.32 -2.68
CA GLY E 138 -15.10 3.45 -1.85
C GLY E 138 -14.78 4.75 -2.56
N SER E 139 -14.14 5.65 -1.81
CA SER E 139 -13.80 6.97 -2.29
C SER E 139 -12.52 6.96 -3.08
N LYS E 140 -12.24 8.06 -3.76
CA LYS E 140 -10.99 8.25 -4.48
C LYS E 140 -9.80 8.50 -3.55
N LEU E 141 -8.64 7.98 -3.93
CA LEU E 141 -7.42 8.24 -3.19
C LEU E 141 -6.90 9.59 -3.59
N GLU E 142 -7.34 10.63 -2.93
CA GLU E 142 -6.82 11.94 -3.25
C GLU E 142 -6.63 12.75 -1.99
N GLY E 143 -5.72 13.72 -2.06
CA GLY E 143 -5.35 14.56 -0.93
C GLY E 143 -4.51 13.84 0.12
N ARG E 144 -4.77 14.18 1.38
CA ARG E 144 -4.03 13.65 2.49
C ARG E 144 -4.64 12.32 2.96
N VAL E 145 -3.86 11.25 2.84
CA VAL E 145 -4.30 9.91 3.12
C VAL E 145 -3.80 9.44 4.45
N MET E 146 -4.73 8.96 5.29
CA MET E 146 -4.41 8.37 6.55
C MET E 146 -4.55 6.86 6.38
N LEU E 147 -3.44 6.13 6.52
CA LEU E 147 -3.48 4.71 6.34
C LEU E 147 -3.64 4.07 7.71
N VAL E 148 -4.62 3.15 7.85
CA VAL E 148 -4.84 2.42 9.10
C VAL E 148 -4.60 0.93 8.92
N ASP E 149 -3.85 0.37 9.85
CA ASP E 149 -3.56 -1.05 9.81
C ASP E 149 -3.43 -1.61 11.23
N ASP E 150 -3.20 -2.90 11.32
CA ASP E 150 -3.09 -3.53 12.64
C ASP E 150 -1.72 -3.24 13.27
N VAL E 151 -0.66 -3.56 12.55
CA VAL E 151 0.69 -3.42 13.10
C VAL E 151 1.66 -3.10 11.97
N ILE E 152 2.88 -2.76 12.35
CA ILE E 152 3.93 -2.59 11.36
C ILE E 152 4.95 -3.63 11.73
N THR E 153 5.02 -4.69 10.95
CA THR E 153 6.04 -5.68 11.22
C THR E 153 7.34 -5.25 10.52
N ALA E 154 7.29 -4.98 9.21
CA ALA E 154 8.49 -4.59 8.47
C ALA E 154 8.32 -3.61 7.30
N GLY E 155 7.21 -2.86 7.24
CA GLY E 155 6.99 -1.86 6.17
C GLY E 155 6.34 -2.32 4.86
N THR E 156 6.37 -3.64 4.62
CA THR E 156 5.84 -4.27 3.39
C THR E 156 4.47 -3.73 2.94
N ALA E 157 3.53 -3.65 3.88
CA ALA E 157 2.17 -3.24 3.57
C ALA E 157 2.08 -1.77 3.17
N ILE E 158 2.82 -0.92 3.85
CA ILE E 158 2.77 0.49 3.53
C ILE E 158 3.36 0.66 2.14
N ARG E 159 4.26 -0.24 1.73
CA ARG E 159 4.92 -0.10 0.45
C ARG E 159 3.98 -0.25 -0.73
N GLU E 160 3.20 -1.30 -0.74
CA GLU E 160 2.17 -1.48 -1.77
C GLU E 160 1.18 -0.33 -1.76
N SER E 161 0.74 0.02 -0.55
CA SER E 161 -0.26 1.06 -0.38
C SER E 161 0.28 2.37 -0.91
N MET E 162 1.55 2.66 -0.57
CA MET E 162 2.24 3.87 -1.04
C MET E 162 2.29 3.93 -2.55
N GLU E 163 2.64 2.81 -3.17
CA GLU E 163 2.69 2.74 -4.62
C GLU E 163 1.37 3.22 -5.23
N LEU E 164 0.25 2.87 -4.59
CA LEU E 164 -1.06 3.32 -5.05
C LEU E 164 -1.27 4.81 -4.79
N ILE E 165 -0.75 5.29 -3.68
CA ILE E 165 -0.97 6.68 -3.27
C ILE E 165 -0.19 7.58 -4.20
N GLN E 166 1.10 7.30 -4.32
CA GLN E 166 1.92 8.07 -5.24
C GLN E 166 1.29 8.00 -6.64
N ALA E 167 0.88 6.81 -7.08
CA ALA E 167 0.26 6.64 -8.42
C ALA E 167 -0.91 7.58 -8.64
N ASN E 168 -1.58 7.95 -7.54
CA ASN E 168 -2.73 8.85 -7.58
C ASN E 168 -2.39 10.30 -7.22
N LYS E 169 -1.10 10.53 -6.97
CA LYS E 169 -0.53 11.84 -6.63
C LYS E 169 -1.11 12.44 -5.37
N ALA E 170 -1.73 11.62 -4.54
CA ALA E 170 -2.18 12.03 -3.21
C ALA E 170 -0.93 11.90 -2.35
N ASP E 171 -1.04 12.15 -1.06
CA ASP E 171 0.11 11.90 -0.20
C ASP E 171 -0.24 11.21 1.12
N LEU E 172 0.75 10.48 1.63
CA LEU E 172 0.61 9.73 2.85
C LEU E 172 0.82 10.67 4.01
N ALA E 173 -0.28 11.05 4.67
CA ALA E 173 -0.19 11.93 5.81
C ALA E 173 0.16 11.19 7.09
N GLY E 174 -0.19 9.93 7.18
CA GLY E 174 0.06 9.19 8.41
C GLY E 174 -0.34 7.73 8.32
N VAL E 175 0.15 6.98 9.27
CA VAL E 175 -0.17 5.61 9.38
C VAL E 175 -0.57 5.42 10.85
N LEU E 176 -1.68 4.73 11.06
CA LEU E 176 -2.19 4.46 12.41
C LEU E 176 -2.28 2.96 12.63
N VAL E 177 -1.67 2.52 13.72
CA VAL E 177 -1.57 1.13 14.16
C VAL E 177 -1.99 1.02 15.63
N ALA E 178 -2.20 -0.20 16.06
CA ALA E 178 -2.71 -0.43 17.41
C ALA E 178 -1.65 -0.22 18.44
N ILE E 179 -0.48 -0.78 18.20
CA ILE E 179 0.57 -0.67 19.16
C ILE E 179 1.89 -0.31 18.55
N ASP E 180 2.68 0.44 19.32
CA ASP E 180 4.05 0.81 18.97
C ASP E 180 4.98 0.13 19.98
N ARG E 181 5.61 -0.97 19.58
CA ARG E 181 6.44 -1.72 20.51
C ARG E 181 7.70 -1.01 20.94
N GLN E 182 8.10 -0.01 20.19
CA GLN E 182 9.27 0.80 20.50
C GLN E 182 10.54 -0.02 20.69
N GLU E 183 10.78 -0.94 19.77
CA GLU E 183 11.95 -1.76 19.90
C GLU E 183 12.78 -1.74 18.63
N LYS E 184 14.09 -1.80 18.83
CA LYS E 184 15.06 -1.78 17.74
C LYS E 184 14.70 -2.79 16.66
N GLY E 185 15.13 -2.48 15.45
CA GLY E 185 14.90 -3.36 14.31
C GLY E 185 16.19 -4.04 13.96
N LYS E 186 16.31 -4.47 12.70
CA LYS E 186 17.52 -5.13 12.26
C LYS E 186 18.70 -4.41 12.92
N GLY E 187 18.62 -3.08 12.94
CA GLY E 187 19.64 -2.26 13.60
C GLY E 187 19.28 -0.81 13.83
N GLU E 188 19.18 -0.43 15.11
CA GLU E 188 18.99 0.97 15.54
C GLU E 188 17.78 1.89 15.28
N LEU E 189 16.83 1.40 14.50
CA LEU E 189 15.68 2.22 14.14
C LEU E 189 14.60 1.19 14.35
N SER E 190 13.50 1.61 14.97
CA SER E 190 12.34 0.74 15.14
C SER E 190 11.67 0.56 13.80
N ALA E 191 10.76 -0.40 13.74
CA ALA E 191 9.92 -0.67 12.56
C ALA E 191 9.16 0.60 12.13
N ILE E 192 8.59 1.27 13.13
CA ILE E 192 7.86 2.53 12.98
C ILE E 192 8.77 3.66 12.47
N GLN E 193 9.96 3.79 13.05
CA GLN E 193 10.93 4.79 12.61
C GLN E 193 11.34 4.57 11.15
N GLU E 194 11.40 3.32 10.72
CA GLU E 194 11.75 3.01 9.34
C GLU E 194 10.63 3.41 8.34
N VAL E 195 9.37 3.24 8.76
CA VAL E 195 8.24 3.63 7.92
C VAL E 195 8.28 5.15 7.78
N GLU E 196 8.58 5.84 8.87
CA GLU E 196 8.63 7.29 8.88
C GLU E 196 9.73 7.81 7.99
N ARG E 197 10.86 7.13 8.06
CA ARG E 197 12.02 7.49 7.31
C ARG E 197 11.81 7.19 5.79
N ASP E 198 11.30 5.99 5.46
CA ASP E 198 11.13 5.56 4.06
C ASP E 198 9.96 6.28 3.33
N PHE E 199 8.89 6.62 4.07
CA PHE E 199 7.69 7.21 3.44
C PHE E 199 7.41 8.67 3.80
N GLY E 200 8.08 9.19 4.82
CA GLY E 200 7.92 10.61 5.23
C GLY E 200 6.63 10.97 5.98
N CYS E 201 5.97 9.98 6.59
CA CYS E 201 4.73 10.26 7.31
C CYS E 201 4.88 10.00 8.78
N ALA E 202 3.95 10.55 9.53
CA ALA E 202 3.86 10.30 10.93
C ALA E 202 3.27 8.92 11.15
N VAL E 203 3.84 8.11 12.01
CA VAL E 203 3.15 6.88 12.44
C VAL E 203 2.49 7.17 13.82
N ILE E 204 1.21 6.88 13.95
CA ILE E 204 0.42 7.04 15.16
C ILE E 204 0.09 5.66 15.77
N SER E 205 0.10 5.51 17.09
CA SER E 205 -0.37 4.24 17.68
C SER E 205 -1.46 4.50 18.73
N ILE E 206 -2.17 3.46 19.14
CA ILE E 206 -3.14 3.65 20.19
C ILE E 206 -2.37 3.77 21.51
N VAL E 207 -1.49 2.79 21.74
CA VAL E 207 -0.63 2.76 22.89
C VAL E 207 0.76 2.27 22.45
N SER E 208 1.74 2.43 23.32
CA SER E 208 3.11 1.97 23.07
C SER E 208 3.53 1.10 24.23
N LEU E 209 4.79 0.66 24.20
CA LEU E 209 5.38 -0.17 25.25
C LEU E 209 5.51 0.61 26.55
N THR E 210 5.82 1.89 26.46
CA THR E 210 5.91 2.74 27.65
C THR E 210 4.53 2.82 28.31
N ASP E 211 3.48 2.81 27.49
CA ASP E 211 2.11 2.86 28.00
C ASP E 211 1.81 1.56 28.74
N LEU E 212 2.31 0.43 28.22
CA LEU E 212 2.11 -0.85 28.90
C LEU E 212 2.77 -0.81 30.27
N ILE E 213 3.97 -0.24 30.32
CA ILE E 213 4.74 -0.12 31.55
C ILE E 213 4.01 0.79 32.54
N THR E 214 3.55 1.93 32.05
CA THR E 214 2.81 2.85 32.92
C THR E 214 1.60 2.16 33.50
N TYR E 215 0.94 1.33 32.69
CA TYR E 215 -0.23 0.58 33.17
C TYR E 215 0.10 -0.33 34.35
N LEU E 216 1.11 -1.15 34.17
CA LEU E 216 1.53 -2.05 35.19
C LEU E 216 1.94 -1.27 36.45
N GLU E 217 2.73 -0.22 36.30
CA GLU E 217 3.19 0.58 37.42
C GLU E 217 2.05 1.24 38.18
N GLN E 218 1.08 1.78 37.44
CA GLN E 218 -0.04 2.47 38.05
C GLN E 218 -1.00 1.54 38.77
N GLN E 219 -0.95 0.24 38.49
CA GLN E 219 -1.83 -0.70 39.20
C GLN E 219 -1.46 -0.69 40.66
N GLY E 220 -2.41 -0.31 41.52
CA GLY E 220 -2.15 -0.11 42.96
C GLY E 220 -2.11 -1.35 43.84
N ASN E 221 -0.89 -1.78 44.17
CA ASN E 221 -0.62 -2.98 45.01
C ASN E 221 -1.87 -3.73 45.50
N ASN E 222 -2.24 -4.71 44.67
CA ASN E 222 -3.45 -5.50 44.82
C ASN E 222 -3.52 -6.30 46.12
N THR E 223 -2.54 -7.19 46.34
CA THR E 223 -2.54 -8.05 47.53
C THR E 223 -2.68 -7.24 48.83
N GLU E 224 -2.13 -6.02 48.85
CA GLU E 224 -2.26 -5.12 49.99
C GLU E 224 -3.74 -4.81 50.25
N HIS E 225 -4.41 -4.29 49.24
CA HIS E 225 -5.82 -3.95 49.37
C HIS E 225 -6.72 -5.20 49.47
N LEU E 226 -6.35 -6.26 48.74
CA LEU E 226 -7.14 -7.50 48.72
C LEU E 226 -7.26 -8.10 50.12
N GLU E 227 -6.16 -8.01 50.87
CA GLU E 227 -6.12 -8.53 52.22
C GLU E 227 -7.00 -7.67 53.13
N ALA E 228 -6.85 -6.36 53.01
CA ALA E 228 -7.57 -5.40 53.86
C ALA E 228 -9.09 -5.52 53.66
N VAL E 229 -9.49 -5.65 52.40
CA VAL E 229 -10.90 -5.74 52.02
C VAL E 229 -11.55 -7.04 52.51
N LYS E 230 -10.78 -8.13 52.52
CA LYS E 230 -11.26 -9.39 53.09
C LYS E 230 -11.32 -9.36 54.61
N ALA E 231 -10.42 -8.59 55.22
CA ALA E 231 -10.42 -8.39 56.68
C ALA E 231 -11.70 -7.66 57.04
N TYR E 232 -11.98 -6.61 56.27
CA TYR E 232 -13.20 -5.85 56.47
C TYR E 232 -14.39 -6.78 56.24
N ARG E 233 -14.29 -7.64 55.24
CA ARG E 233 -15.35 -8.59 54.92
C ARG E 233 -15.57 -9.47 56.15
N ALA E 234 -14.51 -10.12 56.61
CA ALA E 234 -14.57 -11.01 57.78
C ALA E 234 -15.30 -10.34 58.97
N GLN E 235 -14.85 -9.14 59.34
CA GLN E 235 -15.42 -8.41 60.45
C GLN E 235 -16.88 -7.99 60.25
N TYR E 236 -17.21 -7.46 59.07
CA TYR E 236 -18.57 -6.95 58.84
C TYR E 236 -19.33 -7.65 57.71
N GLY E 237 -18.83 -8.81 57.26
CA GLY E 237 -19.42 -9.53 56.13
C GLY E 237 -20.79 -10.20 56.23
N ILE E 238 -21.56 -10.04 55.14
CA ILE E 238 -22.91 -10.61 54.93
C ILE E 238 -24.02 -9.74 55.54
N MET F 26 -44.32 -1.93 3.97
CA MET F 26 -42.93 -2.31 4.33
C MET F 26 -42.58 -1.70 5.68
N LYS F 27 -41.55 -2.26 6.32
CA LYS F 27 -41.08 -1.76 7.59
C LYS F 27 -40.31 -0.43 7.49
N ALA F 28 -40.25 0.28 8.63
CA ALA F 28 -39.52 1.54 8.73
C ALA F 28 -38.10 1.41 8.20
N TYR F 29 -37.36 0.42 8.67
CA TYR F 29 -35.96 0.28 8.23
C TYR F 29 -35.84 0.07 6.72
N GLN F 30 -36.87 -0.52 6.10
CA GLN F 30 -36.89 -0.78 4.64
C GLN F 30 -37.12 0.49 3.88
N ARG F 31 -38.10 1.27 4.29
CA ARG F 31 -38.35 2.58 3.69
C ARG F 31 -37.11 3.45 3.85
N GLU F 32 -36.54 3.44 5.06
CA GLU F 32 -35.35 4.24 5.35
C GLU F 32 -34.12 3.76 4.56
N PHE F 33 -33.90 2.43 4.46
CA PHE F 33 -32.82 1.94 3.62
C PHE F 33 -32.88 2.43 2.19
N ILE F 34 -34.08 2.33 1.62
CA ILE F 34 -34.30 2.71 0.26
C ILE F 34 -34.02 4.21 0.04
N GLU F 35 -34.57 5.08 0.87
CA GLU F 35 -34.24 6.52 0.76
C GLU F 35 -32.73 6.78 0.90
N PHE F 36 -32.07 6.05 1.81
CA PHE F 36 -30.64 6.18 2.00
C PHE F 36 -29.84 5.79 0.77
N ALA F 37 -30.12 4.60 0.22
CA ALA F 37 -29.39 4.11 -0.95
C ALA F 37 -29.65 4.96 -2.21
N LEU F 38 -30.87 5.47 -2.36
CA LEU F 38 -31.19 6.37 -3.47
C LEU F 38 -30.49 7.70 -3.36
N GLU F 39 -30.47 8.30 -2.17
CA GLU F 39 -29.92 9.63 -2.00
C GLU F 39 -28.49 9.63 -2.50
N LYS F 40 -27.86 8.48 -2.48
CA LYS F 40 -26.47 8.43 -2.88
C LYS F 40 -26.31 7.81 -4.26
N GLN F 41 -27.43 7.66 -4.97
CA GLN F 41 -27.51 6.92 -6.21
C GLN F 41 -26.63 5.68 -6.22
N VAL F 42 -26.62 4.97 -5.09
CA VAL F 42 -25.96 3.69 -5.02
C VAL F 42 -26.94 2.61 -5.54
N LEU F 43 -28.21 2.82 -5.22
CA LEU F 43 -29.31 2.00 -5.67
C LEU F 43 -30.00 2.75 -6.82
N LYS F 44 -30.27 2.07 -7.91
CA LYS F 44 -31.00 2.70 -9.01
C LYS F 44 -32.02 1.73 -9.55
N PHE F 45 -33.14 2.28 -10.01
CA PHE F 45 -34.20 1.52 -10.67
C PHE F 45 -34.14 1.95 -12.12
N GLY F 46 -34.29 1.00 -13.02
CA GLY F 46 -34.21 1.30 -14.43
C GLY F 46 -34.06 0.00 -15.16
N GLU F 47 -33.49 0.07 -16.35
CA GLU F 47 -33.22 -1.08 -17.21
C GLU F 47 -31.69 -1.17 -17.24
N PHE F 48 -31.14 -2.24 -16.66
CA PHE F 48 -29.68 -2.35 -16.54
C PHE F 48 -29.09 -3.68 -16.98
N THR F 49 -28.06 -3.58 -17.81
CA THR F 49 -27.33 -4.74 -18.31
C THR F 49 -26.10 -5.06 -17.45
N LEU F 50 -26.12 -6.21 -16.77
CA LEU F 50 -25.02 -6.58 -15.89
C LEU F 50 -23.85 -7.14 -16.70
N LYS F 51 -22.65 -7.11 -16.11
CA LYS F 51 -21.46 -7.56 -16.83
C LYS F 51 -21.60 -8.99 -17.33
N SER F 52 -22.43 -9.79 -16.65
CA SER F 52 -22.71 -11.16 -17.10
C SER F 52 -23.48 -11.13 -18.43
N GLY F 53 -23.86 -9.93 -18.87
CA GLY F 53 -24.53 -9.73 -20.15
C GLY F 53 -26.05 -9.89 -20.16
N ARG F 54 -26.66 -9.92 -18.97
CA ARG F 54 -28.11 -10.13 -18.86
C ARG F 54 -28.76 -8.88 -18.22
N LYS F 55 -30.05 -8.66 -18.48
CA LYS F 55 -30.76 -7.50 -17.95
C LYS F 55 -31.22 -7.58 -16.49
N SER F 56 -31.32 -6.42 -15.85
CA SER F 56 -31.77 -6.33 -14.49
C SER F 56 -32.54 -5.04 -14.36
N PRO F 57 -33.64 -5.06 -13.61
CA PRO F 57 -34.43 -3.85 -13.36
C PRO F 57 -33.84 -2.99 -12.23
N TYR F 58 -32.83 -3.49 -11.55
CA TYR F 58 -32.22 -2.70 -10.46
C TYR F 58 -30.71 -2.78 -10.55
N PHE F 59 -30.07 -1.79 -9.96
CA PHE F 59 -28.63 -1.76 -9.86
C PHE F 59 -28.27 -1.36 -8.43
N PHE F 60 -27.34 -2.09 -7.85
CA PHE F 60 -26.89 -1.79 -6.51
C PHE F 60 -25.43 -2.18 -6.41
N ASN F 61 -24.58 -1.26 -5.95
CA ASN F 61 -23.13 -1.53 -5.76
C ASN F 61 -22.62 -0.88 -4.48
N ALA F 62 -22.45 -1.65 -3.40
CA ALA F 62 -22.04 -1.12 -2.14
C ALA F 62 -20.69 -0.40 -2.24
N GLY F 63 -19.90 -0.72 -3.26
CA GLY F 63 -18.63 -0.05 -3.55
C GLY F 63 -18.77 1.42 -3.83
N LEU F 64 -19.96 1.87 -4.19
CA LEU F 64 -20.17 3.28 -4.42
C LEU F 64 -20.36 4.07 -3.13
N PHE F 65 -20.64 3.42 -2.01
CA PHE F 65 -20.71 4.18 -0.76
C PHE F 65 -19.33 4.70 -0.55
N ASN F 66 -19.17 5.92 -0.07
CA ASN F 66 -17.81 6.42 0.04
C ASN F 66 -17.35 7.08 1.37
N THR F 67 -18.22 7.07 2.39
CA THR F 67 -17.90 7.69 3.67
C THR F 67 -18.21 6.83 4.89
N GLY F 68 -17.63 7.25 5.98
CA GLY F 68 -17.81 6.60 7.24
C GLY F 68 -19.27 6.57 7.68
N ARG F 69 -19.97 7.67 7.48
CA ARG F 69 -21.42 7.74 7.75
C ARG F 69 -22.24 6.81 6.87
N ASP F 70 -21.88 6.65 5.61
CA ASP F 70 -22.57 5.65 4.77
C ASP F 70 -22.37 4.26 5.37
N LEU F 71 -21.14 3.94 5.72
CA LEU F 71 -20.86 2.64 6.28
C LEU F 71 -21.56 2.36 7.61
N ALA F 72 -21.59 3.33 8.53
CA ALA F 72 -22.20 3.07 9.87
C ALA F 72 -23.70 2.73 9.69
N ARG F 73 -24.32 3.52 8.85
CA ARG F 73 -25.73 3.35 8.51
C ARG F 73 -26.05 2.08 7.76
N LEU F 74 -25.32 1.80 6.69
CA LEU F 74 -25.55 0.58 5.92
C LEU F 74 -25.63 -0.61 6.84
N GLY F 75 -24.68 -0.65 7.77
CA GLY F 75 -24.59 -1.69 8.74
C GLY F 75 -25.79 -1.81 9.66
N ARG F 76 -26.33 -0.67 10.11
CA ARG F 76 -27.54 -0.74 10.90
C ARG F 76 -28.69 -1.27 10.08
N PHE F 77 -28.67 -1.01 8.78
CA PHE F 77 -29.78 -1.54 7.93
C PHE F 77 -29.65 -3.04 7.75
N TYR F 78 -28.43 -3.54 7.60
CA TYR F 78 -28.24 -4.99 7.48
C TYR F 78 -28.56 -5.67 8.79
N ALA F 79 -28.13 -5.07 9.88
CA ALA F 79 -28.40 -5.65 11.20
C ALA F 79 -29.91 -5.69 11.49
N ALA F 80 -30.64 -4.64 11.12
CA ALA F 80 -32.08 -4.66 11.35
C ALA F 80 -32.74 -5.78 10.52
N ALA F 81 -32.35 -5.90 9.27
CA ALA F 81 -32.90 -6.96 8.41
C ALA F 81 -32.54 -8.36 8.98
N LEU F 82 -31.34 -8.51 9.49
CA LEU F 82 -30.90 -9.79 10.07
C LEU F 82 -31.70 -10.18 11.32
N VAL F 83 -31.92 -9.22 12.20
CA VAL F 83 -32.66 -9.41 13.41
C VAL F 83 -34.09 -9.71 13.03
N ASP F 84 -34.64 -8.93 12.12
CA ASP F 84 -36.01 -9.15 11.66
C ASP F 84 -36.22 -10.57 11.04
N SER F 85 -35.18 -11.14 10.41
CA SER F 85 -35.32 -12.43 9.74
C SER F 85 -35.45 -13.57 10.73
N GLY F 86 -34.83 -13.42 11.90
CA GLY F 86 -34.89 -14.45 12.93
C GLY F 86 -34.06 -15.69 12.61
N ILE F 87 -33.14 -15.57 11.65
CA ILE F 87 -32.28 -16.68 11.29
C ILE F 87 -31.12 -16.72 12.29
N GLU F 88 -30.90 -17.91 12.86
CA GLU F 88 -29.84 -18.12 13.83
C GLU F 88 -28.56 -18.44 13.06
N PHE F 89 -27.44 -17.91 13.54
CA PHE F 89 -26.16 -18.15 12.93
C PHE F 89 -25.12 -17.93 14.00
N ASP F 90 -24.00 -18.61 13.87
CA ASP F 90 -22.93 -18.51 14.85
C ASP F 90 -21.80 -17.61 14.35
N VAL F 91 -21.72 -17.39 13.05
CA VAL F 91 -20.64 -16.56 12.51
C VAL F 91 -21.19 -15.75 11.37
N LEU F 92 -20.78 -14.48 11.33
CA LEU F 92 -21.12 -13.57 10.24
C LEU F 92 -19.94 -13.46 9.24
N PHE F 93 -20.18 -13.79 7.97
CA PHE F 93 -19.15 -13.87 6.96
C PHE F 93 -19.28 -12.83 5.87
N GLY F 94 -18.18 -12.20 5.55
CA GLY F 94 -18.15 -11.27 4.45
C GLY F 94 -17.29 -11.77 3.31
N PRO F 95 -17.87 -12.03 2.14
CA PRO F 95 -17.11 -12.45 0.99
C PRO F 95 -16.21 -11.35 0.45
N ALA F 96 -15.02 -11.68 -0.02
CA ALA F 96 -14.15 -10.65 -0.60
C ALA F 96 -14.73 -10.21 -1.96
N TYR F 97 -14.64 -8.92 -2.27
CA TYR F 97 -14.13 -7.86 -1.36
C TYR F 97 -15.27 -7.05 -0.74
N LYS F 98 -16.37 -6.79 -1.46
CA LYS F 98 -17.43 -5.94 -0.91
C LYS F 98 -18.08 -6.49 0.37
N GLY F 99 -17.99 -7.80 0.57
CA GLY F 99 -18.56 -8.41 1.77
C GLY F 99 -17.82 -8.04 3.04
N ILE F 100 -16.54 -7.68 2.88
CA ILE F 100 -15.71 -7.42 4.05
C ILE F 100 -16.14 -6.15 4.80
N PRO F 101 -16.29 -5.00 4.12
CA PRO F 101 -16.78 -3.86 4.90
C PRO F 101 -18.23 -4.08 5.35
N ILE F 102 -19.03 -4.77 4.52
CA ILE F 102 -20.43 -5.00 4.86
C ILE F 102 -20.54 -5.79 6.18
N ALA F 103 -19.79 -6.88 6.27
CA ALA F 103 -19.87 -7.74 7.42
C ALA F 103 -19.32 -7.02 8.59
N THR F 104 -18.30 -6.20 8.36
CA THR F 104 -17.69 -5.44 9.44
C THR F 104 -18.70 -4.41 9.98
N THR F 105 -19.34 -3.60 9.14
CA THR F 105 -20.22 -2.59 9.68
C THR F 105 -21.45 -3.25 10.28
N THR F 106 -21.84 -4.40 9.73
CA THR F 106 -23.02 -5.16 10.26
C THR F 106 -22.71 -5.76 11.64
N ALA F 107 -21.54 -6.34 11.78
CA ALA F 107 -21.16 -6.94 13.06
C ALA F 107 -21.21 -5.83 14.12
N VAL F 108 -20.71 -4.65 13.77
CA VAL F 108 -20.62 -3.50 14.66
C VAL F 108 -22.00 -3.05 15.06
N ALA F 109 -22.89 -2.84 14.08
CA ALA F 109 -24.27 -2.44 14.35
C ALA F 109 -24.98 -3.50 15.22
N LEU F 110 -24.72 -4.79 14.98
CA LEU F 110 -25.36 -5.84 15.80
C LEU F 110 -24.96 -5.77 17.28
N ALA F 111 -23.68 -5.48 17.53
CA ALA F 111 -23.17 -5.42 18.91
C ALA F 111 -23.61 -4.15 19.62
N ASP F 112 -23.51 -3.01 18.96
CA ASP F 112 -23.87 -1.74 19.59
C ASP F 112 -25.34 -1.42 19.68
N HIS F 113 -26.14 -1.91 18.73
CA HIS F 113 -27.58 -1.59 18.72
C HIS F 113 -28.54 -2.71 19.07
N HIS F 114 -28.08 -3.95 19.02
CA HIS F 114 -28.97 -5.04 19.30
C HIS F 114 -28.46 -6.00 20.36
N ASP F 115 -27.40 -5.62 21.05
CA ASP F 115 -26.75 -6.47 22.02
C ASP F 115 -26.42 -7.87 21.48
N VAL F 116 -26.09 -7.99 20.19
CA VAL F 116 -25.73 -9.30 19.61
C VAL F 116 -24.26 -9.23 19.26
N ASP F 117 -23.44 -9.99 19.95
CA ASP F 117 -21.99 -10.01 19.71
C ASP F 117 -21.60 -11.26 18.92
N THR F 118 -21.51 -11.13 17.60
CA THR F 118 -21.23 -12.26 16.73
C THR F 118 -19.79 -12.40 16.24
N PRO F 119 -19.25 -13.63 16.28
CA PRO F 119 -17.96 -13.81 15.62
C PRO F 119 -18.12 -13.42 14.14
N TYR F 120 -17.11 -12.81 13.52
N TYR F 120 -17.07 -12.86 13.55
CA TYR F 120 -17.21 -12.54 12.10
CA TYR F 120 -17.09 -12.50 12.16
C TYR F 120 -15.98 -13.15 11.43
C TYR F 120 -15.95 -13.21 11.44
N CYS F 121 -16.09 -13.35 10.12
CA CYS F 121 -15.01 -13.94 9.32
C CYS F 121 -15.09 -13.42 7.90
N PHE F 122 -13.96 -13.36 7.22
CA PHE F 122 -13.97 -13.12 5.78
C PHE F 122 -12.83 -13.90 5.10
N ASN F 123 -12.82 -13.92 3.78
CA ASN F 123 -11.81 -14.65 3.06
C ASN F 123 -10.97 -13.73 2.22
N ARG F 124 -9.81 -14.22 1.81
CA ARG F 124 -8.98 -13.58 0.81
C ARG F 124 -9.40 -14.16 -0.54
N LYS F 125 -9.53 -13.28 -1.54
CA LYS F 125 -9.97 -13.69 -2.88
C LYS F 125 -9.02 -14.77 -3.36
N GLU F 126 -7.74 -14.46 -3.30
CA GLU F 126 -6.71 -15.39 -3.76
C GLU F 126 -7.06 -16.04 -5.09
N ASN F 135 -8.46 -19.48 2.46
CA ASN F 135 -7.75 -18.74 3.49
C ASN F 135 -8.70 -17.73 4.17
N LEU F 136 -8.69 -17.78 5.50
CA LEU F 136 -9.67 -17.09 6.32
C LEU F 136 -9.06 -16.12 7.29
N VAL F 137 -9.74 -14.98 7.46
CA VAL F 137 -9.39 -14.00 8.48
C VAL F 137 -10.60 -13.77 9.43
N GLY F 138 -10.34 -13.72 10.73
CA GLY F 138 -11.36 -13.50 11.74
C GLY F 138 -11.50 -14.71 12.62
N SER F 139 -12.69 -14.87 13.20
CA SER F 139 -12.94 -16.02 14.04
C SER F 139 -12.95 -17.32 13.24
N LYS F 140 -12.83 -18.44 13.96
CA LYS F 140 -12.90 -19.72 13.35
C LYS F 140 -14.30 -19.99 12.78
N LEU F 141 -14.30 -20.67 11.65
CA LEU F 141 -15.51 -20.98 10.94
C LEU F 141 -16.08 -22.25 11.53
N GLU F 142 -17.15 -22.14 12.31
CA GLU F 142 -17.80 -23.31 12.91
C GLU F 142 -19.26 -23.01 13.10
N GLY F 143 -20.07 -24.06 13.07
CA GLY F 143 -21.51 -23.90 13.23
C GLY F 143 -22.17 -23.34 11.99
N ARG F 144 -23.18 -22.50 12.20
CA ARG F 144 -23.91 -21.92 11.08
C ARG F 144 -23.36 -20.53 10.73
N VAL F 145 -23.12 -20.37 9.44
CA VAL F 145 -22.50 -19.19 8.89
C VAL F 145 -23.46 -18.39 8.00
N MET F 146 -23.68 -17.13 8.38
CA MET F 146 -24.52 -16.25 7.60
C MET F 146 -23.63 -15.33 6.78
N LEU F 147 -23.83 -15.30 5.46
CA LEU F 147 -23.10 -14.38 4.62
C LEU F 147 -23.92 -13.11 4.43
N VAL F 148 -23.21 -11.99 4.23
CA VAL F 148 -23.83 -10.72 3.86
C VAL F 148 -23.03 -10.17 2.69
N ASP F 149 -23.71 -9.62 1.68
CA ASP F 149 -23.03 -9.00 0.57
C ASP F 149 -24.02 -8.03 -0.03
N ASP F 150 -23.64 -7.36 -1.11
CA ASP F 150 -24.49 -6.33 -1.64
C ASP F 150 -25.64 -6.82 -2.56
N VAL F 151 -25.31 -7.62 -3.57
CA VAL F 151 -26.29 -8.23 -4.48
C VAL F 151 -25.83 -9.65 -4.77
N ILE F 152 -26.78 -10.52 -5.09
CA ILE F 152 -26.53 -11.96 -5.26
C ILE F 152 -26.37 -12.31 -6.71
N THR F 153 -26.35 -11.28 -7.56
CA THR F 153 -26.06 -11.44 -8.96
C THR F 153 -24.54 -11.50 -9.07
N ALA F 154 -23.88 -11.04 -8.00
CA ALA F 154 -22.43 -11.15 -7.84
C ALA F 154 -22.16 -12.54 -7.28
N GLY F 155 -22.64 -13.53 -8.02
CA GLY F 155 -22.58 -14.93 -7.65
C GLY F 155 -21.20 -15.50 -7.38
N THR F 156 -20.32 -15.48 -8.38
CA THR F 156 -19.01 -16.08 -8.26
C THR F 156 -18.33 -15.79 -6.91
N ALA F 157 -18.25 -14.54 -6.50
CA ALA F 157 -17.65 -14.23 -5.19
C ALA F 157 -18.38 -14.96 -4.06
N ILE F 158 -19.72 -14.97 -4.12
CA ILE F 158 -20.53 -15.57 -3.08
C ILE F 158 -20.57 -17.11 -3.16
N ARG F 159 -20.77 -17.66 -4.36
CA ARG F 159 -20.75 -19.13 -4.52
C ARG F 159 -19.42 -19.68 -4.04
N GLU F 160 -18.34 -18.95 -4.30
CA GLU F 160 -17.02 -19.39 -3.90
C GLU F 160 -16.80 -19.37 -2.41
N SER F 161 -17.35 -18.33 -1.75
CA SER F 161 -17.28 -18.21 -0.30
C SER F 161 -18.06 -19.33 0.35
N MET F 162 -19.24 -19.60 -0.19
CA MET F 162 -20.08 -20.67 0.32
C MET F 162 -19.39 -22.05 0.19
N GLU F 163 -18.74 -22.26 -0.96
CA GLU F 163 -17.98 -23.48 -1.21
C GLU F 163 -16.86 -23.59 -0.21
N LEU F 164 -16.25 -22.46 0.09
CA LEU F 164 -15.14 -22.42 1.02
C LEU F 164 -15.64 -22.72 2.42
N ILE F 165 -16.79 -22.16 2.77
CA ILE F 165 -17.39 -22.39 4.07
C ILE F 165 -17.68 -23.87 4.24
N GLN F 166 -18.34 -24.45 3.23
CA GLN F 166 -18.64 -25.88 3.27
C GLN F 166 -17.38 -26.70 3.30
N ALA F 167 -16.37 -26.28 2.55
CA ALA F 167 -15.12 -27.04 2.52
C ALA F 167 -14.46 -27.07 3.88
N ASN F 168 -14.81 -26.10 4.74
CA ASN F 168 -14.31 -26.03 6.12
C ASN F 168 -15.24 -26.68 7.14
N LYS F 169 -16.19 -27.47 6.65
CA LYS F 169 -17.07 -28.25 7.54
C LYS F 169 -18.10 -27.45 8.35
N ALA F 170 -18.34 -26.21 7.96
CA ALA F 170 -19.32 -25.40 8.65
C ALA F 170 -20.59 -25.41 7.82
N ASP F 171 -21.73 -25.00 8.41
CA ASP F 171 -23.00 -24.99 7.68
C ASP F 171 -23.33 -23.60 7.19
N LEU F 172 -24.14 -23.53 6.15
CA LEU F 172 -24.59 -22.26 5.63
C LEU F 172 -25.95 -21.90 6.23
N ALA F 173 -26.03 -20.81 6.99
CA ALA F 173 -27.32 -20.40 7.57
C ALA F 173 -28.17 -19.70 6.51
N GLY F 174 -27.49 -19.04 5.57
CA GLY F 174 -28.17 -18.22 4.57
C GLY F 174 -27.30 -17.06 4.08
N VAL F 175 -27.86 -16.27 3.18
CA VAL F 175 -27.18 -15.12 2.62
C VAL F 175 -28.14 -13.96 2.65
N LEU F 176 -27.66 -12.82 3.16
CA LEU F 176 -28.43 -11.59 3.20
C LEU F 176 -27.81 -10.56 2.25
N VAL F 177 -28.62 -10.09 1.31
CA VAL F 177 -28.22 -9.05 0.39
C VAL F 177 -29.08 -7.81 0.56
N ALA F 178 -28.76 -6.74 -0.13
CA ALA F 178 -29.48 -5.48 0.07
C ALA F 178 -30.85 -5.51 -0.59
N ILE F 179 -30.88 -5.96 -1.83
CA ILE F 179 -32.09 -5.99 -2.60
C ILE F 179 -32.17 -7.23 -3.49
N ASP F 180 -33.40 -7.74 -3.61
CA ASP F 180 -33.80 -8.95 -4.34
C ASP F 180 -35.07 -8.80 -5.12
N ARG F 181 -35.30 -9.75 -6.01
CA ARG F 181 -36.63 -9.93 -6.60
C ARG F 181 -37.25 -11.03 -5.74
N GLN F 182 -38.53 -10.87 -5.39
CA GLN F 182 -39.26 -11.78 -4.48
C GLN F 182 -39.24 -11.22 -3.06
N ALA F 191 -30.54 -17.04 -10.48
CA ALA F 191 -29.52 -16.39 -9.66
C ALA F 191 -29.71 -16.76 -8.17
N ILE F 192 -30.71 -16.16 -7.54
CA ILE F 192 -31.05 -16.44 -6.15
C ILE F 192 -31.48 -17.89 -6.00
N GLN F 193 -32.13 -18.38 -7.04
CA GLN F 193 -32.72 -19.70 -7.01
C GLN F 193 -31.67 -20.83 -7.08
N GLU F 194 -30.65 -20.67 -7.92
CA GLU F 194 -29.57 -21.67 -8.00
C GLU F 194 -28.82 -21.76 -6.66
N VAL F 195 -28.54 -20.61 -6.05
CA VAL F 195 -27.85 -20.57 -4.76
C VAL F 195 -28.68 -21.34 -3.74
N GLU F 196 -29.99 -21.15 -3.81
CA GLU F 196 -30.92 -21.77 -2.87
C GLU F 196 -31.12 -23.27 -3.05
N ARG F 197 -30.87 -23.79 -4.25
CA ARG F 197 -30.96 -25.24 -4.45
C ARG F 197 -29.59 -25.90 -4.36
N ASP F 198 -28.56 -25.24 -4.88
CA ASP F 198 -27.19 -25.78 -4.86
C ASP F 198 -26.66 -25.93 -3.43
N PHE F 199 -26.96 -24.95 -2.59
CA PHE F 199 -26.60 -24.99 -1.20
C PHE F 199 -27.96 -25.05 -0.54
N GLY F 200 -28.07 -25.53 0.68
CA GLY F 200 -29.40 -25.72 1.27
C GLY F 200 -29.91 -24.54 2.05
N CYS F 201 -29.63 -23.31 1.58
CA CYS F 201 -29.97 -22.13 2.38
C CYS F 201 -30.72 -21.01 1.68
N ALA F 202 -31.37 -20.18 2.47
CA ALA F 202 -32.18 -19.11 1.94
C ALA F 202 -31.36 -17.87 1.62
N VAL F 203 -31.85 -17.11 0.64
CA VAL F 203 -31.30 -15.82 0.34
C VAL F 203 -32.36 -14.83 0.72
N ILE F 204 -32.04 -13.96 1.66
CA ILE F 204 -32.95 -12.91 2.11
C ILE F 204 -32.36 -11.53 1.72
N SER F 205 -33.22 -10.51 1.71
CA SER F 205 -32.82 -9.18 1.37
C SER F 205 -33.38 -8.18 2.38
N ILE F 206 -32.75 -7.00 2.41
CA ILE F 206 -33.21 -5.92 3.27
C ILE F 206 -34.55 -5.50 2.70
N VAL F 207 -34.60 -5.28 1.39
CA VAL F 207 -35.80 -4.87 0.70
C VAL F 207 -35.98 -5.69 -0.57
N SER F 208 -37.16 -5.61 -1.14
CA SER F 208 -37.49 -6.30 -2.40
C SER F 208 -37.63 -5.29 -3.49
N LEU F 209 -37.63 -5.76 -4.75
CA LEU F 209 -37.85 -4.90 -5.91
C LEU F 209 -39.21 -4.19 -5.81
N THR F 210 -40.19 -4.89 -5.25
CA THR F 210 -41.52 -4.32 -5.05
C THR F 210 -41.46 -3.17 -4.08
N ASP F 211 -40.62 -3.27 -3.05
CA ASP F 211 -40.47 -2.20 -2.07
C ASP F 211 -39.93 -0.96 -2.79
N LEU F 212 -38.87 -1.17 -3.60
CA LEU F 212 -38.26 -0.11 -4.39
C LEU F 212 -39.28 0.58 -5.31
N ILE F 213 -39.99 -0.22 -6.09
CA ILE F 213 -40.93 0.36 -7.02
C ILE F 213 -42.04 1.12 -6.28
N THR F 214 -42.57 0.49 -5.25
CA THR F 214 -43.64 1.08 -4.46
C THR F 214 -43.17 2.38 -3.85
N TYR F 215 -41.94 2.39 -3.35
CA TYR F 215 -41.39 3.60 -2.75
C TYR F 215 -41.34 4.72 -3.78
N LEU F 216 -40.84 4.40 -4.97
CA LEU F 216 -40.71 5.41 -5.99
C LEU F 216 -42.07 5.93 -6.43
N GLU F 217 -43.12 5.13 -6.29
CA GLU F 217 -44.46 5.63 -6.65
C GLU F 217 -45.03 6.54 -5.53
N GLN F 218 -44.67 6.26 -4.28
CA GLN F 218 -45.25 6.98 -3.13
C GLN F 218 -44.69 8.38 -2.86
N MET G 26 -16.48 -13.20 36.78
CA MET G 26 -17.58 -12.21 36.65
C MET G 26 -17.79 -11.87 35.18
N LYS G 27 -18.95 -11.29 34.91
CA LYS G 27 -19.30 -10.87 33.56
C LYS G 27 -18.41 -9.72 33.10
N ALA G 28 -18.16 -9.67 31.80
CA ALA G 28 -17.40 -8.56 31.22
C ALA G 28 -17.92 -7.19 31.73
N TYR G 29 -19.23 -6.98 31.82
CA TYR G 29 -19.76 -5.66 32.20
C TYR G 29 -19.48 -5.32 33.68
N GLN G 30 -19.36 -6.35 34.53
CA GLN G 30 -19.05 -6.14 35.94
C GLN G 30 -17.57 -5.73 36.10
N ARG G 31 -16.69 -6.44 35.39
N ARG G 31 -16.68 -6.43 35.39
CA ARG G 31 -15.26 -6.12 35.35
CA ARG G 31 -15.28 -6.06 35.41
C ARG G 31 -15.06 -4.68 34.81
C ARG G 31 -15.08 -4.65 34.83
N GLU G 32 -15.74 -4.37 33.71
CA GLU G 32 -15.63 -3.06 33.08
C GLU G 32 -16.17 -1.99 34.04
N PHE G 33 -17.24 -2.27 34.79
CA PHE G 33 -17.76 -1.29 35.77
C PHE G 33 -16.77 -0.95 36.85
N ILE G 34 -16.14 -1.97 37.38
CA ILE G 34 -15.11 -1.79 38.40
C ILE G 34 -13.93 -0.93 37.88
N GLU G 35 -13.47 -1.23 36.66
CA GLU G 35 -12.37 -0.45 36.04
C GLU G 35 -12.82 1.01 35.79
N PHE G 36 -14.03 1.18 35.32
CA PHE G 36 -14.63 2.50 35.10
C PHE G 36 -14.70 3.30 36.42
N ALA G 37 -15.26 2.69 37.45
CA ALA G 37 -15.37 3.34 38.77
C ALA G 37 -13.97 3.69 39.31
N LEU G 38 -13.02 2.79 39.15
CA LEU G 38 -11.64 3.04 39.57
C LEU G 38 -11.08 4.23 38.83
N GLU G 39 -11.26 4.22 37.53
CA GLU G 39 -10.71 5.24 36.67
C GLU G 39 -11.23 6.66 37.02
N LYS G 40 -12.55 6.76 37.22
CA LYS G 40 -13.20 8.04 37.50
C LYS G 40 -13.17 8.40 38.98
N GLN G 41 -12.51 7.59 39.79
CA GLN G 41 -12.40 7.87 41.21
C GLN G 41 -13.63 7.53 42.07
N VAL G 42 -14.60 6.87 41.50
CA VAL G 42 -15.78 6.52 42.25
C VAL G 42 -15.41 5.44 43.25
N LEU G 43 -14.53 4.54 42.85
CA LEU G 43 -14.09 3.46 43.70
C LEU G 43 -12.64 3.73 44.03
N LYS G 44 -12.31 3.68 45.31
CA LYS G 44 -10.92 3.81 45.76
C LYS G 44 -10.62 2.80 46.84
N PHE G 45 -9.41 2.23 46.80
CA PHE G 45 -8.96 1.33 47.86
C PHE G 45 -7.89 2.10 48.64
N GLY G 46 -7.92 2.00 49.94
CA GLY G 46 -6.94 2.67 50.78
C GLY G 46 -7.38 2.62 52.21
N GLU G 47 -7.37 3.77 52.87
CA GLU G 47 -7.80 3.87 54.27
C GLU G 47 -8.82 5.00 54.29
N PHE G 48 -10.04 4.70 54.73
CA PHE G 48 -11.12 5.70 54.76
C PHE G 48 -11.87 5.56 56.04
N THR G 49 -12.82 6.46 56.28
CA THR G 49 -13.62 6.39 57.48
C THR G 49 -15.06 6.68 57.12
N LEU G 50 -15.91 5.67 57.26
CA LEU G 50 -17.34 5.79 56.98
C LEU G 50 -18.05 6.25 58.25
N ARG G 54 -17.04 3.12 60.98
CA ARG G 54 -15.94 2.23 60.58
C ARG G 54 -14.90 2.93 59.72
N LYS G 55 -13.66 2.47 59.88
CA LYS G 55 -12.56 2.87 59.02
C LYS G 55 -12.64 1.81 57.92
N SER G 56 -12.75 2.24 56.66
CA SER G 56 -12.92 1.28 55.57
C SER G 56 -11.69 1.12 54.69
N PRO G 57 -11.50 -0.10 54.16
CA PRO G 57 -10.40 -0.36 53.24
C PRO G 57 -10.74 0.20 51.87
N TYR G 58 -12.03 0.29 51.56
CA TYR G 58 -12.45 0.83 50.27
C TYR G 58 -13.53 1.86 50.46
N PHE G 59 -13.63 2.73 49.46
CA PHE G 59 -14.56 3.84 49.41
C PHE G 59 -15.23 3.80 48.03
N PHE G 60 -16.56 3.88 48.06
CA PHE G 60 -17.37 3.92 46.90
C PHE G 60 -18.34 5.10 47.02
N ASN G 61 -18.30 5.97 46.02
CA ASN G 61 -19.20 7.11 45.93
C ASN G 61 -19.56 7.41 44.46
N ALA G 62 -20.70 6.89 44.00
CA ALA G 62 -21.14 7.05 42.60
C ALA G 62 -21.46 8.49 42.19
N GLY G 63 -21.70 9.35 43.17
CA GLY G 63 -21.94 10.75 42.91
C GLY G 63 -20.81 11.37 42.10
N LEU G 64 -19.62 10.78 42.14
CA LEU G 64 -18.51 11.27 41.32
C LEU G 64 -18.65 10.98 39.82
N PHE G 65 -19.62 10.18 39.42
CA PHE G 65 -19.85 9.97 38.00
C PHE G 65 -20.67 11.20 37.59
N ASN G 66 -20.00 12.31 37.40
CA ASN G 66 -20.69 13.58 37.27
C ASN G 66 -20.44 14.32 35.95
N THR G 67 -20.13 13.60 34.89
CA THR G 67 -19.99 14.19 33.56
C THR G 67 -20.81 13.37 32.65
N GLY G 68 -21.03 13.92 31.47
CA GLY G 68 -21.77 13.30 30.42
C GLY G 68 -21.30 11.92 30.01
N ARG G 69 -20.00 11.73 29.86
N ARG G 69 -20.00 11.73 29.86
CA ARG G 69 -19.51 10.43 29.48
CA ARG G 69 -19.51 10.42 29.46
C ARG G 69 -19.68 9.42 30.62
C ARG G 69 -19.68 9.42 30.61
N ASP G 70 -19.48 9.89 31.85
CA ASP G 70 -19.69 9.06 33.04
C ASP G 70 -21.15 8.60 33.01
N LEU G 71 -22.05 9.55 32.81
CA LEU G 71 -23.48 9.22 32.65
C LEU G 71 -23.80 8.22 31.55
N ALA G 72 -23.24 8.44 30.36
CA ALA G 72 -23.47 7.57 29.22
C ALA G 72 -23.10 6.13 29.57
N ARG G 73 -21.93 6.00 30.12
CA ARG G 73 -21.38 4.72 30.48
C ARG G 73 -22.09 4.05 31.67
N LEU G 74 -22.46 4.83 32.65
CA LEU G 74 -23.16 4.31 33.79
C LEU G 74 -24.50 3.73 33.33
N GLY G 75 -25.15 4.40 32.39
CA GLY G 75 -26.44 3.93 31.92
C GLY G 75 -26.34 2.57 31.29
N ARG G 76 -25.22 2.32 30.63
CA ARG G 76 -25.01 1.07 29.95
C ARG G 76 -24.69 -0.04 30.93
N PHE G 77 -24.04 0.28 32.04
CA PHE G 77 -23.75 -0.75 33.04
C PHE G 77 -25.03 -1.17 33.78
N TYR G 78 -25.89 -0.21 34.08
CA TYR G 78 -27.20 -0.46 34.68
C TYR G 78 -28.07 -1.32 33.72
N ALA G 79 -28.17 -0.90 32.47
CA ALA G 79 -28.91 -1.63 31.44
C ALA G 79 -28.36 -3.06 31.24
N ALA G 80 -27.04 -3.23 31.24
CA ALA G 80 -26.47 -4.58 31.10
C ALA G 80 -26.90 -5.46 32.29
N ALA G 81 -26.92 -4.86 33.48
CA ALA G 81 -27.27 -5.60 34.71
C ALA G 81 -28.77 -5.93 34.69
N LEU G 82 -29.60 -4.98 34.27
CA LEU G 82 -31.03 -5.25 34.14
C LEU G 82 -31.26 -6.38 33.17
N VAL G 83 -30.55 -6.34 32.04
CA VAL G 83 -30.73 -7.37 31.03
C VAL G 83 -30.24 -8.70 31.54
N ASP G 84 -29.11 -8.69 32.22
CA ASP G 84 -28.57 -9.90 32.79
C ASP G 84 -29.51 -10.47 33.91
N SER G 85 -30.24 -9.61 34.62
CA SER G 85 -31.12 -10.12 35.69
C SER G 85 -32.33 -10.91 35.16
N GLY G 86 -32.75 -10.66 33.92
CA GLY G 86 -33.91 -11.33 33.36
C GLY G 86 -35.24 -10.93 34.00
N ILE G 87 -35.24 -9.94 34.89
CA ILE G 87 -36.49 -9.56 35.54
C ILE G 87 -37.32 -8.77 34.55
N GLU G 88 -38.58 -9.16 34.37
CA GLU G 88 -39.45 -8.46 33.45
C GLU G 88 -40.03 -7.23 34.15
N PHE G 89 -40.08 -6.12 33.45
CA PHE G 89 -40.67 -4.94 34.01
C PHE G 89 -41.35 -4.18 32.92
N ASP G 90 -42.34 -3.40 33.30
CA ASP G 90 -43.11 -2.63 32.33
C ASP G 90 -42.74 -1.16 32.35
N VAL G 91 -42.28 -0.67 33.49
CA VAL G 91 -41.93 0.71 33.58
C VAL G 91 -40.66 0.78 34.38
N LEU G 92 -39.77 1.70 33.98
CA LEU G 92 -38.53 1.96 34.69
C LEU G 92 -38.70 3.26 35.49
N PHE G 93 -38.50 3.18 36.80
CA PHE G 93 -38.74 4.30 37.68
C PHE G 93 -37.51 4.77 38.45
N GLY G 94 -37.34 6.10 38.47
CA GLY G 94 -36.20 6.73 39.16
C GLY G 94 -36.74 7.65 40.24
N PRO G 95 -36.44 7.33 41.52
CA PRO G 95 -36.96 8.14 42.63
C PRO G 95 -36.25 9.49 42.70
N ALA G 96 -36.98 10.54 43.05
CA ALA G 96 -36.41 11.87 43.17
C ALA G 96 -35.42 11.82 44.34
N TYR G 97 -34.21 12.37 44.22
CA TYR G 97 -33.70 13.05 43.03
C TYR G 97 -32.61 12.25 42.29
N LYS G 98 -31.82 11.50 43.06
N LYS G 98 -31.83 11.49 43.06
CA LYS G 98 -30.70 10.78 42.48
CA LYS G 98 -30.69 10.77 42.51
C LYS G 98 -31.11 9.75 41.44
C LYS G 98 -31.03 9.61 41.56
N GLY G 99 -32.26 9.13 41.62
CA GLY G 99 -32.69 8.13 40.67
C GLY G 99 -33.11 8.69 39.32
N ILE G 100 -33.43 9.97 39.25
CA ILE G 100 -33.93 10.60 38.02
C ILE G 100 -32.90 10.50 36.88
N PRO G 101 -31.70 11.05 37.07
CA PRO G 101 -30.67 10.85 36.01
C PRO G 101 -30.32 9.38 35.77
N ILE G 102 -30.33 8.58 36.81
CA ILE G 102 -29.95 7.19 36.65
C ILE G 102 -30.97 6.45 35.82
N ALA G 103 -32.24 6.58 36.14
CA ALA G 103 -33.28 6.00 35.35
C ALA G 103 -33.25 6.56 33.92
N THR G 104 -32.89 7.83 33.76
CA THR G 104 -32.88 8.46 32.43
C THR G 104 -31.83 7.83 31.55
N THR G 105 -30.61 7.71 32.07
CA THR G 105 -29.53 7.20 31.29
C THR G 105 -29.67 5.69 31.06
N THR G 106 -30.30 5.02 31.99
CA THR G 106 -30.52 3.60 31.86
C THR G 106 -31.58 3.37 30.77
N ALA G 107 -32.66 4.15 30.77
CA ALA G 107 -33.68 4.00 29.74
C ALA G 107 -33.11 4.33 28.35
N VAL G 108 -32.21 5.31 28.26
CA VAL G 108 -31.57 5.64 26.96
C VAL G 108 -30.66 4.47 26.45
N ALA G 109 -29.88 3.88 27.35
CA ALA G 109 -28.99 2.75 27.06
C ALA G 109 -29.78 1.51 26.59
N LEU G 110 -30.85 1.20 27.30
CA LEU G 110 -31.73 0.08 26.90
C LEU G 110 -32.25 0.31 25.48
N ALA G 111 -32.64 1.54 25.18
CA ALA G 111 -33.18 1.85 23.86
C ALA G 111 -32.12 1.78 22.77
N ASP G 112 -31.00 2.49 22.95
CA ASP G 112 -29.97 2.54 21.93
C ASP G 112 -29.11 1.27 21.80
N HIS G 113 -28.88 0.56 22.92
CA HIS G 113 -27.95 -0.57 22.90
C HIS G 113 -28.59 -1.93 23.08
N HIS G 114 -29.83 -1.98 23.48
CA HIS G 114 -30.52 -3.26 23.67
C HIS G 114 -31.79 -3.40 22.86
N ASP G 115 -32.09 -2.40 22.07
CA ASP G 115 -33.35 -2.36 21.32
C ASP G 115 -34.52 -2.64 22.27
N VAL G 116 -34.44 -2.14 23.50
CA VAL G 116 -35.54 -2.24 24.49
C VAL G 116 -36.08 -0.85 24.77
N ASP G 117 -37.31 -0.60 24.33
CA ASP G 117 -37.92 0.70 24.52
C ASP G 117 -38.83 0.74 25.75
N THR G 118 -38.29 1.12 26.92
CA THR G 118 -39.12 1.06 28.14
C THR G 118 -39.72 2.38 28.57
N PRO G 119 -40.99 2.34 28.99
CA PRO G 119 -41.61 3.48 29.64
C PRO G 119 -40.76 3.82 30.87
N TYR G 120 -40.60 5.12 31.13
CA TYR G 120 -39.84 5.57 32.26
C TYR G 120 -40.74 6.48 33.03
N CYS G 121 -40.47 6.57 34.32
CA CYS G 121 -41.24 7.44 35.17
C CYS G 121 -40.36 7.96 36.30
N PHE G 122 -40.72 9.13 36.85
CA PHE G 122 -40.13 9.60 38.09
C PHE G 122 -41.12 10.53 38.83
N ASN G 123 -40.93 10.67 40.14
CA ASN G 123 -41.82 11.48 40.96
C ASN G 123 -41.24 12.83 41.33
N ARG G 124 -42.11 13.69 41.84
CA ARG G 124 -41.74 15.00 42.39
C ARG G 124 -41.84 14.87 43.89
N LYS G 125 -41.56 15.96 44.59
CA LYS G 125 -41.79 16.02 46.04
C LYS G 125 -42.71 17.18 46.29
N ASN G 135 -47.28 12.80 42.66
CA ASN G 135 -47.24 13.36 41.31
C ASN G 135 -46.08 12.76 40.52
N LEU G 136 -46.27 12.65 39.20
CA LEU G 136 -45.36 11.92 38.32
C LEU G 136 -45.10 12.61 36.99
N VAL G 137 -43.87 12.45 36.51
CA VAL G 137 -43.48 12.92 35.18
C VAL G 137 -43.15 11.69 34.33
N GLY G 138 -43.70 11.69 33.12
CA GLY G 138 -43.46 10.66 32.14
C GLY G 138 -44.61 9.69 32.02
N SER G 139 -44.27 8.43 31.90
CA SER G 139 -45.25 7.35 31.81
C SER G 139 -46.01 7.16 33.12
N LYS G 140 -47.13 6.44 33.07
CA LYS G 140 -47.92 6.09 34.26
C LYS G 140 -47.27 4.96 35.03
N LEU G 141 -47.49 4.92 36.34
CA LEU G 141 -47.05 3.81 37.17
C LEU G 141 -48.09 2.72 37.07
N GLU G 142 -47.86 1.78 36.17
CA GLU G 142 -48.80 0.73 35.95
C GLU G 142 -48.00 -0.53 35.65
N GLY G 143 -48.55 -1.68 35.98
CA GLY G 143 -47.88 -2.96 35.76
C GLY G 143 -46.69 -3.14 36.68
N ARG G 144 -45.67 -3.86 36.19
CA ARG G 144 -44.46 -4.13 36.96
C ARG G 144 -43.43 -2.98 36.90
N VAL G 145 -43.07 -2.46 38.08
CA VAL G 145 -42.18 -1.31 38.18
C VAL G 145 -40.77 -1.71 38.62
N MET G 146 -39.78 -1.38 37.80
CA MET G 146 -38.39 -1.61 38.15
C MET G 146 -37.82 -0.28 38.61
N LEU G 147 -37.25 -0.27 39.81
CA LEU G 147 -36.73 0.95 40.40
C LEU G 147 -35.20 0.95 40.30
N VAL G 148 -34.62 2.03 39.79
CA VAL G 148 -33.16 2.16 39.69
C VAL G 148 -32.71 3.32 40.57
N ASP G 149 -31.61 3.15 41.30
CA ASP G 149 -31.10 4.19 42.17
C ASP G 149 -29.60 3.93 42.37
N ASP G 150 -28.92 4.86 43.02
CA ASP G 150 -27.47 4.75 43.15
C ASP G 150 -27.07 3.72 44.19
N VAL G 151 -27.64 3.84 45.39
CA VAL G 151 -27.32 2.95 46.52
C VAL G 151 -28.53 2.87 47.44
N ILE G 152 -28.51 1.90 48.35
CA ILE G 152 -29.52 1.84 49.43
C ILE G 152 -28.77 2.01 50.73
N THR G 153 -29.03 3.14 51.40
CA THR G 153 -28.43 3.46 52.69
C THR G 153 -29.54 3.78 53.69
N ALA G 157 -35.86 7.22 51.70
CA ALA G 157 -35.33 7.59 50.39
C ALA G 157 -36.15 6.91 49.28
N ILE G 158 -36.38 5.61 49.47
CA ILE G 158 -37.11 4.80 48.52
C ILE G 158 -38.57 4.68 48.94
N ARG G 159 -38.85 4.78 50.24
CA ARG G 159 -40.22 4.60 50.74
C ARG G 159 -41.24 5.52 50.04
N GLU G 160 -40.88 6.78 49.81
CA GLU G 160 -41.79 7.71 49.15
C GLU G 160 -42.26 7.17 47.78
N SER G 161 -41.32 6.65 46.98
CA SER G 161 -41.66 6.13 45.66
C SER G 161 -42.42 4.80 45.71
N MET G 162 -42.03 3.89 46.61
CA MET G 162 -42.76 2.62 46.78
C MET G 162 -44.23 2.86 47.09
N GLU G 163 -44.48 3.89 47.90
CA GLU G 163 -45.82 4.26 48.34
C GLU G 163 -46.64 4.83 47.16
N LEU G 164 -45.98 5.51 46.24
CA LEU G 164 -46.65 5.97 45.01
C LEU G 164 -47.00 4.75 44.14
N ILE G 165 -46.11 3.75 44.16
CA ILE G 165 -46.33 2.52 43.39
C ILE G 165 -47.58 1.85 43.92
N GLN G 166 -47.63 1.75 45.22
CA GLN G 166 -48.74 1.11 45.86
C GLN G 166 -50.00 1.95 45.70
N ALA G 167 -49.90 3.27 45.89
CA ALA G 167 -51.07 4.13 45.69
C ALA G 167 -51.68 3.87 44.30
N ASN G 168 -50.86 3.74 43.25
CA ASN G 168 -51.38 3.45 41.91
C ASN G 168 -51.75 1.96 41.68
N LYS G 169 -51.53 1.13 42.70
CA LYS G 169 -51.77 -0.31 42.63
C LYS G 169 -50.89 -0.98 41.55
N ALA G 170 -49.65 -0.51 41.40
CA ALA G 170 -48.72 -1.15 40.48
C ALA G 170 -47.97 -2.19 41.30
N ASP G 171 -47.09 -2.95 40.66
CA ASP G 171 -46.31 -3.96 41.35
C ASP G 171 -44.81 -3.59 41.29
N LEU G 172 -44.09 -3.91 42.36
CA LEU G 172 -42.66 -3.62 42.44
C LEU G 172 -41.91 -4.85 41.94
N ALA G 173 -41.31 -4.77 40.76
CA ALA G 173 -40.61 -5.93 40.20
C ALA G 173 -39.22 -6.09 40.77
N GLY G 174 -38.61 -5.00 41.18
CA GLY G 174 -37.24 -5.07 41.68
C GLY G 174 -36.64 -3.70 41.86
N VAL G 175 -35.44 -3.71 42.42
CA VAL G 175 -34.71 -2.51 42.73
C VAL G 175 -33.25 -2.79 42.38
N LEU G 176 -32.66 -1.93 41.53
CA LEU G 176 -31.29 -2.08 41.05
C LEU G 176 -30.44 -0.90 41.45
N VAL G 177 -29.33 -1.20 42.11
CA VAL G 177 -28.43 -0.20 42.64
C VAL G 177 -27.06 -0.40 41.99
N ALA G 178 -26.16 0.56 42.15
CA ALA G 178 -24.86 0.44 41.53
C ALA G 178 -24.06 -0.67 42.24
N ILE G 179 -24.05 -0.63 43.56
CA ILE G 179 -23.24 -1.57 44.34
C ILE G 179 -23.95 -2.10 45.60
N ASP G 180 -23.70 -3.37 45.91
CA ASP G 180 -24.22 -4.00 47.13
C ASP G 180 -23.04 -4.29 48.01
N ARG G 181 -22.97 -3.57 49.12
CA ARG G 181 -21.87 -3.69 50.03
C ARG G 181 -21.86 -5.02 50.82
N GLN G 182 -22.98 -5.72 50.82
CA GLN G 182 -23.11 -7.00 51.55
C GLN G 182 -22.63 -6.91 53.01
N GLU G 183 -23.09 -5.89 53.71
CA GLU G 183 -22.79 -5.73 55.13
C GLU G 183 -24.07 -5.81 55.96
N LYS G 184 -23.92 -5.96 57.27
CA LYS G 184 -25.06 -5.96 58.16
C LYS G 184 -25.25 -4.57 58.75
N GLY G 185 -26.44 -4.33 59.32
CA GLY G 185 -26.78 -3.01 59.88
C GLY G 185 -26.18 -2.83 61.26
N SER G 190 -30.17 -4.07 58.35
CA SER G 190 -29.51 -3.64 57.10
C SER G 190 -30.46 -2.85 56.16
N ALA G 191 -29.91 -1.93 55.38
CA ALA G 191 -30.72 -1.11 54.48
C ALA G 191 -31.33 -1.94 53.34
N ILE G 192 -30.51 -2.69 52.61
CA ILE G 192 -31.01 -3.55 51.52
C ILE G 192 -32.02 -4.57 52.00
N GLN G 193 -31.67 -5.26 53.08
CA GLN G 193 -32.53 -6.30 53.61
C GLN G 193 -33.82 -5.65 54.16
N GLU G 194 -33.72 -4.43 54.68
CA GLU G 194 -34.89 -3.72 55.17
C GLU G 194 -35.85 -3.44 53.98
N VAL G 195 -35.28 -3.07 52.84
CA VAL G 195 -36.07 -2.83 51.63
C VAL G 195 -36.74 -4.13 51.22
N GLU G 196 -35.98 -5.22 51.28
CA GLU G 196 -36.48 -6.52 50.85
C GLU G 196 -37.63 -6.95 51.71
N ARG G 197 -37.51 -6.74 53.00
CA ARG G 197 -38.53 -7.11 53.97
C ARG G 197 -39.78 -6.25 53.94
N ASP G 198 -39.59 -4.96 53.79
CA ASP G 198 -40.70 -3.99 53.85
C ASP G 198 -41.47 -3.92 52.55
N PHE G 199 -40.80 -4.17 51.43
CA PHE G 199 -41.47 -4.04 50.13
C PHE G 199 -41.62 -5.31 49.31
N GLY G 200 -40.95 -6.39 49.72
CA GLY G 200 -41.10 -7.72 49.10
C GLY G 200 -40.37 -7.97 47.80
N CYS G 201 -39.32 -7.19 47.51
CA CYS G 201 -38.54 -7.36 46.30
C CYS G 201 -37.07 -7.58 46.61
N ALA G 202 -36.39 -8.41 45.84
CA ALA G 202 -34.95 -8.58 46.02
C ALA G 202 -34.22 -7.40 45.34
N VAL G 203 -33.17 -6.88 45.98
CA VAL G 203 -32.40 -5.77 45.42
C VAL G 203 -31.21 -6.34 44.64
N ILE G 204 -31.01 -5.89 43.42
CA ILE G 204 -29.90 -6.40 42.64
C ILE G 204 -28.94 -5.27 42.43
N SER G 205 -27.72 -5.62 42.05
CA SER G 205 -26.67 -4.65 41.94
C SER G 205 -25.79 -4.92 40.75
N ILE G 206 -25.17 -3.87 40.20
CA ILE G 206 -24.21 -4.07 39.09
C ILE G 206 -23.06 -4.93 39.64
N VAL G 207 -22.49 -4.52 40.78
CA VAL G 207 -21.44 -5.30 41.44
C VAL G 207 -21.66 -5.36 42.96
N SER G 208 -20.82 -6.12 43.65
CA SER G 208 -20.93 -6.28 45.08
C SER G 208 -19.56 -6.35 45.72
N LEU G 209 -19.51 -6.49 47.03
CA LEU G 209 -18.23 -6.66 47.69
C LEU G 209 -17.51 -7.92 47.14
N THR G 210 -18.25 -9.00 46.88
CA THR G 210 -17.64 -10.24 46.36
C THR G 210 -17.03 -10.07 44.95
N ASP G 211 -17.53 -9.11 44.18
CA ASP G 211 -16.94 -8.89 42.87
C ASP G 211 -15.71 -8.09 43.06
N LEU G 212 -15.74 -7.14 43.99
CA LEU G 212 -14.59 -6.31 44.21
C LEU G 212 -13.37 -7.18 44.50
N ILE G 213 -13.56 -8.20 45.35
CA ILE G 213 -12.49 -9.11 45.73
C ILE G 213 -12.12 -10.00 44.55
N THR G 214 -13.12 -10.56 43.87
CA THR G 214 -12.90 -11.37 42.65
C THR G 214 -11.99 -10.61 41.67
N TYR G 215 -12.17 -9.28 41.61
CA TYR G 215 -11.34 -8.41 40.75
C TYR G 215 -9.89 -8.28 41.21
N LEU G 216 -9.70 -7.90 42.47
CA LEU G 216 -8.36 -7.72 42.98
C LEU G 216 -7.63 -9.06 42.86
N GLU G 217 -8.33 -10.15 43.18
CA GLU G 217 -7.76 -11.48 43.06
C GLU G 217 -7.25 -11.77 41.65
N GLN G 218 -8.11 -11.57 40.65
CA GLN G 218 -7.73 -11.82 39.25
C GLN G 218 -6.53 -10.97 38.76
N GLN G 219 -6.29 -9.82 39.36
CA GLN G 219 -5.14 -8.99 38.99
C GLN G 219 -3.84 -9.74 39.29
N GLY G 220 -3.12 -10.12 38.25
CA GLY G 220 -1.88 -10.93 38.39
C GLY G 220 -0.64 -10.20 38.86
N ASN G 221 0.48 -10.94 38.94
CA ASN G 221 1.76 -10.38 39.41
C ASN G 221 2.24 -9.24 38.54
N ASN G 222 1.77 -8.04 38.79
CA ASN G 222 2.19 -6.90 37.99
C ASN G 222 3.66 -6.65 38.26
N THR G 223 4.05 -6.74 39.52
CA THR G 223 5.44 -6.58 39.89
C THR G 223 6.35 -7.42 38.98
N GLU G 224 5.99 -8.70 38.86
CA GLU G 224 6.76 -9.66 38.07
C GLU G 224 6.87 -9.26 36.61
N HIS G 225 5.72 -9.01 35.98
CA HIS G 225 5.68 -8.68 34.57
C HIS G 225 6.23 -7.28 34.36
N LEU G 226 6.06 -6.42 35.34
CA LEU G 226 6.57 -5.05 35.26
C LEU G 226 8.08 -5.13 35.16
N GLU G 227 8.72 -5.85 36.08
CA GLU G 227 10.17 -5.92 35.99
C GLU G 227 10.61 -6.66 34.71
N ALA G 228 9.91 -7.72 34.32
CA ALA G 228 10.26 -8.44 33.09
C ALA G 228 10.08 -7.57 31.83
N VAL G 229 9.12 -6.65 31.85
CA VAL G 229 8.91 -5.77 30.70
C VAL G 229 9.97 -4.63 30.71
N LYS G 230 10.22 -4.05 31.88
CA LYS G 230 11.28 -3.04 31.99
C LYS G 230 12.62 -3.58 31.51
N ALA G 231 12.86 -4.86 31.78
CA ALA G 231 14.15 -5.47 31.40
C ALA G 231 14.24 -5.65 29.89
N TYR G 232 13.11 -6.02 29.27
CA TYR G 232 13.07 -6.29 27.85
C TYR G 232 13.31 -4.98 27.09
N ARG G 233 12.71 -3.92 27.60
CA ARG G 233 12.92 -2.59 27.09
C ARG G 233 14.36 -2.15 27.33
N ALA G 234 14.86 -2.36 28.53
CA ALA G 234 16.22 -1.98 28.86
C ALA G 234 17.13 -2.44 27.74
N GLN G 235 16.92 -3.66 27.30
CA GLN G 235 17.74 -4.22 26.25
C GLN G 235 17.34 -3.87 24.83
N TYR G 236 16.09 -4.10 24.47
CA TYR G 236 15.66 -3.95 23.10
C TYR G 236 15.03 -2.64 22.75
N GLY G 237 14.79 -1.79 23.74
CA GLY G 237 14.09 -0.52 23.51
C GLY G 237 14.89 0.49 22.73
N ILE G 238 14.22 1.25 21.86
CA ILE G 238 14.89 2.32 21.11
C ILE G 238 15.35 3.41 22.07
N MET H 26 -34.34 25.33 7.07
CA MET H 26 -34.39 24.50 8.30
C MET H 26 -33.42 23.36 8.15
N LYS H 27 -32.59 23.15 9.17
CA LYS H 27 -31.69 22.02 9.18
C LYS H 27 -32.51 20.75 9.42
N ALA H 28 -32.05 19.61 8.95
CA ALA H 28 -32.76 18.33 9.10
C ALA H 28 -33.06 17.97 10.56
N TYR H 29 -32.13 18.23 11.49
CA TYR H 29 -32.37 17.90 12.90
C TYR H 29 -33.58 18.73 13.43
N GLN H 30 -33.75 19.93 12.91
CA GLN H 30 -34.91 20.75 13.24
C GLN H 30 -36.26 20.19 12.69
N ARG H 31 -36.27 19.84 11.42
CA ARG H 31 -37.45 19.25 10.82
C ARG H 31 -37.76 17.92 11.49
N GLU H 32 -36.72 17.13 11.75
CA GLU H 32 -36.91 15.83 12.38
C GLU H 32 -37.40 16.03 13.80
N PHE H 33 -36.95 17.08 14.46
CA PHE H 33 -37.42 17.30 15.83
C PHE H 33 -38.91 17.60 15.84
N ILE H 34 -39.33 18.48 14.94
CA ILE H 34 -40.75 18.85 14.88
C ILE H 34 -41.59 17.62 14.59
N GLU H 35 -41.20 16.87 13.57
CA GLU H 35 -41.95 15.66 13.24
C GLU H 35 -41.99 14.66 14.44
N PHE H 36 -40.91 14.53 15.18
CA PHE H 36 -40.86 13.64 16.35
C PHE H 36 -41.75 14.13 17.52
N ALA H 37 -41.74 15.43 17.79
CA ALA H 37 -42.57 15.96 18.88
C ALA H 37 -44.07 15.84 18.56
N LEU H 38 -44.41 15.93 17.28
CA LEU H 38 -45.80 15.79 16.80
C LEU H 38 -46.27 14.37 16.92
N GLU H 39 -45.52 13.46 16.31
CA GLU H 39 -45.87 12.04 16.34
C GLU H 39 -46.11 11.63 17.80
N LYS H 40 -45.34 12.18 18.74
CA LYS H 40 -45.48 11.77 20.14
C LYS H 40 -46.58 12.53 20.91
N GLN H 41 -47.33 13.41 20.26
CA GLN H 41 -48.34 14.19 20.94
C GLN H 41 -47.75 15.20 21.94
N VAL H 42 -46.44 15.42 21.90
CA VAL H 42 -45.79 16.27 22.88
C VAL H 42 -45.97 17.73 22.51
N LEU H 43 -45.87 17.99 21.22
CA LEU H 43 -46.12 19.30 20.65
C LEU H 43 -47.51 19.17 20.07
N LYS H 44 -48.36 20.13 20.40
CA LYS H 44 -49.74 20.19 19.92
C LYS H 44 -49.97 21.60 19.40
N PHE H 45 -50.70 21.70 18.30
CA PHE H 45 -51.11 22.99 17.75
C PHE H 45 -52.56 23.20 18.09
N GLY H 46 -52.94 24.43 18.30
CA GLY H 46 -54.31 24.75 18.60
C GLY H 46 -54.41 26.17 19.09
N GLU H 47 -55.43 26.45 19.88
CA GLU H 47 -55.63 27.79 20.40
C GLU H 47 -55.57 27.71 21.92
N PHE H 48 -54.38 27.58 22.45
CA PHE H 48 -54.21 27.44 23.88
C PHE H 48 -54.07 28.79 24.60
N THR H 49 -54.25 28.75 25.91
CA THR H 49 -54.10 29.93 26.77
C THR H 49 -53.11 29.65 27.88
N LYS H 55 -51.79 32.97 25.97
CA LYS H 55 -52.46 32.61 24.70
C LYS H 55 -51.43 32.28 23.60
N SER H 56 -51.48 31.06 23.08
CA SER H 56 -50.54 30.69 22.04
C SER H 56 -51.07 29.60 21.13
N PRO H 57 -50.55 29.56 19.89
CA PRO H 57 -50.91 28.61 18.84
C PRO H 57 -50.29 27.21 19.02
N TYR H 58 -49.51 27.00 20.07
CA TYR H 58 -49.00 25.66 20.33
C TYR H 58 -48.78 25.44 21.83
N PHE H 59 -48.74 24.17 22.21
CA PHE H 59 -48.41 23.73 23.57
C PHE H 59 -47.37 22.61 23.44
N PHE H 60 -46.34 22.66 24.29
CA PHE H 60 -45.23 21.70 24.31
C PHE H 60 -44.93 21.34 25.75
N ASN H 61 -44.88 20.04 26.05
CA ASN H 61 -44.57 19.57 27.40
C ASN H 61 -43.75 18.28 27.32
N ALA H 62 -42.44 18.42 27.55
CA ALA H 62 -41.49 17.33 27.44
C ALA H 62 -41.80 16.23 28.44
N GLY H 63 -42.54 16.58 29.49
CA GLY H 63 -42.95 15.61 30.47
C GLY H 63 -43.76 14.51 29.81
N LEU H 64 -44.31 14.81 28.63
CA LEU H 64 -45.16 13.89 27.88
C LEU H 64 -44.38 12.84 27.11
N PHE H 65 -43.05 12.99 27.01
CA PHE H 65 -42.17 11.99 26.39
C PHE H 65 -42.01 10.84 27.38
N ASN H 66 -42.73 9.74 27.20
CA ASN H 66 -42.72 8.69 28.22
C ASN H 66 -41.85 7.43 28.08
N THR H 67 -40.94 7.36 27.11
CA THR H 67 -40.10 6.16 26.92
C THR H 67 -38.59 6.41 26.76
N GLY H 68 -37.79 5.37 26.97
CA GLY H 68 -36.35 5.48 26.79
C GLY H 68 -35.95 5.92 25.40
N ARG H 69 -36.61 5.40 24.38
CA ARG H 69 -36.32 5.81 23.03
C ARG H 69 -36.68 7.30 22.79
N ASP H 70 -37.78 7.78 23.42
CA ASP H 70 -38.10 9.22 23.37
C ASP H 70 -36.94 9.99 23.99
N LEU H 71 -36.53 9.61 25.19
CA LEU H 71 -35.43 10.29 25.88
C LEU H 71 -34.08 10.27 25.11
N ALA H 72 -33.70 9.12 24.58
CA ALA H 72 -32.45 9.02 23.79
C ALA H 72 -32.49 9.97 22.60
N ARG H 73 -33.60 9.97 21.88
CA ARG H 73 -33.75 10.85 20.73
C ARG H 73 -33.84 12.32 21.13
N LEU H 74 -34.56 12.62 22.21
CA LEU H 74 -34.60 14.00 22.68
C LEU H 74 -33.20 14.57 22.95
N GLY H 75 -32.36 13.80 23.62
CA GLY H 75 -31.02 14.22 23.98
C GLY H 75 -30.22 14.55 22.76
N ARG H 76 -30.37 13.73 21.73
CA ARG H 76 -29.68 13.96 20.46
C ARG H 76 -30.12 15.25 19.77
N PHE H 77 -31.40 15.57 19.80
CA PHE H 77 -31.86 16.84 19.23
C PHE H 77 -31.33 18.05 20.00
N TYR H 78 -31.38 18.00 21.34
CA TYR H 78 -30.78 19.07 22.14
C TYR H 78 -29.28 19.16 21.94
N ALA H 79 -28.58 18.02 21.86
CA ALA H 79 -27.10 18.07 21.69
C ALA H 79 -26.76 18.70 20.37
N ALA H 80 -27.53 18.35 19.33
CA ALA H 80 -27.32 18.92 18.02
C ALA H 80 -27.48 20.42 18.05
N ALA H 81 -28.55 20.89 18.68
CA ALA H 81 -28.84 22.33 18.78
C ALA H 81 -27.73 23.03 19.54
N LEU H 82 -27.30 22.43 20.62
CA LEU H 82 -26.28 23.02 21.44
C LEU H 82 -24.96 23.14 20.68
N VAL H 83 -24.54 22.07 20.02
CA VAL H 83 -23.29 22.10 19.22
C VAL H 83 -23.39 23.11 18.12
N ASP H 84 -24.55 23.15 17.43
CA ASP H 84 -24.78 24.09 16.32
C ASP H 84 -24.73 25.56 16.78
N SER H 85 -25.17 25.83 18.01
CA SER H 85 -25.16 27.21 18.53
C SER H 85 -23.77 27.76 18.61
N GLY H 86 -22.79 26.90 18.87
CA GLY H 86 -21.44 27.34 19.10
C GLY H 86 -21.26 28.04 20.45
N ILE H 87 -22.24 27.95 21.35
CA ILE H 87 -22.07 28.58 22.65
C ILE H 87 -21.13 27.76 23.49
N GLU H 88 -20.11 28.39 24.05
CA GLU H 88 -19.14 27.70 24.88
C GLU H 88 -19.65 27.66 26.32
N PHE H 89 -19.53 26.50 26.97
CA PHE H 89 -19.93 26.39 28.36
C PHE H 89 -19.08 25.31 29.05
N ASP H 90 -18.99 25.43 30.37
CA ASP H 90 -18.21 24.51 31.19
C ASP H 90 -19.07 23.47 31.91
N VAL H 91 -20.33 23.80 32.22
CA VAL H 91 -21.22 22.90 32.95
C VAL H 91 -22.61 23.00 32.33
N LEU H 92 -23.23 21.85 32.12
CA LEU H 92 -24.60 21.73 31.63
C LEU H 92 -25.51 21.52 32.85
N PHE H 93 -26.47 22.39 33.04
CA PHE H 93 -27.30 22.37 34.22
C PHE H 93 -28.75 22.12 33.85
N GLY H 94 -29.45 21.28 34.61
CA GLY H 94 -30.88 21.03 34.36
C GLY H 94 -31.72 21.43 35.57
N PRO H 95 -32.64 22.39 35.42
CA PRO H 95 -33.51 22.83 36.51
C PRO H 95 -34.68 21.92 36.93
N ALA H 96 -34.76 21.57 38.21
CA ALA H 96 -35.76 20.62 38.65
C ALA H 96 -37.11 21.11 38.15
N TYR H 97 -37.99 20.21 37.70
CA TYR H 97 -37.73 18.78 37.62
C TYR H 97 -37.47 18.36 36.20
N LYS H 98 -38.24 18.94 35.26
CA LYS H 98 -38.16 18.50 33.86
C LYS H 98 -36.79 18.67 33.28
N GLY H 99 -36.02 19.60 33.84
CA GLY H 99 -34.65 19.83 33.37
C GLY H 99 -33.71 18.69 33.69
N ILE H 100 -34.01 17.90 34.72
CA ILE H 100 -33.10 16.85 35.11
C ILE H 100 -33.00 15.80 34.00
N PRO H 101 -34.11 15.15 33.60
CA PRO H 101 -33.91 14.18 32.51
C PRO H 101 -33.41 14.81 31.21
N ILE H 102 -33.82 16.04 30.93
CA ILE H 102 -33.37 16.68 29.71
C ILE H 102 -31.84 16.89 29.73
N ALA H 103 -31.30 17.44 30.82
CA ALA H 103 -29.86 17.69 30.87
C ALA H 103 -29.11 16.39 30.77
N THR H 104 -29.67 15.37 31.43
CA THR H 104 -29.07 14.05 31.50
C THR H 104 -28.97 13.42 30.12
N THR H 105 -30.07 13.33 29.38
CA THR H 105 -30.02 12.76 28.03
C THR H 105 -29.18 13.64 27.05
N THR H 106 -29.17 14.95 27.26
CA THR H 106 -28.33 15.84 26.47
C THR H 106 -26.83 15.58 26.75
N ALA H 107 -26.48 15.45 28.03
CA ALA H 107 -25.10 15.15 28.41
C ALA H 107 -24.62 13.86 27.77
N VAL H 108 -25.49 12.85 27.77
CA VAL H 108 -25.23 11.55 27.17
C VAL H 108 -25.06 11.70 25.66
N ALA H 109 -25.95 12.40 24.94
CA ALA H 109 -25.78 12.56 23.50
C ALA H 109 -24.50 13.30 23.18
N LEU H 110 -24.13 14.29 23.99
CA LEU H 110 -22.94 15.05 23.69
C LEU H 110 -21.69 14.17 23.77
N ALA H 111 -21.64 13.28 24.76
CA ALA H 111 -20.48 12.44 24.98
C ALA H 111 -20.40 11.34 23.93
N ASP H 112 -21.51 10.67 23.69
CA ASP H 112 -21.51 9.57 22.76
C ASP H 112 -21.55 9.96 21.28
N HIS H 113 -22.16 11.07 20.92
CA HIS H 113 -22.22 11.39 19.49
C HIS H 113 -21.39 12.54 19.03
N HIS H 114 -20.91 13.38 19.92
CA HIS H 114 -20.15 14.59 19.50
C HIS H 114 -18.81 14.68 20.18
N ASP H 115 -18.46 13.62 20.91
CA ASP H 115 -17.23 13.59 21.68
C ASP H 115 -17.04 14.77 22.64
N VAL H 116 -18.13 15.32 23.18
CA VAL H 116 -18.08 16.44 24.15
C VAL H 116 -18.43 15.86 25.52
N ASP H 117 -17.50 15.86 26.46
CA ASP H 117 -17.73 15.28 27.78
C ASP H 117 -17.92 16.40 28.77
N THR H 118 -19.16 16.80 29.00
CA THR H 118 -19.37 17.96 29.84
C THR H 118 -19.76 17.62 31.26
N PRO H 119 -19.19 18.36 32.23
CA PRO H 119 -19.72 18.22 33.57
C PRO H 119 -21.20 18.61 33.53
N TYR H 120 -22.01 18.00 34.38
N TYR H 120 -21.99 18.03 34.41
CA TYR H 120 -23.43 18.35 34.47
CA TYR H 120 -23.39 18.37 34.50
C TYR H 120 -23.81 18.52 35.94
C TYR H 120 -23.72 18.66 35.96
N CYS H 121 -24.86 19.28 36.18
CA CYS H 121 -25.32 19.59 37.54
C CYS H 121 -26.85 19.80 37.48
N PHE H 122 -27.55 19.49 38.57
CA PHE H 122 -28.94 19.93 38.70
C PHE H 122 -29.21 20.31 40.16
N ASN H 123 -30.32 21.03 40.36
CA ASN H 123 -30.68 21.51 41.69
C ASN H 123 -31.85 20.74 42.24
N ARG H 124 -31.96 20.77 43.57
CA ARG H 124 -33.09 20.19 44.32
C ARG H 124 -34.08 21.31 44.55
N LYS H 125 -35.35 21.07 44.27
CA LYS H 125 -36.39 22.10 44.45
C LYS H 125 -36.78 22.22 45.91
N ASN H 135 -29.55 23.86 46.36
CA ASN H 135 -28.82 22.64 46.70
C ASN H 135 -28.52 21.90 45.39
N LEU H 136 -27.28 21.41 45.25
CA LEU H 136 -26.79 20.91 43.98
C LEU H 136 -26.29 19.49 43.95
N VAL H 137 -26.62 18.81 42.86
CA VAL H 137 -26.20 17.45 42.59
C VAL H 137 -25.38 17.43 41.28
N GLY H 138 -24.23 16.77 41.33
CA GLY H 138 -23.36 16.61 40.17
C GLY H 138 -22.04 17.31 40.33
N SER H 139 -21.54 17.88 39.25
CA SER H 139 -20.26 18.59 39.29
C SER H 139 -20.43 19.94 39.95
N LYS H 140 -19.30 20.53 40.34
CA LYS H 140 -19.29 21.85 40.99
C LYS H 140 -19.72 22.89 39.99
N LEU H 141 -20.51 23.86 40.45
CA LEU H 141 -21.02 24.94 39.59
C LEU H 141 -19.98 26.04 39.34
N GLU H 142 -18.94 25.69 38.58
CA GLU H 142 -17.82 26.58 38.22
C GLU H 142 -17.94 27.10 36.80
N GLY H 143 -17.37 28.26 36.51
CA GLY H 143 -17.32 28.77 35.14
C GLY H 143 -18.66 29.10 34.48
N ARG H 144 -18.73 28.91 33.16
CA ARG H 144 -19.92 29.24 32.35
C ARG H 144 -20.95 28.11 32.30
N VAL H 145 -22.17 28.44 32.70
CA VAL H 145 -23.20 27.45 32.86
C VAL H 145 -24.30 27.57 31.79
N MET H 146 -24.53 26.49 31.06
CA MET H 146 -25.61 26.45 30.06
C MET H 146 -26.79 25.68 30.68
N LEU H 147 -27.96 26.32 30.75
CA LEU H 147 -29.17 25.67 31.26
C LEU H 147 -29.93 25.01 30.13
N VAL H 148 -30.53 23.84 30.40
CA VAL H 148 -31.39 23.20 29.39
C VAL H 148 -32.74 22.87 29.99
N ASP H 149 -33.82 23.27 29.30
CA ASP H 149 -35.16 22.88 29.75
C ASP H 149 -36.06 22.77 28.53
N ASP H 150 -37.35 22.52 28.75
CA ASP H 150 -38.27 22.32 27.64
C ASP H 150 -38.83 23.59 27.05
N VAL H 151 -39.37 24.45 27.92
CA VAL H 151 -39.93 25.72 27.50
C VAL H 151 -39.47 26.84 28.45
N ILE H 152 -39.39 28.04 27.90
CA ILE H 152 -38.94 29.18 28.64
C ILE H 152 -40.11 29.79 29.39
N THR H 153 -41.34 29.39 29.04
CA THR H 153 -42.54 29.85 29.73
C THR H 153 -42.72 29.17 31.08
N THR H 156 -41.13 29.65 36.79
CA THR H 156 -40.08 30.28 37.58
C THR H 156 -38.94 29.32 37.97
N ALA H 157 -39.09 28.03 37.68
CA ALA H 157 -38.03 27.06 37.97
C ALA H 157 -36.75 27.49 37.26
N ILE H 158 -36.87 28.04 36.07
CA ILE H 158 -35.69 28.48 35.38
C ILE H 158 -35.10 29.72 36.06
N ARG H 159 -35.95 30.61 36.56
CA ARG H 159 -35.48 31.81 37.21
C ARG H 159 -34.77 31.47 38.54
N GLU H 160 -35.35 30.54 39.32
CA GLU H 160 -34.68 30.05 40.54
C GLU H 160 -33.27 29.52 40.25
N SER H 161 -33.15 28.76 39.16
CA SER H 161 -31.90 28.15 38.77
C SER H 161 -30.87 29.18 38.42
N MET H 162 -31.27 30.13 37.60
CA MET H 162 -30.34 31.16 37.16
C MET H 162 -29.82 31.98 38.34
N GLU H 163 -30.70 32.15 39.33
CA GLU H 163 -30.41 32.88 40.55
C GLU H 163 -29.47 32.07 41.41
N LEU H 164 -29.72 30.77 41.45
CA LEU H 164 -28.92 29.87 42.26
C LEU H 164 -27.52 29.82 41.64
N ILE H 165 -27.46 29.94 40.32
CA ILE H 165 -26.19 29.96 39.60
C ILE H 165 -25.42 31.23 39.89
N GLN H 166 -26.13 32.36 39.91
CA GLN H 166 -25.51 33.65 40.25
C GLN H 166 -25.03 33.67 41.70
N ALA H 167 -25.87 33.23 42.63
CA ALA H 167 -25.46 33.20 44.03
C ALA H 167 -24.18 32.39 44.18
N ASN H 168 -24.05 31.32 43.40
CA ASN H 168 -22.86 30.48 43.47
C ASN H 168 -21.65 31.05 42.76
N LYS H 169 -21.76 32.27 42.22
CA LYS H 169 -20.60 32.91 41.61
C LYS H 169 -20.15 32.31 40.28
N ALA H 170 -21.04 31.62 39.58
CA ALA H 170 -20.71 31.10 38.27
C ALA H 170 -21.38 32.02 37.29
N ASP H 171 -20.98 31.93 36.02
CA ASP H 171 -21.54 32.74 34.95
C ASP H 171 -22.55 31.96 34.14
N LEU H 172 -23.57 32.67 33.65
CA LEU H 172 -24.61 32.09 32.82
C LEU H 172 -24.27 32.17 31.34
N ALA H 173 -24.06 31.02 30.73
CA ALA H 173 -23.74 30.98 29.31
C ALA H 173 -24.99 31.15 28.47
N GLY H 174 -26.10 30.62 28.96
CA GLY H 174 -27.33 30.63 28.16
C GLY H 174 -28.33 29.62 28.63
N VAL H 175 -29.46 29.62 27.98
CA VAL H 175 -30.57 28.70 28.28
C VAL H 175 -30.92 28.09 26.93
N LEU H 176 -31.02 26.76 26.88
CA LEU H 176 -31.39 26.05 25.68
C LEU H 176 -32.76 25.38 25.88
N VAL H 177 -33.72 25.79 25.06
CA VAL H 177 -35.08 25.23 25.10
C VAL H 177 -35.47 24.46 23.83
N ALA H 178 -36.52 23.64 23.94
CA ALA H 178 -36.96 22.84 22.77
C ALA H 178 -37.50 23.80 21.72
N ILE H 179 -38.25 24.80 22.15
CA ILE H 179 -38.86 25.69 21.20
C ILE H 179 -39.21 26.99 21.87
N ASP H 180 -39.12 28.08 21.11
CA ASP H 180 -39.56 29.41 21.58
C ASP H 180 -39.99 30.35 20.44
N ARG H 181 -40.46 31.53 20.82
CA ARG H 181 -40.88 32.53 19.86
C ARG H 181 -39.84 33.63 19.86
N GLN H 182 -39.10 33.76 18.76
CA GLN H 182 -38.07 34.80 18.64
C GLN H 182 -38.70 36.21 18.47
N ALA H 191 -40.70 36.98 26.70
CA ALA H 191 -40.18 35.96 27.61
C ALA H 191 -38.65 35.92 27.62
N ILE H 192 -38.04 35.73 26.45
CA ILE H 192 -36.59 35.58 26.41
C ILE H 192 -35.87 36.91 26.53
N GLN H 193 -36.44 38.00 26.01
CA GLN H 193 -35.74 39.28 26.10
C GLN H 193 -35.53 39.61 27.58
N GLU H 194 -36.50 39.30 28.43
CA GLU H 194 -36.35 39.61 29.84
C GLU H 194 -35.33 38.74 30.53
N VAL H 195 -35.32 37.44 30.19
CA VAL H 195 -34.32 36.54 30.74
C VAL H 195 -32.95 36.99 30.26
N GLU H 196 -32.88 37.38 28.99
CA GLU H 196 -31.64 37.84 28.38
C GLU H 196 -31.07 39.13 28.99
N ARG H 197 -31.93 40.12 29.23
CA ARG H 197 -31.49 41.39 29.83
C ARG H 197 -31.10 41.14 31.28
N ASP H 198 -32.00 40.51 32.02
CA ASP H 198 -31.75 40.23 33.45
C ASP H 198 -30.46 39.48 33.75
N PHE H 199 -30.23 38.37 33.05
CA PHE H 199 -29.12 37.49 33.37
C PHE H 199 -27.95 37.58 32.40
N GLY H 200 -28.11 38.37 31.34
CA GLY H 200 -27.00 38.66 30.41
C GLY H 200 -26.56 37.50 29.54
N CYS H 201 -27.46 36.55 29.31
CA CYS H 201 -27.09 35.38 28.51
C CYS H 201 -28.09 35.14 27.38
N ALA H 202 -27.74 34.25 26.47
CA ALA H 202 -28.58 33.96 25.31
C ALA H 202 -29.65 32.91 25.60
N VAL H 203 -30.79 33.07 24.93
CA VAL H 203 -31.81 32.04 24.95
C VAL H 203 -31.81 31.45 23.55
N ILE H 204 -31.59 30.14 23.44
CA ILE H 204 -31.58 29.43 22.17
C ILE H 204 -32.60 28.28 22.19
N SER H 205 -33.02 27.85 21.01
CA SER H 205 -34.04 26.80 20.92
C SER H 205 -33.72 25.82 19.82
N ILE H 206 -34.17 24.58 19.95
CA ILE H 206 -33.94 23.58 18.91
C ILE H 206 -34.67 24.10 17.69
N VAL H 207 -35.89 24.58 17.89
CA VAL H 207 -36.66 25.17 16.79
C VAL H 207 -37.33 26.43 17.25
N SER H 208 -37.79 27.22 16.28
CA SER H 208 -38.57 28.43 16.57
C SER H 208 -40.02 28.26 16.09
N LEU H 209 -40.88 29.13 16.59
CA LEU H 209 -42.28 29.12 16.18
C LEU H 209 -42.30 29.20 14.66
N THR H 210 -41.51 30.09 14.09
CA THR H 210 -41.41 30.25 12.64
C THR H 210 -41.01 28.94 11.92
N ASP H 211 -40.23 28.09 12.57
CA ASP H 211 -39.92 26.79 11.96
C ASP H 211 -41.17 25.93 11.96
N LEU H 212 -41.98 26.04 13.02
CA LEU H 212 -43.17 25.24 13.08
C LEU H 212 -44.11 25.68 11.95
N ILE H 213 -44.19 26.98 11.68
CA ILE H 213 -45.06 27.48 10.59
C ILE H 213 -44.59 26.88 9.27
N THR H 214 -43.30 26.96 9.03
CA THR H 214 -42.72 26.38 7.84
C THR H 214 -43.03 24.90 7.72
N TYR H 215 -42.80 24.17 8.80
CA TYR H 215 -43.12 22.77 8.77
C TYR H 215 -44.54 22.58 8.29
N LEU H 216 -45.47 23.34 8.85
CA LEU H 216 -46.91 23.21 8.49
C LEU H 216 -47.24 23.70 7.08
N GLU H 217 -46.52 24.69 6.57
CA GLU H 217 -46.78 25.12 5.20
C GLU H 217 -46.30 24.00 4.29
N GLN H 218 -45.17 23.37 4.65
CA GLN H 218 -44.58 22.29 3.84
C GLN H 218 -44.97 20.88 4.31
CL CL I . 25.93 -31.87 -22.65
CL CL J . -41.04 20.66 36.30
CL CL K . -40.20 32.63 16.13
#